data_2N84
#
_entry.id   2N84
#
_entity_poly.entity_id   1
_entity_poly.type   'polypeptide(L)'
_entity_poly.pdbx_seq_one_letter_code
;GPMVTSTGLLSRVAAVEKAAEIAKPPPPKVVELTEAAKQLPQHIIGVTDPTKLNAQVSYFQCPPWAALPSVACHLQCTRD
GLPLPALGLHRFPFYLFGRSKVCDYVLEHPSISSVHAVLVFHGGQRCFVLMDLGSTNGVKLNGNRIEKRRPLPAPVGSSI
QFGFSSRVYKVQLGPPSSS
;
_entity_poly.pdbx_strand_id   A
#
# COMPACT_ATOMS: atom_id res chain seq x y z
N GLY A 1 -18.89 39.44 40.43
CA GLY A 1 -19.54 39.02 39.20
C GLY A 1 -19.90 37.55 39.20
N PRO A 2 -20.34 37.05 38.04
CA PRO A 2 -20.73 35.64 37.90
C PRO A 2 -19.53 34.70 37.97
N MET A 3 -18.35 35.22 37.68
CA MET A 3 -17.13 34.42 37.72
C MET A 3 -17.28 33.16 36.87
N VAL A 4 -17.65 33.36 35.61
CA VAL A 4 -17.83 32.24 34.68
C VAL A 4 -16.86 32.34 33.51
N THR A 5 -16.00 31.32 33.37
CA THR A 5 -15.02 31.30 32.31
C THR A 5 -15.04 29.96 31.57
N SER A 6 -15.39 29.99 30.30
CA SER A 6 -15.45 28.78 29.49
C SER A 6 -14.05 28.26 29.19
N THR A 7 -13.93 26.93 29.08
CA THR A 7 -12.65 26.31 28.80
C THR A 7 -12.49 26.00 27.31
N GLY A 8 -13.61 25.97 26.61
CA GLY A 8 -13.59 25.70 25.18
C GLY A 8 -13.40 24.23 24.88
N LEU A 9 -13.71 23.38 25.85
CA LEU A 9 -13.58 21.93 25.69
C LEU A 9 -14.83 21.34 25.04
N LEU A 10 -14.63 20.37 24.17
CA LEU A 10 -15.74 19.72 23.49
C LEU A 10 -16.44 18.72 24.41
N SER A 11 -17.72 18.47 24.15
CA SER A 11 -18.49 17.54 24.96
C SER A 11 -18.00 16.11 24.79
N ARG A 12 -18.64 15.18 25.46
CA ARG A 12 -18.26 13.77 25.38
C ARG A 12 -19.32 12.96 24.62
N VAL A 13 -18.88 11.92 23.94
CA VAL A 13 -19.78 11.07 23.17
C VAL A 13 -19.86 9.67 23.77
N ALA A 14 -21.04 9.06 23.69
CA ALA A 14 -21.27 7.73 24.22
C ALA A 14 -20.28 6.73 23.62
N ALA A 15 -20.11 5.60 24.29
CA ALA A 15 -19.20 4.56 23.82
C ALA A 15 -19.94 3.53 22.97
N VAL A 16 -19.19 2.79 22.15
CA VAL A 16 -19.77 1.77 21.29
C VAL A 16 -19.22 0.40 21.61
N GLU A 17 -20.09 -0.49 22.11
CA GLU A 17 -19.69 -1.84 22.46
C GLU A 17 -18.98 -2.52 21.30
N LYS A 18 -17.66 -2.68 21.43
CA LYS A 18 -16.87 -3.31 20.38
C LYS A 18 -16.05 -4.47 20.95
N ALA A 19 -15.57 -5.34 20.07
CA ALA A 19 -14.77 -6.49 20.48
C ALA A 19 -13.65 -6.75 19.49
N ALA A 20 -12.77 -7.69 19.84
CA ALA A 20 -11.64 -8.04 18.98
C ALA A 20 -11.50 -9.56 18.84
N GLU A 21 -10.98 -9.99 17.71
CA GLU A 21 -10.80 -11.42 17.45
C GLU A 21 -9.33 -11.82 17.62
N ILE A 22 -9.08 -12.71 18.57
CA ILE A 22 -7.73 -13.17 18.83
C ILE A 22 -7.47 -14.53 18.18
N ALA A 23 -6.69 -14.52 17.11
CA ALA A 23 -6.37 -15.76 16.39
C ALA A 23 -5.28 -16.54 17.11
N LYS A 24 -5.16 -17.83 16.78
CA LYS A 24 -4.17 -18.69 17.40
C LYS A 24 -3.56 -19.63 16.37
N PRO A 25 -2.51 -19.16 15.69
CA PRO A 25 -1.80 -19.95 14.67
C PRO A 25 -1.02 -21.11 15.27
N PRO A 26 -0.56 -22.02 14.40
CA PRO A 26 0.22 -23.20 14.83
C PRO A 26 1.61 -22.83 15.32
N PRO A 27 2.29 -23.78 15.96
CA PRO A 27 3.63 -23.58 16.50
C PRO A 27 4.68 -23.44 15.39
N PRO A 28 5.88 -23.00 15.78
CA PRO A 28 6.99 -22.80 14.83
C PRO A 28 7.53 -24.13 14.31
N LYS A 29 8.46 -24.06 13.35
CA LYS A 29 9.06 -25.25 12.77
C LYS A 29 10.58 -25.21 12.90
N VAL A 30 11.17 -26.38 13.09
CA VAL A 30 12.62 -26.49 13.23
C VAL A 30 13.34 -25.78 12.09
N VAL A 31 14.62 -25.49 12.29
CA VAL A 31 15.42 -24.82 11.28
C VAL A 31 16.01 -25.82 10.29
N GLU A 32 15.62 -25.70 9.01
CA GLU A 32 16.11 -26.60 7.98
C GLU A 32 16.14 -25.89 6.62
N LEU A 33 16.88 -26.47 5.68
CA LEU A 33 16.99 -25.90 4.34
C LEU A 33 15.67 -25.99 3.59
N THR A 34 14.95 -24.87 3.54
CA THR A 34 13.66 -24.82 2.85
C THR A 34 13.65 -23.72 1.79
N GLU A 35 12.56 -23.65 1.04
CA GLU A 35 12.41 -22.64 -0.01
C GLU A 35 12.66 -21.24 0.55
N ALA A 36 12.13 -20.99 1.74
CA ALA A 36 12.29 -19.69 2.38
C ALA A 36 13.76 -19.29 2.47
N ALA A 37 14.63 -20.30 2.51
CA ALA A 37 16.06 -20.05 2.60
C ALA A 37 16.58 -19.32 1.36
N LYS A 38 15.98 -19.64 0.21
CA LYS A 38 16.38 -19.01 -1.05
C LYS A 38 15.60 -17.71 -1.27
N GLN A 39 14.36 -17.68 -0.79
CA GLN A 39 13.52 -16.50 -0.94
C GLN A 39 13.32 -15.80 0.40
N LEU A 40 14.38 -15.73 1.19
CA LEU A 40 14.32 -15.09 2.50
C LEU A 40 13.66 -13.72 2.40
N PRO A 41 13.06 -13.26 3.51
CA PRO A 41 12.38 -11.96 3.57
C PRO A 41 13.37 -10.80 3.51
N GLN A 42 12.83 -9.59 3.51
CA GLN A 42 13.66 -8.39 3.47
C GLN A 42 14.57 -8.30 4.68
N HIS A 43 15.49 -7.35 4.66
CA HIS A 43 16.43 -7.15 5.77
C HIS A 43 15.68 -6.82 7.06
N ILE A 44 14.72 -5.91 6.95
CA ILE A 44 13.93 -5.50 8.11
C ILE A 44 12.92 -6.57 8.51
N ILE A 45 12.37 -7.24 7.49
CA ILE A 45 11.39 -8.30 7.74
C ILE A 45 12.05 -9.53 8.35
N GLY A 46 13.30 -9.75 8.01
CA GLY A 46 14.04 -10.89 8.53
C GLY A 46 14.29 -10.77 10.03
N VAL A 47 14.04 -9.60 10.58
CA VAL A 47 14.24 -9.35 12.00
C VAL A 47 12.93 -9.35 12.76
N THR A 48 11.85 -9.04 12.05
CA THR A 48 10.52 -9.01 12.66
C THR A 48 10.24 -10.27 13.45
N ASP A 49 9.36 -10.15 14.45
CA ASP A 49 9.01 -11.30 15.29
C ASP A 49 8.25 -12.34 14.48
N PRO A 50 8.21 -13.58 15.00
CA PRO A 50 7.52 -14.70 14.34
C PRO A 50 6.01 -14.54 14.37
N THR A 51 5.50 -13.99 15.47
CA THR A 51 4.06 -13.78 15.62
C THR A 51 3.63 -12.44 15.04
N LYS A 52 4.58 -11.50 14.97
CA LYS A 52 4.30 -10.17 14.42
C LYS A 52 4.25 -10.21 12.90
N LEU A 53 5.32 -10.70 12.29
CA LEU A 53 5.40 -10.79 10.83
C LEU A 53 4.33 -11.72 10.28
N ASN A 54 3.93 -12.70 11.09
CA ASN A 54 2.91 -13.66 10.69
C ASN A 54 1.51 -13.06 10.82
N ALA A 55 1.36 -12.13 11.77
CA ALA A 55 0.08 -11.48 12.00
C ALA A 55 -0.22 -10.47 10.89
N GLN A 56 0.81 -10.07 10.16
CA GLN A 56 0.66 -9.10 9.08
C GLN A 56 0.45 -9.81 7.75
N VAL A 57 0.74 -11.11 7.72
CA VAL A 57 0.59 -11.90 6.51
C VAL A 57 -0.84 -12.43 6.38
N SER A 58 -1.58 -12.41 7.48
CA SER A 58 -2.96 -12.88 7.48
C SER A 58 -3.89 -11.85 6.85
N TYR A 59 -3.36 -10.67 6.57
CA TYR A 59 -4.14 -9.59 5.98
C TYR A 59 -3.64 -9.28 4.57
N PHE A 60 -2.33 -9.06 4.44
CA PHE A 60 -1.73 -8.74 3.15
C PHE A 60 -0.27 -9.13 3.13
N GLN A 61 0.23 -9.52 1.95
CA GLN A 61 1.62 -9.92 1.81
C GLN A 61 2.40 -8.89 0.99
N CYS A 62 3.70 -8.80 1.24
CA CYS A 62 4.55 -7.86 0.53
C CYS A 62 5.07 -8.47 -0.78
N PRO A 63 4.60 -7.91 -1.90
CA PRO A 63 5.00 -8.38 -3.24
C PRO A 63 6.45 -8.05 -3.56
N PRO A 64 6.96 -8.63 -4.66
CA PRO A 64 8.35 -8.40 -5.10
C PRO A 64 8.56 -6.99 -5.62
N TRP A 65 7.60 -6.49 -6.39
CA TRP A 65 7.69 -5.15 -6.94
C TRP A 65 7.51 -4.09 -5.86
N ALA A 66 7.14 -4.53 -4.66
CA ALA A 66 6.95 -3.63 -3.54
C ALA A 66 8.27 -3.05 -3.06
N ALA A 67 8.24 -1.78 -2.65
CA ALA A 67 9.44 -1.11 -2.16
C ALA A 67 10.45 -0.92 -3.28
N LEU A 68 10.00 -0.42 -4.42
CA LEU A 68 10.87 -0.19 -5.57
C LEU A 68 10.44 1.04 -6.35
N PRO A 69 10.55 2.21 -5.72
CA PRO A 69 10.18 3.49 -6.34
C PRO A 69 11.13 3.89 -7.46
N SER A 70 10.63 4.67 -8.41
CA SER A 70 11.44 5.12 -9.54
C SER A 70 11.30 6.63 -9.74
N VAL A 71 10.58 7.28 -8.83
CA VAL A 71 10.37 8.72 -8.89
C VAL A 71 10.50 9.36 -7.52
N ALA A 72 10.91 10.63 -7.50
CA ALA A 72 11.07 11.36 -6.25
C ALA A 72 9.79 12.08 -5.87
N CYS A 73 9.24 11.73 -4.70
CA CYS A 73 8.00 12.34 -4.22
C CYS A 73 7.96 12.35 -2.70
N HIS A 74 6.91 12.94 -2.15
CA HIS A 74 6.75 13.02 -0.70
C HIS A 74 5.28 12.88 -0.31
N LEU A 75 5.03 12.70 0.99
CA LEU A 75 3.67 12.56 1.50
C LEU A 75 3.35 13.63 2.51
N GLN A 76 2.17 14.22 2.40
CA GLN A 76 1.73 15.27 3.32
C GLN A 76 0.58 14.79 4.19
N CYS A 77 0.66 15.09 5.48
CA CYS A 77 -0.37 14.68 6.43
C CYS A 77 -0.93 15.89 7.18
N THR A 78 -2.25 15.93 7.33
CA THR A 78 -2.90 17.04 8.03
C THR A 78 -3.35 16.62 9.42
N ARG A 79 -3.37 17.58 10.34
CA ARG A 79 -3.78 17.31 11.72
C ARG A 79 -4.37 18.55 12.36
N ASP A 80 -5.65 18.47 12.70
CA ASP A 80 -6.35 19.60 13.32
C ASP A 80 -6.20 20.86 12.49
N GLY A 81 -6.24 20.70 11.16
CA GLY A 81 -6.10 21.84 10.28
C GLY A 81 -4.69 22.38 10.24
N LEU A 82 -3.74 21.57 10.68
CA LEU A 82 -2.33 21.98 10.69
C LEU A 82 -1.54 21.24 9.63
N PRO A 83 -1.15 21.97 8.57
CA PRO A 83 -0.37 21.39 7.45
C PRO A 83 1.05 21.05 7.88
N LEU A 84 1.26 19.80 8.29
CA LEU A 84 2.57 19.33 8.70
C LEU A 84 3.52 19.21 7.52
N PRO A 85 4.82 19.22 7.79
CA PRO A 85 5.85 19.11 6.76
C PRO A 85 5.89 17.72 6.13
N ALA A 86 5.63 17.66 4.83
CA ALA A 86 5.64 16.40 4.11
C ALA A 86 7.04 15.79 4.07
N LEU A 87 7.10 14.46 4.09
CA LEU A 87 8.38 13.76 4.07
C LEU A 87 8.26 12.43 3.34
N GLY A 88 9.27 12.10 2.54
CA GLY A 88 9.25 10.85 1.80
C GLY A 88 9.17 9.64 2.71
N LEU A 89 8.01 8.99 2.72
CA LEU A 89 7.80 7.81 3.55
C LEU A 89 8.40 6.57 2.89
N HIS A 90 9.73 6.51 2.86
CA HIS A 90 10.42 5.37 2.26
C HIS A 90 11.14 4.54 3.33
N ARG A 91 10.91 4.89 4.60
CA ARG A 91 11.53 4.19 5.70
C ARG A 91 10.96 2.77 5.84
N PHE A 92 9.78 2.56 5.26
CA PHE A 92 9.14 1.26 5.32
C PHE A 92 8.56 0.88 3.96
N PRO A 93 8.38 -0.43 3.74
CA PRO A 93 7.84 -0.95 2.48
C PRO A 93 6.36 -0.63 2.32
N PHE A 94 5.66 -0.49 3.43
CA PHE A 94 4.24 -0.18 3.41
C PHE A 94 3.78 0.42 4.75
N TYR A 95 2.51 0.78 4.82
CA TYR A 95 1.96 1.37 6.04
C TYR A 95 0.51 0.94 6.24
N LEU A 96 0.23 0.35 7.39
CA LEU A 96 -1.12 -0.11 7.71
C LEU A 96 -1.88 0.94 8.51
N PHE A 97 -3.20 0.98 8.33
CA PHE A 97 -4.04 1.94 9.03
C PHE A 97 -5.23 1.25 9.67
N GLY A 98 -5.18 1.09 10.99
CA GLY A 98 -6.26 0.43 11.71
C GLY A 98 -6.07 0.48 13.21
N ARG A 99 -6.72 -0.44 13.91
CA ARG A 99 -6.62 -0.50 15.36
C ARG A 99 -5.69 -1.63 15.80
N SER A 100 -5.40 -2.54 14.88
CA SER A 100 -4.53 -3.68 15.17
C SER A 100 -3.15 -3.20 15.59
N LYS A 101 -2.59 -3.85 16.61
CA LYS A 101 -1.27 -3.49 17.12
C LYS A 101 -0.19 -3.74 16.06
N VAL A 102 -0.54 -4.53 15.05
CA VAL A 102 0.39 -4.83 13.98
C VAL A 102 0.45 -3.72 12.95
N CYS A 103 -0.63 -2.95 12.86
CA CYS A 103 -0.70 -1.84 11.92
C CYS A 103 0.40 -0.83 12.18
N ASP A 104 0.73 -0.04 11.16
CA ASP A 104 1.78 0.97 11.29
C ASP A 104 1.24 2.25 11.94
N TYR A 105 -0.08 2.36 11.98
CA TYR A 105 -0.73 3.52 12.58
C TYR A 105 -1.96 3.12 13.37
N VAL A 106 -1.86 3.20 14.70
CA VAL A 106 -2.96 2.85 15.58
C VAL A 106 -3.70 4.09 16.06
N LEU A 107 -4.91 4.30 15.55
CA LEU A 107 -5.72 5.45 15.94
C LEU A 107 -6.92 5.01 16.76
N GLU A 108 -7.84 5.94 16.98
CA GLU A 108 -9.04 5.65 17.76
C GLU A 108 -10.28 6.28 17.10
N HIS A 109 -11.11 5.42 16.50
CA HIS A 109 -12.32 5.89 15.84
C HIS A 109 -13.32 4.74 15.68
N PRO A 110 -14.62 5.07 15.75
CA PRO A 110 -15.70 4.09 15.60
C PRO A 110 -15.81 3.54 14.18
N SER A 111 -15.15 4.22 13.24
CA SER A 111 -15.17 3.81 11.85
C SER A 111 -13.92 3.03 11.48
N ILE A 112 -12.82 3.33 12.16
CA ILE A 112 -11.56 2.65 11.91
C ILE A 112 -11.55 1.26 12.53
N SER A 113 -11.35 0.24 11.70
CA SER A 113 -11.32 -1.13 12.17
C SER A 113 -9.89 -1.61 12.37
N SER A 114 -9.75 -2.79 12.98
CA SER A 114 -8.42 -3.36 13.23
C SER A 114 -7.53 -3.24 12.00
N VAL A 115 -8.15 -3.36 10.83
CA VAL A 115 -7.41 -3.28 9.57
C VAL A 115 -8.25 -2.62 8.49
N HIS A 116 -8.28 -1.28 8.50
CA HIS A 116 -9.05 -0.54 7.51
C HIS A 116 -8.47 -0.72 6.12
N ALA A 117 -7.22 -0.32 5.93
CA ALA A 117 -6.55 -0.45 4.64
C ALA A 117 -5.05 -0.30 4.79
N VAL A 118 -4.31 -0.71 3.76
CA VAL A 118 -2.86 -0.62 3.77
C VAL A 118 -2.31 -0.26 2.40
N LEU A 119 -1.30 0.60 2.38
CA LEU A 119 -0.69 1.03 1.12
C LEU A 119 0.73 0.50 1.00
N VAL A 120 1.15 0.22 -0.23
CA VAL A 120 2.49 -0.29 -0.49
C VAL A 120 3.11 0.37 -1.71
N PHE A 121 4.36 0.81 -1.57
CA PHE A 121 5.06 1.47 -2.66
C PHE A 121 5.10 0.58 -3.90
N HIS A 122 4.19 0.85 -4.84
CA HIS A 122 4.11 0.07 -6.07
C HIS A 122 5.26 0.43 -7.01
N GLY A 123 6.26 -0.45 -7.09
CA GLY A 123 7.40 -0.21 -7.95
C GLY A 123 7.08 -0.45 -9.41
N GLY A 124 5.85 -0.88 -9.68
CA GLY A 124 5.44 -1.13 -11.05
C GLY A 124 4.78 0.06 -11.71
N GLN A 125 3.97 0.77 -10.93
CA GLN A 125 3.27 1.95 -11.44
C GLN A 125 3.81 3.22 -10.79
N ARG A 126 4.86 3.08 -9.99
CA ARG A 126 5.47 4.21 -9.31
C ARG A 126 4.42 5.02 -8.56
N CYS A 127 3.71 4.35 -7.64
CA CYS A 127 2.68 5.00 -6.85
C CYS A 127 2.15 4.06 -5.78
N PHE A 128 1.96 4.60 -4.57
CA PHE A 128 1.46 3.81 -3.45
C PHE A 128 0.11 3.17 -3.80
N VAL A 129 0.01 1.86 -3.58
CA VAL A 129 -1.22 1.13 -3.86
C VAL A 129 -1.93 0.75 -2.58
N LEU A 130 -3.06 1.42 -2.31
CA LEU A 130 -3.84 1.15 -1.11
C LEU A 130 -5.07 0.32 -1.44
N MET A 131 -5.32 -0.71 -0.64
CA MET A 131 -6.48 -1.58 -0.85
C MET A 131 -7.27 -1.75 0.44
N ASP A 132 -8.59 -1.63 0.33
CA ASP A 132 -9.47 -1.76 1.48
C ASP A 132 -9.82 -3.22 1.74
N LEU A 133 -9.70 -3.64 2.99
CA LEU A 133 -10.00 -5.03 3.37
C LEU A 133 -11.51 -5.26 3.40
N GLY A 134 -12.27 -4.19 3.28
CA GLY A 134 -13.72 -4.30 3.29
C GLY A 134 -14.32 -3.75 4.56
N SER A 135 -13.96 -2.51 4.92
CA SER A 135 -14.47 -1.87 6.11
C SER A 135 -15.96 -1.58 5.98
N THR A 136 -16.57 -1.09 7.07
CA THR A 136 -17.98 -0.77 7.07
C THR A 136 -18.25 0.55 6.38
N ASN A 137 -17.85 1.64 7.02
CA ASN A 137 -18.05 2.98 6.46
C ASN A 137 -17.57 3.04 5.02
N GLY A 138 -16.28 2.83 4.81
CA GLY A 138 -15.73 2.86 3.47
C GLY A 138 -14.53 3.78 3.36
N VAL A 139 -13.52 3.35 2.62
CA VAL A 139 -12.30 4.14 2.43
C VAL A 139 -12.45 5.08 1.24
N LYS A 140 -11.80 6.24 1.34
CA LYS A 140 -11.86 7.23 0.27
C LYS A 140 -10.60 7.16 -0.60
N LEU A 141 -10.75 7.50 -1.88
CA LEU A 141 -9.63 7.47 -2.82
C LEU A 141 -9.57 8.76 -3.63
N ASN A 142 -8.45 9.47 -3.54
CA ASN A 142 -8.27 10.70 -4.28
C ASN A 142 -9.30 11.75 -3.84
N GLY A 143 -9.82 11.58 -2.64
CA GLY A 143 -10.81 12.52 -2.12
C GLY A 143 -12.22 12.16 -2.54
N ASN A 144 -12.42 10.90 -2.92
CA ASN A 144 -13.73 10.44 -3.35
C ASN A 144 -13.97 9.00 -2.90
N ARG A 145 -15.11 8.77 -2.26
CA ARG A 145 -15.45 7.43 -1.78
C ARG A 145 -15.55 6.45 -2.94
N ILE A 146 -14.99 5.26 -2.74
CA ILE A 146 -15.02 4.22 -3.78
C ILE A 146 -15.23 2.85 -3.17
N GLU A 147 -15.30 1.83 -4.02
CA GLU A 147 -15.50 0.46 -3.57
C GLU A 147 -14.36 0.01 -2.66
N LYS A 148 -14.32 -1.29 -2.35
CA LYS A 148 -13.28 -1.84 -1.50
C LYS A 148 -12.60 -3.02 -2.18
N ARG A 149 -11.74 -3.71 -1.44
CA ARG A 149 -11.02 -4.86 -1.97
C ARG A 149 -10.56 -4.61 -3.40
N ARG A 150 -10.11 -3.38 -3.66
CA ARG A 150 -9.65 -3.01 -4.99
C ARG A 150 -8.41 -2.12 -4.91
N PRO A 151 -7.60 -2.14 -5.98
CA PRO A 151 -6.36 -1.35 -6.05
C PRO A 151 -6.63 0.14 -6.15
N LEU A 152 -6.30 0.87 -5.10
CA LEU A 152 -6.50 2.32 -5.07
C LEU A 152 -5.17 3.07 -5.14
N PRO A 153 -4.65 3.24 -6.36
CA PRO A 153 -3.38 3.94 -6.58
C PRO A 153 -3.48 5.43 -6.29
N ALA A 154 -2.69 5.91 -5.34
CA ALA A 154 -2.68 7.32 -4.99
C ALA A 154 -1.33 7.96 -5.28
N PRO A 155 -1.11 8.30 -6.57
CA PRO A 155 0.14 8.91 -7.02
C PRO A 155 0.28 10.36 -6.53
N VAL A 156 1.32 11.04 -7.00
CA VAL A 156 1.57 12.42 -6.60
C VAL A 156 0.44 13.34 -7.08
N GLY A 157 0.12 14.33 -6.27
CA GLY A 157 -0.94 15.26 -6.62
C GLY A 157 -2.30 14.78 -6.20
N SER A 158 -2.38 13.52 -5.78
CA SER A 158 -3.65 12.94 -5.35
C SER A 158 -3.79 13.01 -3.83
N SER A 159 -4.86 12.42 -3.31
CA SER A 159 -5.13 12.42 -1.88
C SER A 159 -5.63 11.06 -1.42
N ILE A 160 -5.64 10.85 -0.10
CA ILE A 160 -6.11 9.59 0.46
C ILE A 160 -6.88 9.83 1.76
N GLN A 161 -7.87 8.98 2.01
CA GLN A 161 -8.68 9.09 3.21
C GLN A 161 -9.22 7.73 3.63
N PHE A 162 -9.40 7.55 4.94
CA PHE A 162 -9.92 6.30 5.48
C PHE A 162 -10.70 6.53 6.76
N GLY A 163 -11.87 5.90 6.86
CA GLY A 163 -12.70 6.05 8.05
C GLY A 163 -13.19 7.48 8.23
N PHE A 164 -13.55 7.82 9.45
CA PHE A 164 -14.05 9.16 9.76
C PHE A 164 -12.92 10.04 10.32
N SER A 165 -11.68 9.58 10.15
CA SER A 165 -10.53 10.31 10.65
C SER A 165 -10.39 11.66 9.93
N SER A 166 -9.71 12.60 10.57
CA SER A 166 -9.51 13.92 10.00
C SER A 166 -8.21 13.97 9.21
N ARG A 167 -7.24 13.17 9.60
CA ARG A 167 -5.95 13.12 8.93
C ARG A 167 -6.12 12.78 7.45
N VAL A 168 -5.41 13.50 6.60
CA VAL A 168 -5.48 13.27 5.16
C VAL A 168 -4.09 13.15 4.55
N TYR A 169 -3.89 12.12 3.74
CA TYR A 169 -2.61 11.88 3.09
C TYR A 169 -2.59 12.46 1.67
N LYS A 170 -1.94 13.60 1.51
CA LYS A 170 -1.86 14.25 0.21
C LYS A 170 -0.48 14.05 -0.40
N VAL A 171 -0.42 13.26 -1.47
CA VAL A 171 0.85 12.99 -2.15
C VAL A 171 1.21 14.13 -3.10
N GLN A 172 2.51 14.30 -3.34
CA GLN A 172 2.99 15.35 -4.24
C GLN A 172 4.41 15.04 -4.72
N LEU A 173 4.73 15.51 -5.92
CA LEU A 173 6.05 15.29 -6.49
C LEU A 173 7.03 16.35 -6.01
N GLY A 174 8.24 15.91 -5.66
CA GLY A 174 9.25 16.83 -5.19
C GLY A 174 10.38 17.01 -6.18
N PRO A 175 11.34 17.89 -5.83
CA PRO A 175 12.51 18.16 -6.68
C PRO A 175 13.47 16.97 -6.76
N PRO A 176 14.42 17.04 -7.70
CA PRO A 176 15.42 15.98 -7.89
C PRO A 176 16.43 15.93 -6.74
N SER A 177 16.34 14.87 -5.94
CA SER A 177 17.25 14.70 -4.80
C SER A 177 18.65 14.34 -5.28
N SER A 178 18.73 13.54 -6.33
CA SER A 178 20.02 13.13 -6.89
C SER A 178 20.47 14.08 -7.99
N SER A 179 21.70 14.56 -7.88
CA SER A 179 22.26 15.48 -8.86
C SER A 179 23.04 14.73 -9.93
N GLY A 1 -17.46 -78.79 -30.72
CA GLY A 1 -16.54 -77.75 -30.32
C GLY A 1 -15.14 -78.27 -30.05
N PRO A 2 -14.43 -78.68 -31.12
CA PRO A 2 -13.09 -79.21 -31.02
C PRO A 2 -12.06 -78.14 -30.63
N MET A 3 -10.91 -78.59 -30.13
CA MET A 3 -9.86 -77.66 -29.72
C MET A 3 -8.67 -77.75 -30.66
N VAL A 4 -8.12 -76.59 -31.03
CA VAL A 4 -6.98 -76.53 -31.94
C VAL A 4 -5.78 -75.88 -31.26
N THR A 5 -4.58 -76.32 -31.65
CA THR A 5 -3.35 -75.79 -31.08
C THR A 5 -2.83 -74.61 -31.90
N SER A 6 -2.06 -73.74 -31.26
CA SER A 6 -1.50 -72.57 -31.93
C SER A 6 -0.36 -72.97 -32.86
N THR A 7 -0.09 -72.13 -33.85
CA THR A 7 0.98 -72.40 -34.81
C THR A 7 2.33 -71.95 -34.27
N GLY A 8 2.31 -71.08 -33.26
CA GLY A 8 3.54 -70.59 -32.67
C GLY A 8 4.21 -69.53 -33.53
N LEU A 9 3.44 -68.91 -34.41
CA LEU A 9 3.98 -67.88 -35.30
C LEU A 9 4.12 -66.56 -34.55
N LEU A 10 5.37 -66.14 -34.35
CA LEU A 10 5.66 -64.89 -33.65
C LEU A 10 6.78 -64.12 -34.36
N SER A 11 6.58 -62.82 -34.49
CA SER A 11 7.58 -61.96 -35.14
C SER A 11 8.50 -61.31 -34.12
N ARG A 12 9.69 -60.93 -34.55
CA ARG A 12 10.67 -60.30 -33.67
C ARG A 12 11.17 -58.99 -34.28
N VAL A 13 11.02 -57.91 -33.52
CA VAL A 13 11.46 -56.59 -33.98
C VAL A 13 12.24 -55.86 -32.88
N ALA A 14 13.30 -55.18 -33.27
CA ALA A 14 14.13 -54.44 -32.32
C ALA A 14 14.91 -53.33 -33.02
N ALA A 15 14.62 -52.08 -32.64
CA ALA A 15 15.29 -50.93 -33.23
C ALA A 15 16.23 -50.28 -32.24
N VAL A 16 17.30 -49.69 -32.75
CA VAL A 16 18.30 -49.03 -31.90
C VAL A 16 18.34 -47.52 -32.18
N GLU A 17 17.53 -46.76 -31.44
CA GLU A 17 17.48 -45.32 -31.61
C GLU A 17 17.34 -44.63 -30.26
N LYS A 18 18.13 -43.58 -30.06
CA LYS A 18 18.10 -42.82 -28.82
C LYS A 18 17.85 -41.34 -29.08
N ALA A 19 17.44 -40.62 -28.05
CA ALA A 19 17.17 -39.19 -28.17
C ALA A 19 17.49 -38.45 -26.87
N ALA A 20 17.52 -37.13 -26.94
CA ALA A 20 17.81 -36.31 -25.78
C ALA A 20 17.20 -34.92 -25.91
N GLU A 21 16.47 -34.50 -24.89
CA GLU A 21 15.82 -33.19 -24.89
C GLU A 21 16.35 -32.32 -23.76
N ILE A 22 16.99 -31.22 -24.13
CA ILE A 22 17.55 -30.30 -23.15
C ILE A 22 16.49 -29.32 -22.66
N ALA A 23 16.35 -29.22 -21.33
CA ALA A 23 15.38 -28.32 -20.73
C ALA A 23 16.06 -27.33 -19.79
N LYS A 24 15.27 -26.46 -19.18
CA LYS A 24 15.79 -25.46 -18.26
C LYS A 24 14.99 -25.44 -16.97
N PRO A 25 15.38 -26.30 -16.01
CA PRO A 25 14.71 -26.40 -14.71
C PRO A 25 14.96 -25.17 -13.83
N PRO A 26 14.20 -25.06 -12.74
CA PRO A 26 14.31 -23.94 -11.81
C PRO A 26 15.61 -23.98 -11.00
N PRO A 27 15.92 -22.88 -10.32
CA PRO A 27 17.14 -22.77 -9.50
C PRO A 27 17.08 -23.65 -8.25
N PRO A 28 18.23 -23.82 -7.60
CA PRO A 28 18.33 -24.63 -6.38
C PRO A 28 17.64 -24.00 -5.19
N LYS A 29 17.64 -24.70 -4.06
CA LYS A 29 17.00 -24.21 -2.85
C LYS A 29 17.76 -23.01 -2.28
N VAL A 30 17.07 -21.87 -2.17
CA VAL A 30 17.69 -20.65 -1.65
C VAL A 30 18.27 -20.90 -0.26
N VAL A 31 19.03 -19.92 0.24
CA VAL A 31 19.64 -20.03 1.55
C VAL A 31 18.87 -19.22 2.59
N GLU A 32 18.94 -19.66 3.84
CA GLU A 32 18.25 -18.97 4.93
C GLU A 32 19.22 -18.22 5.82
N LEU A 33 18.69 -17.37 6.69
CA LEU A 33 19.53 -16.60 7.60
C LEU A 33 20.50 -17.50 8.37
N THR A 34 21.74 -17.08 8.46
CA THR A 34 22.77 -17.85 9.16
C THR A 34 22.87 -17.42 10.63
N GLU A 35 23.60 -18.20 11.41
CA GLU A 35 23.77 -17.91 12.83
C GLU A 35 24.47 -16.56 13.02
N ALA A 36 25.48 -16.29 12.19
CA ALA A 36 26.21 -15.04 12.27
C ALA A 36 25.56 -13.96 11.42
N ALA A 37 24.66 -14.38 10.52
CA ALA A 37 23.97 -13.45 9.64
C ALA A 37 22.75 -12.85 10.35
N LYS A 38 22.05 -13.68 11.12
CA LYS A 38 20.87 -13.23 11.85
C LYS A 38 21.25 -12.24 12.94
N GLN A 39 22.54 -12.14 13.23
CA GLN A 39 23.03 -11.23 14.25
C GLN A 39 22.97 -9.79 13.78
N LEU A 40 23.00 -9.60 12.45
CA LEU A 40 22.95 -8.27 11.87
C LEU A 40 21.62 -8.03 11.17
N PRO A 41 20.62 -7.60 11.94
CA PRO A 41 19.27 -7.32 11.42
C PRO A 41 19.24 -6.10 10.52
N GLN A 42 18.23 -6.02 9.66
CA GLN A 42 18.08 -4.90 8.73
C GLN A 42 17.78 -3.61 9.49
N HIS A 43 17.82 -2.49 8.78
CA HIS A 43 17.55 -1.19 9.37
C HIS A 43 16.08 -1.09 9.82
N ILE A 44 15.19 -1.65 9.03
CA ILE A 44 13.77 -1.62 9.33
C ILE A 44 13.41 -2.69 10.35
N ILE A 45 14.11 -3.82 10.29
CA ILE A 45 13.87 -4.91 11.22
C ILE A 45 14.50 -4.65 12.58
N GLY A 46 15.54 -3.82 12.58
CA GLY A 46 16.22 -3.49 13.83
C GLY A 46 15.34 -2.71 14.78
N VAL A 47 14.28 -2.13 14.25
CA VAL A 47 13.34 -1.35 15.06
C VAL A 47 12.05 -2.11 15.32
N THR A 48 11.72 -3.03 14.42
CA THR A 48 10.52 -3.83 14.55
C THR A 48 10.78 -5.11 15.33
N ASP A 49 9.75 -5.63 15.98
CA ASP A 49 9.88 -6.86 16.77
C ASP A 49 9.74 -8.09 15.87
N PRO A 50 10.22 -9.23 16.38
CA PRO A 50 10.17 -10.51 15.64
C PRO A 50 8.76 -11.04 15.53
N THR A 51 7.97 -10.86 16.59
CA THR A 51 6.59 -11.34 16.61
C THR A 51 5.64 -10.27 16.05
N LYS A 52 6.13 -9.05 15.95
CA LYS A 52 5.32 -7.94 15.44
C LYS A 52 5.35 -7.91 13.92
N LEU A 53 6.55 -7.80 13.36
CA LEU A 53 6.71 -7.76 11.92
C LEU A 53 6.16 -9.02 11.26
N ASN A 54 6.20 -10.12 12.01
CA ASN A 54 5.69 -11.40 11.50
C ASN A 54 4.17 -11.42 11.49
N ALA A 55 3.57 -10.92 12.57
CA ALA A 55 2.12 -10.89 12.69
C ALA A 55 1.49 -10.14 11.50
N GLN A 56 2.28 -9.26 10.89
CA GLN A 56 1.80 -8.49 9.75
C GLN A 56 1.54 -9.39 8.55
N VAL A 57 2.08 -10.60 8.60
CA VAL A 57 1.90 -11.56 7.50
C VAL A 57 0.47 -12.06 7.45
N SER A 58 -0.24 -11.94 8.57
CA SER A 58 -1.63 -12.38 8.64
C SER A 58 -2.57 -11.36 7.98
N TYR A 59 -1.99 -10.24 7.54
CA TYR A 59 -2.77 -9.20 6.89
C TYR A 59 -2.21 -8.88 5.52
N PHE A 60 -0.94 -8.49 5.47
CA PHE A 60 -0.28 -8.15 4.22
C PHE A 60 1.19 -8.54 4.26
N GLN A 61 1.71 -9.02 3.13
CA GLN A 61 3.11 -9.42 3.04
C GLN A 61 3.86 -8.57 2.03
N CYS A 62 4.87 -7.85 2.51
CA CYS A 62 5.67 -6.98 1.65
C CYS A 62 6.10 -7.72 0.40
N PRO A 63 5.49 -7.36 -0.74
CA PRO A 63 5.80 -7.98 -2.03
C PRO A 63 7.18 -7.59 -2.54
N PRO A 64 7.74 -8.40 -3.45
CA PRO A 64 9.06 -8.16 -4.04
C PRO A 64 9.07 -6.97 -4.98
N TRP A 65 7.97 -6.79 -5.71
CA TRP A 65 7.86 -5.67 -6.65
C TRP A 65 7.72 -4.35 -5.91
N ALA A 66 7.63 -4.43 -4.59
CA ALA A 66 7.49 -3.23 -3.75
C ALA A 66 8.77 -2.98 -2.95
N ALA A 67 8.81 -1.84 -2.28
CA ALA A 67 9.97 -1.47 -1.47
C ALA A 67 11.17 -1.13 -2.35
N LEU A 68 10.90 -0.66 -3.55
CA LEU A 68 11.96 -0.30 -4.50
C LEU A 68 11.54 0.88 -5.36
N PRO A 69 11.42 2.07 -4.73
CA PRO A 69 11.03 3.30 -5.42
C PRO A 69 12.12 3.80 -6.36
N SER A 70 11.71 4.50 -7.41
CA SER A 70 12.66 5.03 -8.39
C SER A 70 12.29 6.47 -8.77
N VAL A 71 11.36 7.06 -8.02
CA VAL A 71 10.92 8.42 -8.28
C VAL A 71 11.01 9.27 -7.02
N ALA A 72 11.18 10.57 -7.20
CA ALA A 72 11.27 11.50 -6.08
C ALA A 72 9.90 12.09 -5.74
N CYS A 73 9.37 11.71 -4.57
CA CYS A 73 8.08 12.21 -4.14
C CYS A 73 8.01 12.25 -2.61
N HIS A 74 6.90 12.78 -2.09
CA HIS A 74 6.70 12.89 -0.64
C HIS A 74 5.23 12.77 -0.29
N LEU A 75 4.94 12.58 1.00
CA LEU A 75 3.57 12.45 1.48
C LEU A 75 3.25 13.53 2.50
N GLN A 76 2.07 14.12 2.36
CA GLN A 76 1.64 15.17 3.28
C GLN A 76 0.47 14.69 4.15
N CYS A 77 0.53 15.00 5.44
CA CYS A 77 -0.53 14.60 6.36
C CYS A 77 -1.03 15.80 7.16
N THR A 78 -2.33 15.81 7.45
CA THR A 78 -2.94 16.90 8.20
C THR A 78 -3.29 16.46 9.61
N ARG A 79 -3.22 17.39 10.55
CA ARG A 79 -3.54 17.10 11.95
C ARG A 79 -4.11 18.34 12.64
N ASP A 80 -5.37 18.25 13.04
CA ASP A 80 -6.04 19.36 13.72
C ASP A 80 -5.91 20.64 12.91
N GLY A 81 -6.03 20.52 11.59
CA GLY A 81 -5.92 21.68 10.72
C GLY A 81 -4.52 22.21 10.64
N LEU A 82 -3.54 21.38 10.99
CA LEU A 82 -2.14 21.78 10.96
C LEU A 82 -1.38 21.02 9.88
N PRO A 83 -1.01 21.72 8.80
CA PRO A 83 -0.29 21.13 7.67
C PRO A 83 1.15 20.77 8.04
N LEU A 84 1.37 19.52 8.44
CA LEU A 84 2.68 19.05 8.82
C LEU A 84 3.61 18.97 7.60
N PRO A 85 4.92 18.97 7.86
CA PRO A 85 5.93 18.90 6.79
C PRO A 85 5.96 17.52 6.13
N ALA A 86 5.60 17.48 4.85
CA ALA A 86 5.59 16.24 4.09
C ALA A 86 7.00 15.65 3.98
N LEU A 87 7.08 14.32 3.96
CA LEU A 87 8.37 13.64 3.86
C LEU A 87 8.22 12.32 3.11
N GLY A 88 9.22 11.99 2.29
CA GLY A 88 9.17 10.76 1.53
C GLY A 88 9.10 9.53 2.42
N LEU A 89 7.91 8.97 2.54
CA LEU A 89 7.71 7.78 3.37
C LEU A 89 8.21 6.52 2.65
N HIS A 90 9.53 6.42 2.54
CA HIS A 90 10.14 5.26 1.88
C HIS A 90 10.92 4.41 2.88
N ARG A 91 10.80 4.77 4.16
CA ARG A 91 11.49 4.03 5.21
C ARG A 91 10.90 2.65 5.39
N PHE A 92 9.67 2.46 4.90
CA PHE A 92 9.00 1.17 5.00
C PHE A 92 8.37 0.78 3.67
N PRO A 93 8.16 -0.53 3.48
CA PRO A 93 7.57 -1.07 2.25
C PRO A 93 6.10 -0.71 2.11
N PHE A 94 5.39 -0.65 3.24
CA PHE A 94 3.97 -0.32 3.24
C PHE A 94 3.56 0.28 4.58
N TYR A 95 2.41 0.95 4.58
CA TYR A 95 1.90 1.58 5.80
C TYR A 95 0.45 1.16 6.07
N LEU A 96 0.24 0.48 7.19
CA LEU A 96 -1.09 0.02 7.57
C LEU A 96 -1.81 1.06 8.42
N PHE A 97 -3.09 1.26 8.16
CA PHE A 97 -3.89 2.22 8.91
C PHE A 97 -5.16 1.57 9.45
N GLY A 98 -5.17 1.31 10.75
CA GLY A 98 -6.32 0.70 11.38
C GLY A 98 -6.28 0.78 12.89
N ARG A 99 -6.81 -0.25 13.55
CA ARG A 99 -6.82 -0.30 15.01
C ARG A 99 -6.03 -1.49 15.53
N SER A 100 -5.53 -2.31 14.60
CA SER A 100 -4.75 -3.48 14.96
C SER A 100 -3.40 -3.09 15.55
N LYS A 101 -2.82 -3.99 16.34
CA LYS A 101 -1.52 -3.73 16.96
C LYS A 101 -0.39 -4.01 15.98
N VAL A 102 -0.73 -4.59 14.84
CA VAL A 102 0.26 -4.91 13.82
C VAL A 102 0.39 -3.77 12.80
N CYS A 103 -0.65 -2.95 12.71
CA CYS A 103 -0.65 -1.83 11.78
C CYS A 103 0.53 -0.89 12.05
N ASP A 104 0.80 -0.02 11.09
CA ASP A 104 1.91 0.93 11.21
C ASP A 104 1.42 2.26 11.80
N TYR A 105 0.11 2.35 12.03
CA TYR A 105 -0.48 3.56 12.58
C TYR A 105 -1.77 3.24 13.33
N VAL A 106 -1.72 3.29 14.66
CA VAL A 106 -2.89 3.02 15.47
C VAL A 106 -3.58 4.31 15.90
N LEU A 107 -4.76 4.56 15.33
CA LEU A 107 -5.53 5.75 15.65
C LEU A 107 -6.70 5.43 16.58
N GLU A 108 -7.60 6.39 16.76
CA GLU A 108 -8.75 6.20 17.62
C GLU A 108 -10.03 6.67 16.93
N HIS A 109 -10.86 5.73 16.51
CA HIS A 109 -12.11 6.05 15.84
C HIS A 109 -13.00 4.82 15.73
N PRO A 110 -14.32 5.03 15.89
CA PRO A 110 -15.31 3.95 15.82
C PRO A 110 -15.47 3.39 14.41
N SER A 111 -14.93 4.12 13.43
CA SER A 111 -15.02 3.69 12.04
C SER A 111 -13.74 2.98 11.61
N ILE A 112 -12.63 3.28 12.28
CA ILE A 112 -11.36 2.67 11.97
C ILE A 112 -11.29 1.24 12.49
N SER A 113 -11.16 0.29 11.57
CA SER A 113 -11.09 -1.12 11.94
C SER A 113 -9.65 -1.59 12.02
N SER A 114 -9.45 -2.79 12.55
CA SER A 114 -8.11 -3.36 12.68
C SER A 114 -7.30 -3.16 11.41
N VAL A 115 -7.97 -3.30 10.26
CA VAL A 115 -7.31 -3.13 8.98
C VAL A 115 -8.23 -2.41 7.98
N HIS A 116 -8.29 -1.09 8.09
CA HIS A 116 -9.12 -0.29 7.21
C HIS A 116 -8.56 -0.28 5.79
N ALA A 117 -7.25 -0.01 5.68
CA ALA A 117 -6.60 0.04 4.38
C ALA A 117 -5.08 0.08 4.54
N VAL A 118 -4.37 -0.30 3.49
CA VAL A 118 -2.91 -0.31 3.51
C VAL A 118 -2.34 0.03 2.14
N LEU A 119 -1.31 0.88 2.12
CA LEU A 119 -0.68 1.29 0.88
C LEU A 119 0.72 0.69 0.76
N VAL A 120 1.10 0.34 -0.47
CA VAL A 120 2.41 -0.25 -0.72
C VAL A 120 3.10 0.44 -1.89
N PHE A 121 4.35 0.87 -1.67
CA PHE A 121 5.11 1.54 -2.72
C PHE A 121 5.33 0.62 -3.91
N HIS A 122 4.47 0.74 -4.91
CA HIS A 122 4.56 -0.07 -6.12
C HIS A 122 5.84 0.24 -6.90
N GLY A 123 6.79 -0.69 -6.86
CA GLY A 123 8.05 -0.49 -7.55
C GLY A 123 7.91 -0.62 -9.06
N GLY A 124 6.71 -0.99 -9.50
CA GLY A 124 6.47 -1.15 -10.92
C GLY A 124 6.04 0.14 -11.59
N GLN A 125 5.14 0.88 -10.92
CA GLN A 125 4.65 2.14 -11.46
C GLN A 125 5.10 3.31 -10.59
N ARG A 126 5.98 3.03 -9.63
CA ARG A 126 6.49 4.06 -8.73
C ARG A 126 5.35 4.85 -8.11
N CYS A 127 4.32 4.15 -7.66
CA CYS A 127 3.16 4.79 -7.06
C CYS A 127 2.57 3.92 -5.95
N PHE A 128 2.20 4.54 -4.83
CA PHE A 128 1.63 3.82 -3.71
C PHE A 128 0.28 3.23 -4.08
N VAL A 129 0.09 1.95 -3.77
CA VAL A 129 -1.16 1.26 -4.06
C VAL A 129 -1.93 0.94 -2.78
N LEU A 130 -3.02 1.67 -2.55
CA LEU A 130 -3.84 1.48 -1.37
C LEU A 130 -5.09 0.67 -1.71
N MET A 131 -5.41 -0.31 -0.88
CA MET A 131 -6.59 -1.14 -1.09
C MET A 131 -7.40 -1.26 0.19
N ASP A 132 -8.71 -1.09 0.07
CA ASP A 132 -9.61 -1.17 1.22
C ASP A 132 -9.98 -2.63 1.52
N LEU A 133 -9.88 -3.01 2.78
CA LEU A 133 -10.20 -4.38 3.19
C LEU A 133 -11.71 -4.61 3.18
N GLY A 134 -12.47 -3.52 3.13
CA GLY A 134 -13.91 -3.64 3.11
C GLY A 134 -14.56 -3.17 4.40
N SER A 135 -14.16 -1.99 4.86
CA SER A 135 -14.69 -1.44 6.10
C SER A 135 -16.20 -1.29 6.02
N THR A 136 -16.85 -1.22 7.19
CA THR A 136 -18.30 -1.08 7.24
C THR A 136 -18.72 0.35 6.98
N ASN A 137 -17.82 1.30 7.27
CA ASN A 137 -18.11 2.72 7.07
C ASN A 137 -17.93 3.10 5.60
N GLY A 138 -16.67 3.19 5.17
CA GLY A 138 -16.38 3.56 3.80
C GLY A 138 -15.09 4.35 3.67
N VAL A 139 -14.19 3.87 2.80
CA VAL A 139 -12.92 4.54 2.58
C VAL A 139 -13.01 5.55 1.44
N LYS A 140 -12.28 6.64 1.56
CA LYS A 140 -12.27 7.69 0.54
C LYS A 140 -11.04 7.57 -0.35
N LEU A 141 -11.16 8.07 -1.57
CA LEU A 141 -10.05 8.02 -2.53
C LEU A 141 -9.97 9.32 -3.32
N ASN A 142 -8.78 9.93 -3.32
CA ASN A 142 -8.56 11.18 -4.03
C ASN A 142 -9.56 12.25 -3.59
N GLY A 143 -10.07 12.09 -2.37
CA GLY A 143 -11.03 13.05 -1.85
C GLY A 143 -12.46 12.73 -2.25
N ASN A 144 -12.69 11.48 -2.64
CA ASN A 144 -14.02 11.05 -3.05
C ASN A 144 -14.27 9.61 -2.64
N ARG A 145 -15.42 9.37 -2.01
CA ARG A 145 -15.79 8.03 -1.55
C ARG A 145 -15.89 7.08 -2.74
N ILE A 146 -15.34 5.88 -2.56
CA ILE A 146 -15.37 4.86 -3.61
C ILE A 146 -15.57 3.47 -3.03
N GLU A 147 -15.65 2.47 -3.91
CA GLU A 147 -15.83 1.09 -3.47
C GLU A 147 -14.65 0.62 -2.64
N LYS A 148 -14.62 -0.68 -2.35
CA LYS A 148 -13.54 -1.26 -1.56
C LYS A 148 -13.09 -2.60 -2.15
N ARG A 149 -12.07 -3.19 -1.53
CA ARG A 149 -11.54 -4.46 -2.00
C ARG A 149 -11.06 -4.36 -3.44
N ARG A 150 -10.44 -3.24 -3.78
CA ARG A 150 -9.94 -3.02 -5.13
C ARG A 150 -8.68 -2.14 -5.11
N PRO A 151 -7.88 -2.24 -6.17
CA PRO A 151 -6.64 -1.46 -6.30
C PRO A 151 -6.91 0.02 -6.51
N LEU A 152 -6.53 0.83 -5.51
CA LEU A 152 -6.73 2.27 -5.58
C LEU A 152 -5.42 3.01 -5.38
N PRO A 153 -4.64 3.16 -6.46
CA PRO A 153 -3.35 3.85 -6.42
C PRO A 153 -3.49 5.35 -6.21
N ALA A 154 -2.69 5.90 -5.30
CA ALA A 154 -2.73 7.32 -5.00
C ALA A 154 -1.40 7.99 -5.32
N PRO A 155 -1.19 8.30 -6.60
CA PRO A 155 0.04 8.94 -7.07
C PRO A 155 0.15 10.39 -6.60
N VAL A 156 1.25 11.05 -6.96
CA VAL A 156 1.47 12.44 -6.59
C VAL A 156 0.33 13.33 -7.06
N GLY A 157 -0.02 14.32 -6.24
CA GLY A 157 -1.10 15.22 -6.59
C GLY A 157 -2.45 14.71 -6.15
N SER A 158 -2.51 13.44 -5.77
CA SER A 158 -3.75 12.82 -5.33
C SER A 158 -3.87 12.83 -3.82
N SER A 159 -5.05 12.52 -3.31
CA SER A 159 -5.29 12.50 -1.87
C SER A 159 -5.83 11.13 -1.43
N ILE A 160 -5.80 10.89 -0.12
CA ILE A 160 -6.28 9.63 0.43
C ILE A 160 -6.99 9.85 1.75
N GLN A 161 -7.96 8.98 2.06
CA GLN A 161 -8.71 9.07 3.30
C GLN A 161 -9.23 7.71 3.73
N PHE A 162 -9.61 7.60 5.00
CA PHE A 162 -10.12 6.35 5.55
C PHE A 162 -10.84 6.57 6.86
N GLY A 163 -11.96 5.88 7.05
CA GLY A 163 -12.72 6.02 8.27
C GLY A 163 -13.31 7.41 8.43
N PHE A 164 -13.55 7.81 9.67
CA PHE A 164 -14.11 9.13 9.96
C PHE A 164 -13.04 10.07 10.50
N SER A 165 -11.79 9.62 10.45
CA SER A 165 -10.67 10.42 10.95
C SER A 165 -10.48 11.67 10.09
N SER A 166 -9.80 12.66 10.65
CA SER A 166 -9.55 13.92 9.94
C SER A 166 -8.26 13.83 9.14
N ARG A 167 -7.39 12.90 9.52
CA ARG A 167 -6.11 12.72 8.84
C ARG A 167 -6.32 12.55 7.33
N VAL A 168 -5.47 13.20 6.55
CA VAL A 168 -5.56 13.12 5.09
C VAL A 168 -4.18 13.00 4.46
N TYR A 169 -3.97 11.93 3.69
CA TYR A 169 -2.69 11.71 3.03
C TYR A 169 -2.69 12.30 1.62
N LYS A 170 -2.01 13.42 1.46
CA LYS A 170 -1.92 14.09 0.16
C LYS A 170 -0.54 13.89 -0.46
N VAL A 171 -0.49 13.10 -1.53
CA VAL A 171 0.76 12.83 -2.23
C VAL A 171 1.16 14.01 -3.11
N GLN A 172 2.46 14.15 -3.35
CA GLN A 172 2.98 15.23 -4.18
C GLN A 172 4.38 14.92 -4.67
N LEU A 173 4.71 15.41 -5.86
CA LEU A 173 6.02 15.19 -6.44
C LEU A 173 7.00 16.28 -6.03
N GLY A 174 8.20 15.87 -5.60
CA GLY A 174 9.20 16.84 -5.19
C GLY A 174 10.09 17.27 -6.34
N PRO A 175 11.01 18.21 -6.04
CA PRO A 175 11.94 18.74 -7.06
C PRO A 175 12.98 17.71 -7.49
N PRO A 176 13.70 18.01 -8.58
CA PRO A 176 14.73 17.12 -9.11
C PRO A 176 15.96 17.04 -8.20
N SER A 177 16.17 15.86 -7.61
CA SER A 177 17.30 15.65 -6.72
C SER A 177 18.55 15.27 -7.50
N SER A 178 19.62 16.03 -7.31
CA SER A 178 20.88 15.76 -8.00
C SER A 178 22.07 16.31 -7.21
N SER A 179 23.21 15.66 -7.35
CA SER A 179 24.42 16.07 -6.64
C SER A 179 24.79 17.51 -7.00
N GLY A 1 -34.89 -52.65 12.80
CA GLY A 1 -35.15 -52.52 11.38
C GLY A 1 -36.63 -52.30 11.10
N PRO A 2 -37.15 -51.13 11.46
CA PRO A 2 -38.56 -50.78 11.25
C PRO A 2 -38.88 -50.57 9.78
N MET A 3 -40.08 -50.98 9.38
CA MET A 3 -40.52 -50.84 7.99
C MET A 3 -40.72 -49.37 7.64
N VAL A 4 -40.80 -49.08 6.34
CA VAL A 4 -41.01 -47.71 5.87
C VAL A 4 -42.31 -47.59 5.07
N THR A 5 -43.00 -46.48 5.26
CA THR A 5 -44.26 -46.24 4.56
C THR A 5 -44.30 -44.83 3.98
N SER A 6 -45.23 -44.61 3.05
CA SER A 6 -45.36 -43.31 2.41
C SER A 6 -46.60 -42.57 2.93
N THR A 7 -46.69 -41.28 2.63
CA THR A 7 -47.81 -40.47 3.08
C THR A 7 -48.73 -40.12 1.91
N GLY A 8 -48.66 -40.91 0.85
CA GLY A 8 -49.48 -40.67 -0.32
C GLY A 8 -48.71 -40.08 -1.48
N LEU A 9 -47.54 -39.51 -1.18
CA LEU A 9 -46.70 -38.90 -2.21
C LEU A 9 -45.24 -39.29 -2.00
N LEU A 10 -44.42 -39.05 -3.02
CA LEU A 10 -43.00 -39.36 -2.95
C LEU A 10 -42.16 -38.12 -3.26
N SER A 11 -41.10 -37.93 -2.48
CA SER A 11 -40.20 -36.79 -2.67
C SER A 11 -39.57 -36.82 -4.06
N ARG A 12 -39.48 -35.66 -4.69
CA ARG A 12 -38.89 -35.56 -6.02
C ARG A 12 -37.38 -35.35 -5.92
N VAL A 13 -36.65 -35.90 -6.90
CA VAL A 13 -35.20 -35.76 -6.92
C VAL A 13 -34.74 -34.93 -8.12
N ALA A 14 -33.62 -34.23 -7.95
CA ALA A 14 -33.08 -33.40 -9.02
C ALA A 14 -31.58 -33.62 -9.18
N ALA A 15 -31.08 -33.45 -10.40
CA ALA A 15 -29.67 -33.62 -10.68
C ALA A 15 -28.97 -32.27 -10.84
N VAL A 16 -28.07 -31.96 -9.90
CA VAL A 16 -27.33 -30.71 -9.95
C VAL A 16 -25.83 -30.95 -10.06
N GLU A 17 -25.28 -30.70 -11.25
CA GLU A 17 -23.85 -30.90 -11.47
C GLU A 17 -23.29 -29.77 -12.35
N LYS A 18 -22.41 -28.97 -11.75
CA LYS A 18 -21.79 -27.86 -12.47
C LYS A 18 -20.27 -27.96 -12.42
N ALA A 19 -19.61 -27.22 -13.31
CA ALA A 19 -18.15 -27.23 -13.36
C ALA A 19 -17.60 -25.81 -13.44
N ALA A 20 -16.41 -25.62 -12.89
CA ALA A 20 -15.76 -24.31 -12.90
C ALA A 20 -14.25 -24.42 -12.79
N GLU A 21 -13.54 -23.45 -13.35
CA GLU A 21 -12.08 -23.45 -13.31
C GLU A 21 -11.55 -22.40 -12.35
N ILE A 22 -11.09 -22.85 -11.19
CA ILE A 22 -10.56 -21.96 -10.18
C ILE A 22 -9.11 -21.57 -10.49
N ALA A 23 -8.78 -20.30 -10.30
CA ALA A 23 -7.43 -19.81 -10.55
C ALA A 23 -6.49 -20.22 -9.43
N LYS A 24 -5.54 -21.10 -9.75
CA LYS A 24 -4.57 -21.57 -8.76
C LYS A 24 -3.19 -21.71 -9.39
N PRO A 25 -2.42 -20.61 -9.40
CA PRO A 25 -1.07 -20.60 -9.96
C PRO A 25 -0.08 -21.39 -9.12
N PRO A 26 1.11 -21.64 -9.69
CA PRO A 26 2.17 -22.39 -9.00
C PRO A 26 2.78 -21.62 -7.84
N PRO A 27 3.56 -22.31 -7.01
CA PRO A 27 4.22 -21.71 -5.85
C PRO A 27 5.32 -20.74 -6.25
N PRO A 28 5.80 -19.96 -5.27
CA PRO A 28 6.88 -18.98 -5.50
C PRO A 28 8.22 -19.64 -5.76
N LYS A 29 8.77 -19.43 -6.95
CA LYS A 29 10.06 -20.00 -7.33
C LYS A 29 11.20 -19.29 -6.60
N VAL A 30 12.08 -20.08 -5.99
CA VAL A 30 13.21 -19.54 -5.26
C VAL A 30 14.49 -19.62 -6.09
N VAL A 31 15.57 -19.05 -5.57
CA VAL A 31 16.86 -19.06 -6.27
C VAL A 31 18.00 -19.39 -5.31
N GLU A 32 19.06 -19.98 -5.85
CA GLU A 32 20.21 -20.35 -5.04
C GLU A 32 20.87 -19.11 -4.43
N LEU A 33 21.51 -19.31 -3.28
CA LEU A 33 22.17 -18.21 -2.59
C LEU A 33 23.50 -18.67 -2.01
N THR A 34 24.37 -17.70 -1.68
CA THR A 34 25.67 -17.99 -1.13
C THR A 34 25.70 -17.73 0.37
N GLU A 35 26.82 -18.08 1.01
CA GLU A 35 26.96 -17.88 2.45
C GLU A 35 26.72 -16.42 2.83
N ALA A 36 27.19 -15.52 1.98
CA ALA A 36 27.01 -14.09 2.22
C ALA A 36 25.56 -13.67 2.02
N ALA A 37 24.78 -14.52 1.37
CA ALA A 37 23.37 -14.24 1.11
C ALA A 37 22.51 -14.75 2.26
N LYS A 38 22.88 -15.88 2.83
CA LYS A 38 22.13 -16.47 3.92
C LYS A 38 22.54 -15.84 5.26
N GLN A 39 23.49 -14.92 5.21
CA GLN A 39 23.97 -14.24 6.40
C GLN A 39 23.40 -12.83 6.50
N LEU A 40 22.82 -12.36 5.40
CA LEU A 40 22.24 -11.02 5.37
C LEU A 40 20.71 -11.09 5.34
N PRO A 41 20.07 -10.02 5.82
CA PRO A 41 18.61 -9.94 5.87
C PRO A 41 17.98 -9.81 4.48
N GLN A 42 16.80 -10.39 4.30
CA GLN A 42 16.11 -10.34 3.02
C GLN A 42 15.98 -8.90 2.53
N HIS A 43 15.49 -8.74 1.31
CA HIS A 43 15.32 -7.42 0.72
C HIS A 43 14.31 -6.60 1.52
N ILE A 44 13.11 -7.15 1.69
CA ILE A 44 12.05 -6.47 2.43
C ILE A 44 12.34 -6.47 3.92
N ILE A 45 13.09 -7.47 4.37
CA ILE A 45 13.44 -7.59 5.78
C ILE A 45 14.58 -6.64 6.14
N GLY A 46 15.37 -6.29 5.15
CA GLY A 46 16.50 -5.38 5.38
C GLY A 46 16.05 -4.03 5.86
N VAL A 47 14.78 -3.72 5.65
CA VAL A 47 14.21 -2.43 6.08
C VAL A 47 13.08 -2.63 7.08
N THR A 48 12.43 -3.78 7.02
CA THR A 48 11.33 -4.08 7.92
C THR A 48 11.81 -4.92 9.10
N ASP A 49 11.10 -4.81 10.22
CA ASP A 49 11.45 -5.56 11.42
C ASP A 49 10.90 -6.98 11.36
N PRO A 50 11.49 -7.88 12.16
CA PRO A 50 11.07 -9.29 12.22
C PRO A 50 9.70 -9.45 12.86
N THR A 51 9.40 -8.63 13.85
CA THR A 51 8.11 -8.69 14.54
C THR A 51 7.08 -7.82 13.85
N LYS A 52 7.55 -6.87 13.04
CA LYS A 52 6.66 -5.97 12.32
C LYS A 52 6.11 -6.63 11.06
N LEU A 53 7.00 -6.99 10.15
CA LEU A 53 6.60 -7.64 8.91
C LEU A 53 5.73 -8.86 9.18
N ASN A 54 5.96 -9.50 10.33
CA ASN A 54 5.19 -10.68 10.70
C ASN A 54 3.79 -10.29 11.16
N ALA A 55 3.69 -9.20 11.91
CA ALA A 55 2.40 -8.73 12.39
C ALA A 55 1.42 -8.52 11.25
N GLN A 56 1.95 -8.23 10.06
CA GLN A 56 1.12 -8.00 8.89
C GLN A 56 0.93 -9.30 8.10
N VAL A 57 1.79 -10.29 8.37
CA VAL A 57 1.72 -11.56 7.69
C VAL A 57 0.38 -12.25 7.95
N SER A 58 -0.31 -11.82 9.00
CA SER A 58 -1.60 -12.40 9.36
C SER A 58 -2.74 -11.62 8.70
N TYR A 59 -2.38 -10.65 7.87
CA TYR A 59 -3.38 -9.83 7.18
C TYR A 59 -3.10 -9.79 5.68
N PHE A 60 -1.91 -9.34 5.32
CA PHE A 60 -1.52 -9.25 3.92
C PHE A 60 -0.02 -9.47 3.75
N GLN A 61 0.35 -10.18 2.69
CA GLN A 61 1.76 -10.47 2.41
C GLN A 61 2.38 -9.38 1.55
N CYS A 62 3.69 -9.20 1.69
CA CYS A 62 4.41 -8.19 0.92
C CYS A 62 4.90 -8.76 -0.40
N PRO A 63 4.45 -8.15 -1.51
CA PRO A 63 4.83 -8.59 -2.87
C PRO A 63 6.29 -8.29 -3.18
N PRO A 64 6.81 -8.92 -4.24
CA PRO A 64 8.20 -8.74 -4.67
C PRO A 64 8.46 -7.36 -5.24
N TRP A 65 7.52 -6.87 -6.05
CA TRP A 65 7.64 -5.54 -6.66
C TRP A 65 7.54 -4.45 -5.60
N ALA A 66 7.18 -4.83 -4.39
CA ALA A 66 7.04 -3.88 -3.29
C ALA A 66 8.40 -3.38 -2.82
N ALA A 67 8.45 -2.15 -2.34
CA ALA A 67 9.69 -1.57 -1.86
C ALA A 67 10.70 -1.40 -3.00
N LEU A 68 10.24 -0.85 -4.11
CA LEU A 68 11.10 -0.64 -5.27
C LEU A 68 10.70 0.62 -6.02
N PRO A 69 10.88 1.78 -5.38
CA PRO A 69 10.55 3.09 -5.97
C PRO A 69 11.49 3.46 -7.10
N SER A 70 10.98 4.24 -8.05
CA SER A 70 11.78 4.67 -9.20
C SER A 70 11.61 6.17 -9.43
N VAL A 71 10.91 6.84 -8.52
CA VAL A 71 10.69 8.27 -8.62
C VAL A 71 10.79 8.95 -7.27
N ALA A 72 11.17 10.23 -7.27
CA ALA A 72 11.29 10.99 -6.03
C ALA A 72 10.00 11.73 -5.70
N CYS A 73 9.43 11.42 -4.55
CA CYS A 73 8.18 12.05 -4.12
C CYS A 73 8.10 12.10 -2.60
N HIS A 74 7.08 12.81 -2.09
CA HIS A 74 6.90 12.95 -0.65
C HIS A 74 5.42 12.79 -0.29
N LEU A 75 5.15 12.63 1.00
CA LEU A 75 3.78 12.47 1.49
C LEU A 75 3.44 13.53 2.53
N GLN A 76 2.26 14.11 2.42
CA GLN A 76 1.81 15.14 3.34
C GLN A 76 0.65 14.64 4.19
N CYS A 77 0.74 14.88 5.50
CA CYS A 77 -0.30 14.45 6.43
C CYS A 77 -0.75 15.61 7.31
N THR A 78 -2.05 15.65 7.59
CA THR A 78 -2.62 16.72 8.41
C THR A 78 -3.21 16.15 9.70
N ARG A 79 -3.23 16.98 10.75
CA ARG A 79 -3.77 16.56 12.03
C ARG A 79 -4.34 17.75 12.80
N ASP A 80 -5.59 17.61 13.25
CA ASP A 80 -6.26 18.68 13.99
C ASP A 80 -6.26 19.97 13.19
N GLY A 81 -6.27 19.85 11.87
CA GLY A 81 -6.28 21.02 11.01
C GLY A 81 -4.91 21.68 10.92
N LEU A 82 -3.87 20.91 11.26
CA LEU A 82 -2.50 21.42 11.21
C LEU A 82 -1.71 20.77 10.09
N PRO A 83 -1.44 21.55 9.02
CA PRO A 83 -0.68 21.06 7.87
C PRO A 83 0.79 20.81 8.20
N LEU A 84 1.10 19.56 8.54
CA LEU A 84 2.47 19.18 8.88
C LEU A 84 3.34 19.09 7.63
N PRO A 85 4.66 19.19 7.81
CA PRO A 85 5.62 19.12 6.70
C PRO A 85 5.70 17.71 6.09
N ALA A 86 5.56 17.64 4.78
CA ALA A 86 5.61 16.36 4.08
C ALA A 86 7.03 15.80 4.08
N LEU A 87 7.14 14.48 4.15
CA LEU A 87 8.44 13.82 4.16
C LEU A 87 8.41 12.52 3.36
N GLY A 88 9.47 12.26 2.62
CA GLY A 88 9.54 11.04 1.82
C GLY A 88 9.43 9.79 2.66
N LEU A 89 8.23 9.21 2.70
CA LEU A 89 7.99 7.99 3.47
C LEU A 89 8.60 6.77 2.78
N HIS A 90 9.93 6.70 2.79
CA HIS A 90 10.64 5.58 2.17
C HIS A 90 11.31 4.71 3.23
N ARG A 91 11.05 5.01 4.49
CA ARG A 91 11.63 4.26 5.60
C ARG A 91 11.06 2.85 5.66
N PHE A 92 9.90 2.67 5.02
CA PHE A 92 9.24 1.37 5.01
C PHE A 92 8.63 1.07 3.64
N PRO A 93 8.45 -0.21 3.33
CA PRO A 93 7.88 -0.65 2.06
C PRO A 93 6.39 -0.33 1.94
N PHE A 94 5.71 -0.30 3.08
CA PHE A 94 4.29 0.00 3.11
C PHE A 94 3.89 0.59 4.45
N TYR A 95 2.62 0.99 4.56
CA TYR A 95 2.11 1.57 5.80
C TYR A 95 0.66 1.16 6.04
N LEU A 96 0.40 0.59 7.21
CA LEU A 96 -0.94 0.15 7.57
C LEU A 96 -1.71 1.26 8.28
N PHE A 97 -3.03 1.23 8.16
CA PHE A 97 -3.88 2.23 8.79
C PHE A 97 -5.13 1.59 9.38
N GLY A 98 -5.17 1.48 10.70
CA GLY A 98 -6.31 0.88 11.36
C GLY A 98 -6.36 1.20 12.85
N ARG A 99 -6.81 0.25 13.65
CA ARG A 99 -6.90 0.43 15.09
C ARG A 99 -6.06 -0.61 15.83
N SER A 100 -5.53 -1.57 15.08
CA SER A 100 -4.72 -2.63 15.67
C SER A 100 -3.29 -2.15 15.89
N LYS A 101 -2.55 -2.87 16.73
CA LYS A 101 -1.17 -2.53 17.04
C LYS A 101 -0.24 -2.94 15.91
N VAL A 102 -0.68 -3.91 15.11
CA VAL A 102 0.11 -4.39 13.99
C VAL A 102 0.24 -3.33 12.90
N CYS A 103 -0.70 -2.39 12.90
CA CYS A 103 -0.69 -1.31 11.91
C CYS A 103 0.41 -0.30 12.23
N ASP A 104 0.74 0.53 11.24
CA ASP A 104 1.77 1.55 11.41
C ASP A 104 1.21 2.78 12.12
N TYR A 105 -0.10 2.97 12.01
CA TYR A 105 -0.76 4.11 12.63
C TYR A 105 -1.98 3.66 13.44
N VAL A 106 -1.86 3.72 14.76
CA VAL A 106 -2.95 3.32 15.64
C VAL A 106 -3.76 4.53 16.09
N LEU A 107 -4.95 4.69 15.50
CA LEU A 107 -5.82 5.80 15.83
C LEU A 107 -7.01 5.33 16.66
N GLU A 108 -7.98 6.21 16.85
CA GLU A 108 -9.18 5.88 17.61
C GLU A 108 -10.44 6.42 16.93
N HIS A 109 -11.22 5.52 16.35
CA HIS A 109 -12.44 5.91 15.67
C HIS A 109 -13.38 4.72 15.52
N PRO A 110 -14.69 4.99 15.55
CA PRO A 110 -15.72 3.95 15.43
C PRO A 110 -15.78 3.36 14.02
N SER A 111 -15.15 4.05 13.08
CA SER A 111 -15.14 3.59 11.69
C SER A 111 -13.82 2.89 11.36
N ILE A 112 -12.77 3.27 12.06
CA ILE A 112 -11.45 2.67 11.85
C ILE A 112 -11.37 1.27 12.46
N SER A 113 -11.29 0.26 11.60
CA SER A 113 -11.22 -1.11 12.06
C SER A 113 -9.76 -1.53 12.27
N SER A 114 -9.57 -2.70 12.89
CA SER A 114 -8.24 -3.21 13.17
C SER A 114 -7.34 -3.08 11.93
N VAL A 115 -7.94 -3.26 10.76
CA VAL A 115 -7.20 -3.17 9.50
C VAL A 115 -8.07 -2.59 8.40
N HIS A 116 -8.18 -1.27 8.37
CA HIS A 116 -8.99 -0.59 7.36
C HIS A 116 -8.39 -0.78 5.96
N ALA A 117 -7.16 -0.31 5.79
CA ALA A 117 -6.47 -0.43 4.51
C ALA A 117 -4.96 -0.28 4.68
N VAL A 118 -4.21 -0.67 3.65
CA VAL A 118 -2.77 -0.58 3.69
C VAL A 118 -2.20 -0.18 2.32
N LEU A 119 -1.27 0.76 2.33
CA LEU A 119 -0.65 1.23 1.08
C LEU A 119 0.78 0.72 0.97
N VAL A 120 1.15 0.29 -0.24
CA VAL A 120 2.50 -0.22 -0.49
C VAL A 120 3.12 0.47 -1.70
N PHE A 121 4.41 0.79 -1.59
CA PHE A 121 5.13 1.44 -2.68
C PHE A 121 5.22 0.53 -3.90
N HIS A 122 4.25 0.64 -4.79
CA HIS A 122 4.22 -0.18 -6.00
C HIS A 122 5.45 0.09 -6.87
N GLY A 123 6.38 -0.85 -6.90
CA GLY A 123 7.58 -0.70 -7.69
C GLY A 123 7.30 -0.79 -9.17
N GLY A 124 6.08 -1.15 -9.53
CA GLY A 124 5.72 -1.28 -10.93
C GLY A 124 5.24 0.03 -11.53
N GLN A 125 4.27 0.67 -10.87
CA GLN A 125 3.73 1.93 -11.34
C GLN A 125 4.37 3.11 -10.61
N ARG A 126 5.26 2.80 -9.67
CA ARG A 126 5.93 3.84 -8.89
C ARG A 126 4.92 4.68 -8.11
N CYS A 127 3.81 4.06 -7.74
CA CYS A 127 2.76 4.75 -6.99
C CYS A 127 2.20 3.86 -5.89
N PHE A 128 1.98 4.45 -4.71
CA PHE A 128 1.44 3.70 -3.59
C PHE A 128 0.06 3.15 -3.91
N VAL A 129 -0.15 1.88 -3.59
CA VAL A 129 -1.43 1.22 -3.85
C VAL A 129 -2.11 0.84 -2.54
N LEU A 130 -3.22 1.50 -2.24
CA LEU A 130 -3.97 1.23 -1.01
C LEU A 130 -5.21 0.39 -1.31
N MET A 131 -5.28 -0.78 -0.68
CA MET A 131 -6.42 -1.68 -0.87
C MET A 131 -7.20 -1.85 0.42
N ASP A 132 -8.53 -1.75 0.32
CA ASP A 132 -9.39 -1.89 1.48
C ASP A 132 -9.81 -3.35 1.67
N LEU A 133 -9.60 -3.87 2.87
CA LEU A 133 -9.95 -5.25 3.19
C LEU A 133 -11.45 -5.47 3.06
N GLY A 134 -12.20 -4.37 3.05
CA GLY A 134 -13.64 -4.47 2.93
C GLY A 134 -14.36 -3.92 4.15
N SER A 135 -13.95 -2.75 4.60
CA SER A 135 -14.56 -2.13 5.78
C SER A 135 -16.05 -1.87 5.55
N THR A 136 -16.78 -1.69 6.64
CA THR A 136 -18.22 -1.44 6.56
C THR A 136 -18.50 0.04 6.32
N ASN A 137 -17.60 0.89 6.78
CA ASN A 137 -17.76 2.34 6.62
C ASN A 137 -17.53 2.74 5.17
N GLY A 138 -16.27 2.70 4.73
CA GLY A 138 -15.94 3.07 3.37
C GLY A 138 -14.72 3.95 3.29
N VAL A 139 -13.78 3.58 2.43
CA VAL A 139 -12.55 4.34 2.25
C VAL A 139 -12.71 5.40 1.16
N LYS A 140 -11.95 6.49 1.28
CA LYS A 140 -12.01 7.57 0.31
C LYS A 140 -10.75 7.59 -0.55
N LEU A 141 -10.92 7.87 -1.84
CA LEU A 141 -9.79 7.92 -2.76
C LEU A 141 -9.77 9.25 -3.51
N ASN A 142 -8.61 9.89 -3.53
CA ASN A 142 -8.46 11.17 -4.22
C ASN A 142 -9.50 12.18 -3.73
N GLY A 143 -9.99 11.98 -2.52
CA GLY A 143 -10.98 12.87 -1.95
C GLY A 143 -12.39 12.50 -2.37
N ASN A 144 -12.58 11.25 -2.76
CA ASN A 144 -13.90 10.78 -3.18
C ASN A 144 -14.12 9.33 -2.76
N ARG A 145 -15.23 9.09 -2.06
CA ARG A 145 -15.55 7.75 -1.59
C ARG A 145 -15.65 6.77 -2.76
N ILE A 146 -15.12 5.57 -2.57
CA ILE A 146 -15.15 4.55 -3.61
C ILE A 146 -15.36 3.16 -3.01
N GLU A 147 -15.44 2.16 -3.88
CA GLU A 147 -15.64 0.78 -3.43
C GLU A 147 -14.48 0.30 -2.56
N LYS A 148 -14.45 -0.99 -2.29
CA LYS A 148 -13.38 -1.57 -1.47
C LYS A 148 -12.85 -2.85 -2.12
N ARG A 149 -11.88 -3.46 -1.45
CA ARG A 149 -11.27 -4.70 -1.95
C ARG A 149 -10.81 -4.52 -3.40
N ARG A 150 -10.34 -3.32 -3.72
CA ARG A 150 -9.87 -3.02 -5.07
C ARG A 150 -8.62 -2.15 -5.04
N PRO A 151 -7.89 -2.13 -6.16
CA PRO A 151 -6.65 -1.35 -6.27
C PRO A 151 -6.92 0.16 -6.30
N LEU A 152 -6.58 0.83 -5.21
CA LEU A 152 -6.78 2.27 -5.10
C LEU A 152 -5.45 3.01 -5.13
N PRO A 153 -4.93 3.26 -6.35
CA PRO A 153 -3.66 3.96 -6.53
C PRO A 153 -3.75 5.44 -6.16
N ALA A 154 -2.76 5.92 -5.43
CA ALA A 154 -2.73 7.32 -5.01
C ALA A 154 -1.45 8.00 -5.50
N PRO A 155 -1.44 8.41 -6.77
CA PRO A 155 -0.29 9.08 -7.38
C PRO A 155 -0.09 10.49 -6.84
N VAL A 156 1.08 11.06 -7.10
CA VAL A 156 1.39 12.41 -6.64
C VAL A 156 0.32 13.41 -7.07
N GLY A 157 0.06 14.39 -6.21
CA GLY A 157 -0.94 15.40 -6.51
C GLY A 157 -2.33 14.97 -6.09
N SER A 158 -2.47 13.70 -5.72
CA SER A 158 -3.76 13.16 -5.29
C SER A 158 -3.88 13.18 -3.77
N SER A 159 -5.02 12.70 -3.28
CA SER A 159 -5.27 12.66 -1.85
C SER A 159 -5.79 11.29 -1.42
N ILE A 160 -5.71 11.00 -0.13
CA ILE A 160 -6.17 9.74 0.41
C ILE A 160 -6.91 9.92 1.74
N GLN A 161 -7.87 9.05 2.01
CA GLN A 161 -8.64 9.13 3.24
C GLN A 161 -9.15 7.75 3.65
N PHE A 162 -9.29 7.53 4.95
CA PHE A 162 -9.78 6.26 5.47
C PHE A 162 -10.64 6.47 6.70
N GLY A 163 -11.79 5.77 6.74
CA GLY A 163 -12.69 5.89 7.86
C GLY A 163 -13.24 7.30 8.01
N PHE A 164 -13.62 7.65 9.24
CA PHE A 164 -14.16 8.98 9.51
C PHE A 164 -13.11 9.87 10.16
N SER A 165 -11.85 9.49 10.02
CA SER A 165 -10.75 10.25 10.59
C SER A 165 -10.62 11.62 9.91
N SER A 166 -9.94 12.54 10.58
CA SER A 166 -9.75 13.88 10.04
C SER A 166 -8.47 13.97 9.23
N ARG A 167 -7.47 13.18 9.63
CA ARG A 167 -6.18 13.17 8.93
C ARG A 167 -6.38 12.91 7.44
N VAL A 168 -5.47 13.46 6.62
CA VAL A 168 -5.54 13.29 5.18
C VAL A 168 -4.15 13.15 4.58
N TYR A 169 -3.96 12.13 3.74
CA TYR A 169 -2.67 11.89 3.11
C TYR A 169 -2.66 12.45 1.68
N LYS A 170 -2.01 13.59 1.51
CA LYS A 170 -1.92 14.23 0.20
C LYS A 170 -0.55 14.01 -0.42
N VAL A 171 -0.49 13.20 -1.48
CA VAL A 171 0.76 12.91 -2.16
C VAL A 171 1.18 14.07 -3.06
N GLN A 172 2.47 14.19 -3.30
CA GLN A 172 3.01 15.25 -4.14
C GLN A 172 4.40 14.91 -4.64
N LEU A 173 4.72 15.35 -5.86
CA LEU A 173 6.03 15.08 -6.45
C LEU A 173 7.02 16.16 -6.06
N GLY A 174 8.26 15.75 -5.80
CA GLY A 174 9.30 16.69 -5.42
C GLY A 174 9.90 17.41 -6.60
N PRO A 175 10.82 18.35 -6.34
CA PRO A 175 11.49 19.13 -7.39
C PRO A 175 12.46 18.27 -8.21
N PRO A 176 12.91 18.83 -9.34
CA PRO A 176 13.85 18.13 -10.24
C PRO A 176 15.24 17.99 -9.63
N SER A 177 15.95 16.94 -10.03
CA SER A 177 17.28 16.67 -9.52
C SER A 177 18.34 17.17 -10.50
N SER A 178 18.20 16.78 -11.77
CA SER A 178 19.15 17.19 -12.80
C SER A 178 18.52 18.21 -13.74
N SER A 179 19.36 19.03 -14.35
CA SER A 179 18.89 20.06 -15.27
C SER A 179 19.34 19.76 -16.69
N GLY A 1 -20.36 4.58 -90.61
CA GLY A 1 -19.32 5.38 -90.00
C GLY A 1 -18.51 4.59 -88.98
N PRO A 2 -17.38 5.15 -88.55
CA PRO A 2 -16.49 4.52 -87.58
C PRO A 2 -17.10 4.46 -86.18
N MET A 3 -16.45 3.74 -85.28
CA MET A 3 -16.93 3.61 -83.91
C MET A 3 -15.93 4.22 -82.92
N VAL A 4 -16.41 4.50 -81.71
CA VAL A 4 -15.56 5.08 -80.68
C VAL A 4 -14.37 4.17 -80.36
N THR A 5 -13.31 4.76 -79.83
CA THR A 5 -12.11 4.01 -79.48
C THR A 5 -11.45 4.58 -78.24
N SER A 6 -10.92 3.69 -77.39
CA SER A 6 -10.25 4.11 -76.16
C SER A 6 -9.12 3.14 -75.81
N THR A 7 -8.19 3.62 -74.99
CA THR A 7 -7.06 2.81 -74.57
C THR A 7 -7.39 2.02 -73.31
N GLY A 8 -8.42 2.44 -72.60
CA GLY A 8 -8.82 1.75 -71.39
C GLY A 8 -7.98 2.14 -70.20
N LEU A 9 -7.32 3.29 -70.28
CA LEU A 9 -6.48 3.77 -69.20
C LEU A 9 -7.24 3.79 -67.88
N LEU A 10 -6.62 3.25 -66.84
CA LEU A 10 -7.24 3.20 -65.51
C LEU A 10 -6.25 3.62 -64.43
N SER A 11 -6.75 4.33 -63.42
CA SER A 11 -5.91 4.79 -62.32
C SER A 11 -5.41 3.63 -61.49
N ARG A 12 -4.47 3.90 -60.58
CA ARG A 12 -3.90 2.88 -59.73
C ARG A 12 -3.89 3.33 -58.27
N VAL A 13 -4.08 2.38 -57.36
CA VAL A 13 -4.10 2.68 -55.93
C VAL A 13 -2.99 1.93 -55.20
N ALA A 14 -2.42 2.57 -54.19
CA ALA A 14 -1.35 1.96 -53.40
C ALA A 14 -1.91 1.03 -52.34
N ALA A 15 -1.07 0.10 -51.87
CA ALA A 15 -1.49 -0.86 -50.85
C ALA A 15 -0.74 -0.61 -49.53
N VAL A 16 -1.46 -0.11 -48.53
CA VAL A 16 -0.87 0.17 -47.23
C VAL A 16 -0.24 -1.10 -46.64
N GLU A 17 1.08 -1.19 -46.73
CA GLU A 17 1.80 -2.34 -46.20
C GLU A 17 2.46 -2.01 -44.87
N LYS A 18 2.25 -2.87 -43.88
CA LYS A 18 2.82 -2.67 -42.55
C LYS A 18 3.24 -4.00 -41.93
N ALA A 19 4.19 -3.94 -41.01
CA ALA A 19 4.68 -5.13 -40.33
C ALA A 19 5.10 -4.83 -38.91
N ALA A 20 5.38 -5.87 -38.13
CA ALA A 20 5.79 -5.72 -36.74
C ALA A 20 7.24 -6.18 -36.55
N GLU A 21 7.91 -5.57 -35.58
CA GLU A 21 9.30 -5.92 -35.29
C GLU A 21 9.39 -6.81 -34.05
N ILE A 22 9.79 -8.06 -34.26
CA ILE A 22 9.93 -9.01 -33.16
C ILE A 22 11.02 -8.58 -32.19
N ALA A 23 10.70 -8.58 -30.91
CA ALA A 23 11.65 -8.20 -29.87
C ALA A 23 12.77 -9.23 -29.75
N LYS A 24 13.69 -8.99 -28.83
CA LYS A 24 14.82 -9.89 -28.61
C LYS A 24 14.72 -10.55 -27.24
N PRO A 25 15.38 -11.71 -27.08
CA PRO A 25 15.39 -12.46 -25.82
C PRO A 25 16.17 -11.75 -24.73
N PRO A 26 16.04 -12.23 -23.49
CA PRO A 26 16.73 -11.66 -22.33
C PRO A 26 18.23 -11.92 -22.37
N PRO A 27 18.98 -11.24 -21.49
CA PRO A 27 20.43 -11.38 -21.40
C PRO A 27 20.85 -12.74 -20.84
N PRO A 28 22.14 -13.07 -20.96
CA PRO A 28 22.69 -14.32 -20.47
C PRO A 28 22.73 -14.39 -18.94
N LYS A 29 23.31 -15.46 -18.41
CA LYS A 29 23.41 -15.63 -16.97
C LYS A 29 24.84 -15.39 -16.48
N VAL A 30 24.95 -14.86 -15.27
CA VAL A 30 26.26 -14.57 -14.70
C VAL A 30 26.26 -14.83 -13.19
N VAL A 31 27.44 -14.71 -12.57
CA VAL A 31 27.57 -14.93 -11.14
C VAL A 31 26.56 -14.11 -10.35
N GLU A 32 25.86 -14.76 -9.43
CA GLU A 32 24.85 -14.08 -8.61
C GLU A 32 25.02 -14.45 -7.14
N LEU A 33 24.34 -13.71 -6.27
CA LEU A 33 24.40 -13.96 -4.85
C LEU A 33 24.04 -15.41 -4.52
N THR A 34 24.17 -15.78 -3.25
CA THR A 34 23.85 -17.13 -2.81
C THR A 34 22.37 -17.44 -3.01
N GLU A 35 22.03 -18.72 -2.94
CA GLU A 35 20.64 -19.15 -3.11
C GLU A 35 19.74 -18.50 -2.06
N ALA A 36 20.10 -18.69 -0.79
CA ALA A 36 19.33 -18.14 0.32
C ALA A 36 19.59 -16.64 0.47
N ALA A 37 20.69 -16.18 -0.09
CA ALA A 37 21.05 -14.76 -0.02
C ALA A 37 19.89 -13.89 -0.49
N LYS A 38 19.09 -14.41 -1.42
CA LYS A 38 17.95 -13.68 -1.95
C LYS A 38 16.69 -13.98 -1.14
N GLN A 39 16.59 -15.19 -0.62
CA GLN A 39 15.44 -15.59 0.18
C GLN A 39 15.48 -14.93 1.55
N LEU A 40 16.62 -14.35 1.90
CA LEU A 40 16.78 -13.68 3.19
C LEU A 40 15.64 -12.70 3.44
N PRO A 41 15.39 -12.41 4.73
CA PRO A 41 14.32 -11.49 5.13
C PRO A 41 14.65 -10.04 4.76
N GLN A 42 13.61 -9.27 4.45
CA GLN A 42 13.78 -7.87 4.09
C GLN A 42 14.55 -7.12 5.16
N HIS A 43 14.88 -5.86 4.87
CA HIS A 43 15.62 -5.03 5.81
C HIS A 43 14.84 -4.85 7.12
N ILE A 44 13.62 -4.32 7.00
CA ILE A 44 12.77 -4.11 8.16
C ILE A 44 12.21 -5.43 8.70
N ILE A 45 12.07 -6.40 7.81
CA ILE A 45 11.55 -7.70 8.20
C ILE A 45 12.61 -8.53 8.93
N GLY A 46 13.87 -8.22 8.66
CA GLY A 46 14.97 -8.93 9.30
C GLY A 46 15.09 -8.58 10.77
N VAL A 47 14.39 -7.55 11.20
CA VAL A 47 14.43 -7.12 12.59
C VAL A 47 13.05 -7.24 13.25
N THR A 48 12.01 -7.24 12.42
CA THR A 48 10.64 -7.35 12.92
C THR A 48 10.51 -8.53 13.89
N ASP A 49 9.54 -8.42 14.79
CA ASP A 49 9.30 -9.47 15.78
C ASP A 49 8.76 -10.74 15.11
N PRO A 50 8.88 -11.88 15.80
CA PRO A 50 8.40 -13.17 15.30
C PRO A 50 6.89 -13.24 15.23
N THR A 51 6.23 -12.66 16.23
CA THR A 51 4.77 -12.66 16.29
C THR A 51 4.18 -11.47 15.56
N LYS A 52 5.00 -10.43 15.38
CA LYS A 52 4.56 -9.22 14.69
C LYS A 52 4.56 -9.43 13.18
N LEU A 53 5.71 -9.75 12.62
CA LEU A 53 5.84 -9.98 11.19
C LEU A 53 4.88 -11.07 10.72
N ASN A 54 4.57 -12.00 11.62
CA ASN A 54 3.67 -13.10 11.30
C ASN A 54 2.22 -12.64 11.36
N ALA A 55 1.95 -11.64 12.20
CA ALA A 55 0.61 -11.10 12.35
C ALA A 55 0.27 -10.14 11.22
N GLN A 56 1.30 -9.66 10.53
CA GLN A 56 1.11 -8.73 9.42
C GLN A 56 1.01 -9.47 8.09
N VAL A 57 1.43 -10.74 8.10
CA VAL A 57 1.39 -11.56 6.90
C VAL A 57 0.03 -12.21 6.72
N SER A 58 -0.77 -12.18 7.78
CA SER A 58 -2.10 -12.77 7.74
C SER A 58 -3.11 -11.80 7.13
N TYR A 59 -2.63 -10.63 6.73
CA TYR A 59 -3.49 -9.62 6.13
C TYR A 59 -3.01 -9.27 4.72
N PHE A 60 -1.69 -9.15 4.56
CA PHE A 60 -1.11 -8.82 3.27
C PHE A 60 0.36 -9.21 3.22
N GLN A 61 0.80 -9.74 2.07
CA GLN A 61 2.18 -10.16 1.89
C GLN A 61 2.96 -9.14 1.08
N CYS A 62 4.27 -9.08 1.31
CA CYS A 62 5.13 -8.15 0.60
C CYS A 62 5.67 -8.77 -0.68
N PRO A 63 5.20 -8.27 -1.83
CA PRO A 63 5.62 -8.76 -3.15
C PRO A 63 7.06 -8.39 -3.46
N PRO A 64 7.61 -8.99 -4.53
CA PRO A 64 8.98 -8.75 -4.96
C PRO A 64 9.17 -7.35 -5.54
N TRP A 65 8.17 -6.89 -6.30
CA TRP A 65 8.22 -5.56 -6.91
C TRP A 65 8.02 -4.47 -5.86
N ALA A 66 7.69 -4.89 -4.64
CA ALA A 66 7.47 -3.95 -3.55
C ALA A 66 8.79 -3.41 -3.01
N ALA A 67 8.76 -2.17 -2.52
CA ALA A 67 9.95 -1.54 -1.96
C ALA A 67 11.00 -1.30 -3.05
N LEU A 68 10.56 -0.76 -4.18
CA LEU A 68 11.46 -0.48 -5.29
C LEU A 68 11.03 0.79 -6.04
N PRO A 69 11.13 1.94 -5.35
CA PRO A 69 10.76 3.23 -5.93
C PRO A 69 11.72 3.67 -7.04
N SER A 70 11.21 4.45 -7.98
CA SER A 70 12.03 4.94 -9.09
C SER A 70 11.81 6.43 -9.31
N VAL A 71 11.03 7.05 -8.42
CA VAL A 71 10.74 8.47 -8.51
C VAL A 71 10.79 9.14 -7.15
N ALA A 72 11.12 10.42 -7.13
CA ALA A 72 11.21 11.17 -5.88
C ALA A 72 9.88 11.84 -5.56
N CYS A 73 9.33 11.53 -4.39
CA CYS A 73 8.06 12.10 -3.95
C CYS A 73 7.98 12.19 -2.43
N HIS A 74 6.93 12.82 -1.93
CA HIS A 74 6.75 12.96 -0.49
C HIS A 74 5.27 12.85 -0.11
N LEU A 75 5.01 12.69 1.18
CA LEU A 75 3.64 12.58 1.67
C LEU A 75 3.31 13.69 2.65
N GLN A 76 2.13 14.28 2.51
CA GLN A 76 1.69 15.36 3.39
C GLN A 76 0.51 14.92 4.23
N CYS A 77 0.56 15.25 5.52
CA CYS A 77 -0.52 14.90 6.45
C CYS A 77 -1.03 16.12 7.19
N THR A 78 -2.35 16.29 7.23
CA THR A 78 -2.96 17.43 7.91
C THR A 78 -3.34 17.06 9.34
N ARG A 79 -3.43 18.09 10.19
CA ARG A 79 -3.78 17.87 11.59
C ARG A 79 -4.35 19.15 12.21
N ASP A 80 -5.63 19.12 12.55
CA ASP A 80 -6.29 20.28 13.14
C ASP A 80 -6.09 21.52 12.28
N GLY A 81 -6.16 21.34 10.96
CA GLY A 81 -5.99 22.46 10.05
C GLY A 81 -4.56 22.94 9.99
N LEU A 82 -3.63 22.09 10.44
CA LEU A 82 -2.20 22.43 10.43
C LEU A 82 -1.45 21.57 9.43
N PRO A 83 -1.02 22.19 8.33
CA PRO A 83 -0.26 21.50 7.27
C PRO A 83 1.14 21.12 7.73
N LEU A 84 1.28 19.91 8.26
CA LEU A 84 2.57 19.42 8.73
C LEU A 84 3.55 19.28 7.58
N PRO A 85 4.85 19.26 7.89
CA PRO A 85 5.91 19.13 6.89
C PRO A 85 5.95 17.73 6.28
N ALA A 86 5.67 17.67 4.98
CA ALA A 86 5.67 16.39 4.26
C ALA A 86 7.06 15.76 4.28
N LEU A 87 7.10 14.42 4.25
CA LEU A 87 8.36 13.70 4.27
C LEU A 87 8.25 12.41 3.46
N GLY A 88 9.25 12.17 2.61
CA GLY A 88 9.25 10.97 1.78
C GLY A 88 9.27 9.70 2.62
N LEU A 89 8.10 9.09 2.80
CA LEU A 89 7.99 7.87 3.58
C LEU A 89 8.42 6.66 2.75
N HIS A 90 9.73 6.55 2.48
CA HIS A 90 10.26 5.44 1.71
C HIS A 90 11.11 4.53 2.58
N ARG A 91 11.12 4.80 3.88
CA ARG A 91 11.90 4.01 4.82
C ARG A 91 11.31 2.60 4.95
N PHE A 92 10.05 2.45 4.58
CA PHE A 92 9.38 1.16 4.66
C PHE A 92 8.78 0.77 3.31
N PRO A 93 8.60 -0.53 3.09
CA PRO A 93 8.02 -1.06 1.86
C PRO A 93 6.55 -0.73 1.70
N PHE A 94 5.84 -0.69 2.83
CA PHE A 94 4.41 -0.38 2.82
C PHE A 94 3.99 0.29 4.13
N TYR A 95 2.73 0.69 4.20
CA TYR A 95 2.20 1.35 5.40
C TYR A 95 0.77 0.93 5.66
N LEU A 96 0.56 0.17 6.73
CA LEU A 96 -0.77 -0.30 7.10
C LEU A 96 -1.47 0.70 8.02
N PHE A 97 -2.75 0.93 7.78
CA PHE A 97 -3.54 1.86 8.57
C PHE A 97 -4.75 1.16 9.18
N GLY A 98 -4.91 1.31 10.50
CA GLY A 98 -6.03 0.70 11.18
C GLY A 98 -6.04 1.01 12.66
N ARG A 99 -6.73 0.17 13.44
CA ARG A 99 -6.83 0.37 14.88
C ARG A 99 -6.00 -0.67 15.63
N SER A 100 -5.47 -1.63 14.89
CA SER A 100 -4.66 -2.69 15.48
C SER A 100 -3.29 -2.17 15.87
N LYS A 101 -2.63 -2.89 16.78
CA LYS A 101 -1.30 -2.50 17.24
C LYS A 101 -0.23 -2.93 16.23
N VAL A 102 -0.58 -3.87 15.37
CA VAL A 102 0.35 -4.37 14.36
C VAL A 102 0.40 -3.44 13.16
N CYS A 103 -0.58 -2.54 13.06
CA CYS A 103 -0.63 -1.59 11.96
C CYS A 103 0.39 -0.48 12.15
N ASP A 104 0.86 0.09 11.04
CA ASP A 104 1.85 1.15 11.07
C ASP A 104 1.26 2.41 11.70
N TYR A 105 -0.06 2.53 11.66
CA TYR A 105 -0.75 3.69 12.21
C TYR A 105 -1.95 3.27 13.05
N VAL A 106 -1.83 3.41 14.36
CA VAL A 106 -2.90 3.04 15.27
C VAL A 106 -3.61 4.28 15.81
N LEU A 107 -4.84 4.50 15.36
CA LEU A 107 -5.63 5.65 15.80
C LEU A 107 -6.84 5.20 16.61
N GLU A 108 -7.75 6.13 16.86
CA GLU A 108 -8.95 5.83 17.63
C GLU A 108 -10.18 6.45 16.96
N HIS A 109 -11.01 5.61 16.36
CA HIS A 109 -12.22 6.06 15.69
C HIS A 109 -13.22 4.92 15.53
N PRO A 110 -14.52 5.27 15.59
CA PRO A 110 -15.61 4.28 15.46
C PRO A 110 -15.71 3.72 14.04
N SER A 111 -15.09 4.41 13.10
CA SER A 111 -15.12 3.99 11.70
C SER A 111 -13.85 3.23 11.34
N ILE A 112 -12.77 3.52 12.06
CA ILE A 112 -11.49 2.86 11.82
C ILE A 112 -11.47 1.46 12.41
N SER A 113 -11.34 0.45 11.55
CA SER A 113 -11.31 -0.94 11.98
C SER A 113 -9.87 -1.41 12.19
N SER A 114 -9.72 -2.59 12.77
CA SER A 114 -8.41 -3.16 13.02
C SER A 114 -7.49 -2.98 11.82
N VAL A 115 -8.01 -3.31 10.64
CA VAL A 115 -7.24 -3.18 9.41
C VAL A 115 -8.09 -2.58 8.29
N HIS A 116 -8.15 -1.25 8.24
CA HIS A 116 -8.94 -0.56 7.23
C HIS A 116 -8.36 -0.82 5.84
N ALA A 117 -7.06 -0.60 5.68
CA ALA A 117 -6.40 -0.82 4.40
C ALA A 117 -4.89 -0.69 4.54
N VAL A 118 -4.17 -0.97 3.45
CA VAL A 118 -2.72 -0.88 3.45
C VAL A 118 -2.18 -0.46 2.09
N LEU A 119 -1.19 0.42 2.09
CA LEU A 119 -0.60 0.91 0.84
C LEU A 119 0.83 0.41 0.69
N VAL A 120 1.19 -0.01 -0.52
CA VAL A 120 2.53 -0.51 -0.80
C VAL A 120 3.14 0.20 -2.00
N PHE A 121 4.41 0.58 -1.87
CA PHE A 121 5.11 1.27 -2.95
C PHE A 121 5.31 0.35 -4.14
N HIS A 122 4.48 0.52 -5.17
CA HIS A 122 4.57 -0.29 -6.37
C HIS A 122 5.83 0.05 -7.17
N GLY A 123 6.81 -0.86 -7.13
CA GLY A 123 8.05 -0.63 -7.86
C GLY A 123 7.88 -0.79 -9.35
N GLY A 124 6.67 -1.18 -9.78
CA GLY A 124 6.41 -1.36 -11.20
C GLY A 124 5.92 -0.09 -11.86
N GLN A 125 4.99 0.60 -11.19
CA GLN A 125 4.44 1.84 -11.73
C GLN A 125 4.85 3.04 -10.87
N ARG A 126 5.75 2.79 -9.92
CA ARG A 126 6.22 3.86 -9.04
C ARG A 126 5.04 4.61 -8.42
N CYS A 127 4.18 3.89 -7.74
CA CYS A 127 3.00 4.49 -7.10
C CYS A 127 2.46 3.58 -6.00
N PHE A 128 2.09 4.18 -4.87
CA PHE A 128 1.55 3.42 -3.75
C PHE A 128 0.19 2.83 -4.09
N VAL A 129 0.02 1.54 -3.81
CA VAL A 129 -1.23 0.86 -4.08
C VAL A 129 -1.98 0.52 -2.79
N LEU A 130 -3.08 1.22 -2.55
CA LEU A 130 -3.88 0.99 -1.35
C LEU A 130 -5.11 0.16 -1.67
N MET A 131 -5.37 -0.85 -0.86
CA MET A 131 -6.52 -1.73 -1.04
C MET A 131 -7.26 -1.94 0.27
N ASP A 132 -8.58 -1.79 0.22
CA ASP A 132 -9.41 -1.96 1.41
C ASP A 132 -9.88 -3.40 1.54
N LEU A 133 -9.75 -3.97 2.74
CA LEU A 133 -10.15 -5.33 2.99
C LEU A 133 -11.67 -5.47 2.95
N GLY A 134 -12.35 -4.34 2.85
CA GLY A 134 -13.81 -4.35 2.81
C GLY A 134 -14.43 -3.71 4.03
N SER A 135 -13.99 -2.49 4.34
CA SER A 135 -14.50 -1.77 5.50
C SER A 135 -15.97 -1.39 5.30
N THR A 136 -16.84 -1.92 6.15
CA THR A 136 -18.26 -1.64 6.06
C THR A 136 -18.54 -0.14 6.10
N ASN A 137 -17.61 0.60 6.70
CA ASN A 137 -17.74 2.05 6.81
C ASN A 137 -17.66 2.71 5.43
N GLY A 138 -16.48 2.66 4.83
CA GLY A 138 -16.28 3.25 3.52
C GLY A 138 -15.03 4.12 3.45
N VAL A 139 -14.10 3.73 2.59
CA VAL A 139 -12.85 4.46 2.43
C VAL A 139 -13.00 5.56 1.38
N LYS A 140 -12.20 6.61 1.52
CA LYS A 140 -12.24 7.74 0.58
C LYS A 140 -10.90 7.89 -0.13
N LEU A 141 -10.95 7.98 -1.45
CA LEU A 141 -9.73 8.14 -2.24
C LEU A 141 -9.81 9.38 -3.12
N ASN A 142 -8.68 10.06 -3.28
CA ASN A 142 -8.62 11.27 -4.10
C ASN A 142 -9.61 12.30 -3.60
N GLY A 143 -10.01 12.19 -2.34
CA GLY A 143 -10.95 13.12 -1.77
C GLY A 143 -12.39 12.82 -2.17
N ASN A 144 -12.63 11.59 -2.59
CA ASN A 144 -13.96 11.17 -3.02
C ASN A 144 -14.21 9.70 -2.67
N ARG A 145 -15.43 9.40 -2.26
CA ARG A 145 -15.81 8.03 -1.90
C ARG A 145 -15.38 7.05 -2.99
N ILE A 146 -15.16 5.80 -2.60
CA ILE A 146 -14.75 4.77 -3.55
C ILE A 146 -15.21 3.39 -3.07
N GLU A 147 -14.79 2.35 -3.80
CA GLU A 147 -15.16 0.98 -3.46
C GLU A 147 -14.03 0.30 -2.69
N LYS A 148 -14.32 -0.89 -2.17
CA LYS A 148 -13.34 -1.65 -1.41
C LYS A 148 -12.97 -2.94 -2.13
N ARG A 149 -12.08 -3.72 -1.53
CA ARG A 149 -11.65 -4.99 -2.11
C ARG A 149 -11.20 -4.79 -3.56
N ARG A 150 -10.58 -3.64 -3.84
CA ARG A 150 -10.11 -3.33 -5.18
C ARG A 150 -8.85 -2.47 -5.12
N PRO A 151 -8.10 -2.44 -6.24
CA PRO A 151 -6.87 -1.65 -6.34
C PRO A 151 -7.14 -0.15 -6.36
N LEU A 152 -6.63 0.54 -5.34
CA LEU A 152 -6.82 1.99 -5.25
C LEU A 152 -5.48 2.69 -5.05
N PRO A 153 -4.77 2.93 -6.16
CA PRO A 153 -3.47 3.60 -6.14
C PRO A 153 -3.58 5.08 -5.79
N ALA A 154 -2.59 5.59 -5.06
CA ALA A 154 -2.58 6.99 -4.65
C ALA A 154 -1.29 7.68 -5.08
N PRO A 155 -1.22 8.06 -6.36
CA PRO A 155 -0.04 8.73 -6.92
C PRO A 155 0.13 10.15 -6.39
N VAL A 156 1.15 10.85 -6.88
CA VAL A 156 1.42 12.22 -6.44
C VAL A 156 0.33 13.17 -6.92
N GLY A 157 0.04 14.18 -6.11
CA GLY A 157 -0.97 15.15 -6.47
C GLY A 157 -2.37 14.72 -6.04
N SER A 158 -2.49 13.45 -5.64
CA SER A 158 -3.77 12.92 -5.21
C SER A 158 -3.90 12.96 -3.69
N SER A 159 -5.04 12.52 -3.18
CA SER A 159 -5.30 12.51 -1.75
C SER A 159 -5.80 11.14 -1.29
N ILE A 160 -5.74 10.91 0.02
CA ILE A 160 -6.19 9.64 0.58
C ILE A 160 -6.95 9.86 1.89
N GLN A 161 -7.95 9.04 2.14
CA GLN A 161 -8.75 9.14 3.36
C GLN A 161 -9.31 7.79 3.76
N PHE A 162 -9.49 7.59 5.06
CA PHE A 162 -10.02 6.33 5.59
C PHE A 162 -10.89 6.57 6.81
N GLY A 163 -12.04 5.92 6.85
CA GLY A 163 -12.94 6.07 7.98
C GLY A 163 -13.43 7.50 8.14
N PHE A 164 -13.46 7.97 9.38
CA PHE A 164 -13.91 9.34 9.66
C PHE A 164 -12.78 10.18 10.23
N SER A 165 -11.54 9.73 10.00
CA SER A 165 -10.36 10.44 10.50
C SER A 165 -10.39 11.90 10.05
N SER A 166 -9.69 12.75 10.79
CA SER A 166 -9.63 14.17 10.48
C SER A 166 -8.45 14.49 9.57
N ARG A 167 -7.34 13.78 9.78
CA ARG A 167 -6.15 13.98 8.98
C ARG A 167 -6.31 13.38 7.59
N VAL A 168 -5.57 13.91 6.63
CA VAL A 168 -5.63 13.42 5.25
C VAL A 168 -4.24 13.28 4.65
N TYR A 169 -4.03 12.20 3.91
CA TYR A 169 -2.74 11.94 3.28
C TYR A 169 -2.71 12.46 1.85
N LYS A 170 -2.09 13.62 1.66
CA LYS A 170 -1.99 14.24 0.34
C LYS A 170 -0.61 14.01 -0.27
N VAL A 171 -0.56 13.18 -1.31
CA VAL A 171 0.69 12.87 -1.98
C VAL A 171 1.09 14.01 -2.93
N GLN A 172 2.39 14.14 -3.16
CA GLN A 172 2.91 15.18 -4.06
C GLN A 172 4.32 14.84 -4.53
N LEU A 173 4.65 15.27 -5.74
CA LEU A 173 5.97 15.02 -6.32
C LEU A 173 6.93 16.15 -5.97
N GLY A 174 8.18 15.78 -5.66
CA GLY A 174 9.17 16.76 -5.32
C GLY A 174 9.58 17.61 -6.50
N PRO A 175 10.31 18.71 -6.23
CA PRO A 175 10.77 19.63 -7.28
C PRO A 175 11.85 19.01 -8.16
N PRO A 176 12.14 19.67 -9.29
CA PRO A 176 13.15 19.20 -10.25
C PRO A 176 14.56 19.31 -9.69
N SER A 177 15.54 18.84 -10.46
CA SER A 177 16.93 18.88 -10.04
C SER A 177 17.59 20.18 -10.48
N SER A 178 17.01 21.31 -10.05
CA SER A 178 17.54 22.62 -10.40
C SER A 178 17.94 23.39 -9.15
N SER A 179 19.16 23.90 -9.13
CA SER A 179 19.68 24.65 -7.99
C SER A 179 19.79 26.13 -8.34
N GLY A 1 82.15 -54.91 -5.08
CA GLY A 1 80.76 -55.23 -5.31
C GLY A 1 79.91 -53.99 -5.52
N PRO A 2 80.08 -53.33 -6.66
CA PRO A 2 79.33 -52.12 -7.01
C PRO A 2 77.86 -52.40 -7.28
N MET A 3 76.98 -51.67 -6.60
CA MET A 3 75.54 -51.85 -6.77
C MET A 3 74.90 -50.57 -7.28
N VAL A 4 73.89 -50.72 -8.12
CA VAL A 4 73.17 -49.57 -8.68
C VAL A 4 71.79 -49.43 -8.07
N THR A 5 71.36 -48.19 -7.86
CA THR A 5 70.04 -47.92 -7.29
C THR A 5 69.50 -46.58 -7.76
N SER A 6 68.21 -46.53 -8.04
CA SER A 6 67.56 -45.31 -8.50
C SER A 6 67.33 -44.35 -7.34
N THR A 7 67.00 -43.10 -7.67
CA THR A 7 66.75 -42.08 -6.66
C THR A 7 65.26 -41.87 -6.45
N GLY A 8 64.47 -42.28 -7.43
CA GLY A 8 63.03 -42.13 -7.34
C GLY A 8 62.59 -40.69 -7.54
N LEU A 9 63.46 -39.89 -8.13
CA LEU A 9 63.16 -38.48 -8.39
C LEU A 9 62.16 -38.33 -9.53
N LEU A 10 60.89 -38.14 -9.19
CA LEU A 10 59.85 -37.98 -10.19
C LEU A 10 59.98 -36.64 -10.91
N SER A 11 60.25 -36.69 -12.21
CA SER A 11 60.40 -35.48 -13.01
C SER A 11 59.09 -35.13 -13.72
N ARG A 12 58.72 -33.85 -13.64
CA ARG A 12 57.49 -33.38 -14.26
C ARG A 12 57.77 -32.85 -15.68
N VAL A 13 56.80 -33.04 -16.57
CA VAL A 13 56.93 -32.59 -17.94
C VAL A 13 56.45 -31.15 -18.10
N ALA A 14 57.04 -30.43 -19.05
CA ALA A 14 56.67 -29.04 -19.30
C ALA A 14 55.22 -28.94 -19.76
N ALA A 15 54.65 -27.74 -19.63
CA ALA A 15 53.26 -27.52 -20.03
C ALA A 15 53.17 -26.40 -21.07
N VAL A 16 52.00 -26.27 -21.69
CA VAL A 16 51.79 -25.24 -22.70
C VAL A 16 50.73 -24.23 -22.25
N GLU A 17 51.16 -23.01 -22.00
CA GLU A 17 50.25 -21.96 -21.55
C GLU A 17 50.33 -20.75 -22.48
N LYS A 18 49.30 -20.57 -23.31
CA LYS A 18 49.25 -19.45 -24.25
C LYS A 18 48.30 -18.37 -23.74
N ALA A 19 48.43 -17.17 -24.31
CA ALA A 19 47.59 -16.05 -23.92
C ALA A 19 46.51 -15.78 -24.97
N ALA A 20 45.27 -15.66 -24.53
CA ALA A 20 44.16 -15.40 -25.43
C ALA A 20 42.92 -14.92 -24.66
N GLU A 21 42.18 -13.99 -25.26
CA GLU A 21 40.99 -13.45 -24.63
C GLU A 21 39.85 -14.47 -24.63
N ILE A 22 39.63 -15.10 -23.48
CA ILE A 22 38.58 -16.11 -23.35
C ILE A 22 37.36 -15.53 -22.64
N ALA A 23 36.19 -15.83 -23.16
CA ALA A 23 34.94 -15.36 -22.58
C ALA A 23 34.74 -15.92 -21.17
N LYS A 24 34.55 -15.03 -20.20
CA LYS A 24 34.35 -15.43 -18.81
C LYS A 24 33.20 -16.44 -18.71
N PRO A 25 33.17 -17.18 -17.60
CA PRO A 25 32.13 -18.18 -17.34
C PRO A 25 30.76 -17.56 -17.07
N PRO A 26 29.72 -18.40 -17.08
CA PRO A 26 28.35 -17.94 -16.85
C PRO A 26 28.12 -17.52 -15.40
N PRO A 27 26.98 -16.86 -15.15
CA PRO A 27 26.62 -16.39 -13.81
C PRO A 27 26.28 -17.53 -12.86
N PRO A 28 26.18 -17.22 -11.56
CA PRO A 28 25.87 -18.21 -10.53
C PRO A 28 24.42 -18.69 -10.62
N LYS A 29 24.06 -19.63 -9.75
CA LYS A 29 22.70 -20.17 -9.73
C LYS A 29 22.05 -19.95 -8.37
N VAL A 30 20.75 -19.72 -8.37
CA VAL A 30 20.00 -19.49 -7.14
C VAL A 30 20.27 -20.60 -6.13
N VAL A 31 20.31 -20.23 -4.85
CA VAL A 31 20.55 -21.20 -3.78
C VAL A 31 19.73 -20.87 -2.54
N GLU A 32 19.33 -21.91 -1.82
CA GLU A 32 18.53 -21.73 -0.62
C GLU A 32 19.19 -20.73 0.33
N LEU A 33 18.44 -20.30 1.35
CA LEU A 33 18.95 -19.34 2.32
C LEU A 33 20.30 -19.81 2.90
N THR A 34 21.28 -18.92 2.89
CA THR A 34 22.61 -19.24 3.40
C THR A 34 22.64 -19.11 4.92
N GLU A 35 23.72 -19.61 5.52
CA GLU A 35 23.89 -19.56 6.97
C GLU A 35 23.85 -18.12 7.47
N ALA A 36 24.47 -17.23 6.71
CA ALA A 36 24.51 -15.82 7.07
C ALA A 36 23.16 -15.14 6.82
N ALA A 37 22.40 -15.70 5.89
CA ALA A 37 21.09 -15.15 5.56
C ALA A 37 20.17 -15.16 6.77
N LYS A 38 20.40 -16.08 7.69
CA LYS A 38 19.60 -16.20 8.91
C LYS A 38 20.09 -15.24 9.98
N GLN A 39 21.40 -15.04 10.03
CA GLN A 39 22.01 -14.15 11.02
C GLN A 39 21.73 -12.69 10.66
N LEU A 40 21.92 -12.35 9.39
CA LEU A 40 21.70 -10.99 8.91
C LEU A 40 20.47 -10.92 8.02
N PRO A 41 19.29 -10.75 8.65
CA PRO A 41 18.02 -10.66 7.94
C PRO A 41 17.90 -9.36 7.14
N GLN A 42 16.75 -9.19 6.49
CA GLN A 42 16.50 -7.99 5.70
C GLN A 42 16.61 -6.74 6.56
N HIS A 43 16.58 -5.57 5.91
CA HIS A 43 16.68 -4.30 6.61
C HIS A 43 15.42 -4.04 7.43
N ILE A 44 14.26 -4.24 6.81
CA ILE A 44 12.98 -4.03 7.48
C ILE A 44 12.61 -5.24 8.34
N ILE A 45 13.06 -6.42 7.92
CA ILE A 45 12.77 -7.64 8.65
C ILE A 45 13.68 -7.79 9.86
N GLY A 46 14.85 -7.15 9.79
CA GLY A 46 15.80 -7.22 10.89
C GLY A 46 15.31 -6.50 12.13
N VAL A 47 14.25 -5.71 11.97
CA VAL A 47 13.68 -4.96 13.08
C VAL A 47 12.33 -5.51 13.49
N THR A 48 11.65 -6.18 12.55
CA THR A 48 10.34 -6.76 12.80
C THR A 48 10.46 -8.02 13.66
N ASP A 49 9.40 -8.32 14.40
CA ASP A 49 9.38 -9.51 15.26
C ASP A 49 8.94 -10.73 14.48
N PRO A 50 9.25 -11.93 15.01
CA PRO A 50 8.89 -13.20 14.38
C PRO A 50 7.38 -13.46 14.43
N THR A 51 6.76 -13.08 15.54
CA THR A 51 5.32 -13.28 15.71
C THR A 51 4.54 -12.07 15.23
N LYS A 52 5.24 -10.96 15.02
CA LYS A 52 4.61 -9.73 14.55
C LYS A 52 4.44 -9.74 13.04
N LEU A 53 5.55 -9.88 12.32
CA LEU A 53 5.52 -9.92 10.86
C LEU A 53 4.71 -11.11 10.36
N ASN A 54 4.48 -12.08 11.26
CA ASN A 54 3.72 -13.28 10.90
C ASN A 54 2.22 -13.00 10.97
N ALA A 55 1.80 -12.23 11.98
CA ALA A 55 0.39 -11.90 12.15
C ALA A 55 -0.08 -10.96 11.06
N GLN A 56 0.86 -10.29 10.39
CA GLN A 56 0.53 -9.37 9.33
C GLN A 56 0.40 -10.09 7.98
N VAL A 57 0.89 -11.33 7.95
CA VAL A 57 0.84 -12.13 6.73
C VAL A 57 -0.60 -12.48 6.36
N SER A 58 -1.39 -12.83 7.38
CA SER A 58 -2.78 -13.19 7.16
C SER A 58 -3.55 -12.03 6.53
N TYR A 59 -3.00 -10.83 6.66
CA TYR A 59 -3.64 -9.64 6.10
C TYR A 59 -3.04 -9.29 4.74
N PHE A 60 -1.71 -9.34 4.66
CA PHE A 60 -1.01 -9.03 3.42
C PHE A 60 0.49 -9.20 3.58
N GLN A 61 1.13 -9.77 2.57
CA GLN A 61 2.57 -10.00 2.60
C GLN A 61 3.29 -9.06 1.64
N CYS A 62 4.40 -8.48 2.10
CA CYS A 62 5.17 -7.56 1.28
C CYS A 62 5.64 -8.24 0.00
N PRO A 63 5.11 -7.77 -1.15
CA PRO A 63 5.47 -8.32 -2.46
C PRO A 63 6.89 -7.98 -2.87
N PRO A 64 7.37 -8.63 -3.94
CA PRO A 64 8.72 -8.42 -4.46
C PRO A 64 8.89 -7.04 -5.09
N TRP A 65 7.85 -6.60 -5.80
CA TRP A 65 7.89 -5.30 -6.45
C TRP A 65 7.74 -4.16 -5.44
N ALA A 66 7.50 -4.53 -4.19
CA ALA A 66 7.33 -3.55 -3.12
C ALA A 66 8.68 -3.02 -2.65
N ALA A 67 8.70 -1.79 -2.16
CA ALA A 67 9.92 -1.17 -1.68
C ALA A 67 10.93 -0.99 -2.80
N LEU A 68 10.47 -0.47 -3.93
CA LEU A 68 11.34 -0.26 -5.08
C LEU A 68 10.92 0.99 -5.85
N PRO A 69 11.11 2.17 -5.22
CA PRO A 69 10.76 3.46 -5.83
C PRO A 69 11.68 3.82 -6.99
N SER A 70 11.15 4.60 -7.93
CA SER A 70 11.93 5.02 -9.10
C SER A 70 11.69 6.49 -9.40
N VAL A 71 11.02 7.18 -8.49
CA VAL A 71 10.73 8.60 -8.66
C VAL A 71 10.82 9.34 -7.33
N ALA A 72 11.15 10.64 -7.39
CA ALA A 72 11.26 11.45 -6.20
C ALA A 72 9.93 12.09 -5.85
N CYS A 73 9.38 11.73 -4.69
CA CYS A 73 8.11 12.27 -4.24
C CYS A 73 8.04 12.29 -2.71
N HIS A 74 6.94 12.81 -2.18
CA HIS A 74 6.74 12.90 -0.74
C HIS A 74 5.27 12.77 -0.38
N LEU A 75 4.99 12.58 0.91
CA LEU A 75 3.62 12.46 1.39
C LEU A 75 3.31 13.51 2.44
N GLN A 76 2.13 14.13 2.32
CA GLN A 76 1.72 15.15 3.26
C GLN A 76 0.54 14.66 4.11
N CYS A 77 0.61 14.92 5.42
CA CYS A 77 -0.45 14.52 6.34
C CYS A 77 -0.94 15.70 7.15
N THR A 78 -2.26 15.80 7.32
CA THR A 78 -2.85 16.88 8.08
C THR A 78 -3.36 16.39 9.43
N ARG A 79 -3.26 17.25 10.44
CA ARG A 79 -3.69 16.91 11.79
C ARG A 79 -4.26 18.13 12.51
N ASP A 80 -5.55 18.07 12.84
CA ASP A 80 -6.20 19.17 13.53
C ASP A 80 -6.03 20.48 12.77
N GLY A 81 -6.07 20.39 11.45
CA GLY A 81 -5.91 21.57 10.62
C GLY A 81 -4.48 22.09 10.60
N LEU A 82 -3.54 21.24 10.98
CA LEU A 82 -2.14 21.61 11.02
C LEU A 82 -1.36 20.91 9.91
N PRO A 83 -0.95 21.69 8.89
CA PRO A 83 -0.19 21.16 7.76
C PRO A 83 1.23 20.75 8.15
N LEU A 84 1.42 19.48 8.45
CA LEU A 84 2.73 18.96 8.84
C LEU A 84 3.66 18.87 7.64
N PRO A 85 4.97 18.84 7.91
CA PRO A 85 5.99 18.75 6.86
C PRO A 85 5.99 17.39 6.16
N ALA A 86 5.68 17.39 4.87
CA ALA A 86 5.66 16.17 4.09
C ALA A 86 7.05 15.56 3.96
N LEU A 87 7.11 14.22 3.94
CA LEU A 87 8.39 13.53 3.83
C LEU A 87 8.21 12.21 3.08
N GLY A 88 9.21 11.86 2.28
CA GLY A 88 9.16 10.62 1.52
C GLY A 88 9.04 9.40 2.42
N LEU A 89 7.84 8.82 2.48
CA LEU A 89 7.60 7.65 3.30
C LEU A 89 8.19 6.39 2.65
N HIS A 90 9.51 6.31 2.64
CA HIS A 90 10.20 5.17 2.06
C HIS A 90 10.90 4.34 3.13
N ARG A 91 10.67 4.71 4.39
CA ARG A 91 11.28 4.00 5.51
C ARG A 91 10.70 2.60 5.66
N PHE A 92 9.53 2.39 5.08
CA PHE A 92 8.86 1.10 5.13
C PHE A 92 8.26 0.72 3.78
N PRO A 93 8.10 -0.59 3.55
CA PRO A 93 7.54 -1.10 2.30
C PRO A 93 6.05 -0.80 2.16
N PHE A 94 5.38 -0.62 3.29
CA PHE A 94 3.95 -0.31 3.29
C PHE A 94 3.55 0.40 4.58
N TYR A 95 2.27 0.74 4.69
CA TYR A 95 1.76 1.43 5.86
C TYR A 95 0.33 0.97 6.19
N LEU A 96 0.19 0.27 7.31
CA LEU A 96 -1.11 -0.24 7.73
C LEU A 96 -1.79 0.75 8.66
N PHE A 97 -3.02 1.15 8.31
CA PHE A 97 -3.78 2.09 9.13
C PHE A 97 -5.03 1.43 9.69
N GLY A 98 -5.06 1.24 11.00
CA GLY A 98 -6.21 0.62 11.65
C GLY A 98 -6.21 0.81 13.15
N ARG A 99 -6.79 -0.14 13.87
CA ARG A 99 -6.85 -0.07 15.32
C ARG A 99 -6.13 -1.26 15.96
N SER A 100 -5.63 -2.15 15.12
CA SER A 100 -4.91 -3.33 15.59
C SER A 100 -3.51 -2.97 16.06
N LYS A 101 -2.90 -3.86 16.83
CA LYS A 101 -1.55 -3.63 17.34
C LYS A 101 -0.51 -4.01 16.30
N VAL A 102 -0.96 -4.62 15.21
CA VAL A 102 -0.06 -5.03 14.14
C VAL A 102 0.06 -3.95 13.07
N CYS A 103 -0.89 -3.01 13.08
CA CYS A 103 -0.90 -1.93 12.12
C CYS A 103 0.33 -1.03 12.30
N ASP A 104 0.52 -0.11 11.36
CA ASP A 104 1.65 0.81 11.43
C ASP A 104 1.23 2.17 11.98
N TYR A 105 -0.07 2.31 12.24
CA TYR A 105 -0.61 3.56 12.77
C TYR A 105 -1.84 3.29 13.62
N VAL A 106 -1.69 3.43 14.94
CA VAL A 106 -2.79 3.21 15.86
C VAL A 106 -3.55 4.50 16.14
N LEU A 107 -4.77 4.59 15.61
CA LEU A 107 -5.59 5.78 15.79
C LEU A 107 -6.79 5.47 16.69
N GLU A 108 -7.73 6.40 16.74
CA GLU A 108 -8.92 6.23 17.57
C GLU A 108 -10.17 6.71 16.83
N HIS A 109 -10.99 5.76 16.39
CA HIS A 109 -12.22 6.08 15.67
C HIS A 109 -13.13 4.87 15.60
N PRO A 110 -14.46 5.12 15.69
CA PRO A 110 -15.46 4.06 15.64
C PRO A 110 -15.58 3.43 14.25
N SER A 111 -14.98 4.08 13.26
CA SER A 111 -15.02 3.59 11.89
C SER A 111 -13.72 2.87 11.54
N ILE A 112 -12.62 3.27 12.20
CA ILE A 112 -11.32 2.66 11.95
C ILE A 112 -11.23 1.28 12.59
N SER A 113 -11.22 0.24 11.75
CA SER A 113 -11.14 -1.12 12.24
C SER A 113 -9.68 -1.58 12.37
N SER A 114 -9.48 -2.74 12.98
CA SER A 114 -8.13 -3.27 13.17
C SER A 114 -7.28 -3.07 11.92
N VAL A 115 -7.90 -3.27 10.76
CA VAL A 115 -7.19 -3.11 9.49
C VAL A 115 -8.11 -2.47 8.44
N HIS A 116 -8.25 -1.15 8.53
CA HIS A 116 -9.09 -0.41 7.59
C HIS A 116 -8.52 -0.50 6.17
N ALA A 117 -7.23 -0.23 6.04
CA ALA A 117 -6.57 -0.28 4.73
C ALA A 117 -5.06 -0.27 4.88
N VAL A 118 -4.36 -0.43 3.76
CA VAL A 118 -2.90 -0.42 3.78
C VAL A 118 -2.34 -0.02 2.42
N LEU A 119 -1.33 0.84 2.43
CA LEU A 119 -0.70 1.30 1.20
C LEU A 119 0.72 0.76 1.06
N VAL A 120 1.09 0.38 -0.15
CA VAL A 120 2.42 -0.16 -0.41
C VAL A 120 3.07 0.55 -1.59
N PHE A 121 4.34 0.92 -1.43
CA PHE A 121 5.09 1.60 -2.49
C PHE A 121 5.25 0.69 -3.71
N HIS A 122 4.34 0.83 -4.67
CA HIS A 122 4.38 0.03 -5.88
C HIS A 122 5.63 0.35 -6.71
N GLY A 123 6.58 -0.58 -6.72
CA GLY A 123 7.80 -0.38 -7.47
C GLY A 123 7.60 -0.52 -8.97
N GLY A 124 6.39 -0.88 -9.36
CA GLY A 124 6.09 -1.04 -10.78
C GLY A 124 5.63 0.25 -11.41
N GLN A 125 4.78 1.00 -10.71
CA GLN A 125 4.26 2.26 -11.22
C GLN A 125 4.75 3.43 -10.39
N ARG A 126 5.64 3.14 -9.43
CA ARG A 126 6.18 4.17 -8.55
C ARG A 126 5.07 4.96 -7.89
N CYS A 127 4.04 4.26 -7.44
CA CYS A 127 2.90 4.91 -6.79
C CYS A 127 2.32 4.01 -5.70
N PHE A 128 2.01 4.61 -4.55
CA PHE A 128 1.45 3.87 -3.42
C PHE A 128 0.06 3.32 -3.77
N VAL A 129 -0.15 2.05 -3.47
CA VAL A 129 -1.42 1.40 -3.75
C VAL A 129 -2.15 1.06 -2.45
N LEU A 130 -3.23 1.79 -2.17
CA LEU A 130 -4.02 1.56 -0.96
C LEU A 130 -5.30 0.80 -1.29
N MET A 131 -5.50 -0.32 -0.59
CA MET A 131 -6.69 -1.13 -0.80
C MET A 131 -7.41 -1.39 0.52
N ASP A 132 -8.74 -1.35 0.48
CA ASP A 132 -9.55 -1.57 1.67
C ASP A 132 -9.85 -3.05 1.85
N LEU A 133 -9.66 -3.55 3.06
CA LEU A 133 -9.91 -4.96 3.36
C LEU A 133 -11.36 -5.32 3.10
N GLY A 134 -12.22 -4.30 3.09
CA GLY A 134 -13.64 -4.53 2.86
C GLY A 134 -14.49 -4.23 4.08
N SER A 135 -14.22 -3.10 4.72
CA SER A 135 -14.96 -2.70 5.91
C SER A 135 -16.34 -2.16 5.54
N THR A 136 -17.26 -2.20 6.50
CA THR A 136 -18.62 -1.72 6.27
C THR A 136 -18.62 -0.22 5.99
N ASN A 137 -17.59 0.47 6.47
CA ASN A 137 -17.48 1.91 6.26
C ASN A 137 -16.95 2.23 4.87
N GLY A 138 -15.68 1.87 4.64
CA GLY A 138 -15.07 2.13 3.35
C GLY A 138 -14.16 3.34 3.37
N VAL A 139 -13.06 3.26 2.62
CA VAL A 139 -12.11 4.37 2.56
C VAL A 139 -12.42 5.30 1.40
N LYS A 140 -11.70 6.40 1.32
CA LYS A 140 -11.89 7.38 0.25
C LYS A 140 -10.67 7.46 -0.66
N LEU A 141 -10.91 7.53 -1.95
CA LEU A 141 -9.84 7.61 -2.94
C LEU A 141 -9.84 8.96 -3.64
N ASN A 142 -8.70 9.65 -3.58
CA ASN A 142 -8.57 10.96 -4.21
C ASN A 142 -9.57 11.96 -3.62
N GLY A 143 -10.02 11.68 -2.40
CA GLY A 143 -10.96 12.56 -1.74
C GLY A 143 -12.40 12.26 -2.12
N ASN A 144 -12.66 11.02 -2.53
CA ASN A 144 -14.00 10.61 -2.93
C ASN A 144 -14.27 9.17 -2.53
N ARG A 145 -15.44 8.92 -1.95
CA ARG A 145 -15.81 7.59 -1.52
C ARG A 145 -15.85 6.63 -2.71
N ILE A 146 -15.26 5.45 -2.53
CA ILE A 146 -15.22 4.45 -3.58
C ILE A 146 -15.40 3.05 -3.01
N GLU A 147 -15.47 2.06 -3.89
CA GLU A 147 -15.64 0.67 -3.48
C GLU A 147 -14.50 0.23 -2.56
N LYS A 148 -14.50 -1.04 -2.18
CA LYS A 148 -13.46 -1.59 -1.30
C LYS A 148 -12.83 -2.82 -1.93
N ARG A 149 -11.70 -3.25 -1.36
CA ARG A 149 -10.99 -4.42 -1.86
C ARG A 149 -10.59 -4.24 -3.31
N ARG A 150 -10.09 -3.05 -3.64
CA ARG A 150 -9.67 -2.74 -5.01
C ARG A 150 -8.42 -1.88 -5.01
N PRO A 151 -7.64 -1.95 -6.10
CA PRO A 151 -6.41 -1.18 -6.25
C PRO A 151 -6.68 0.31 -6.41
N LEU A 152 -6.46 1.07 -5.34
CA LEU A 152 -6.67 2.51 -5.37
C LEU A 152 -5.35 3.26 -5.28
N PRO A 153 -4.68 3.42 -6.43
CA PRO A 153 -3.39 4.12 -6.50
C PRO A 153 -3.54 5.62 -6.26
N ALA A 154 -2.72 6.14 -5.35
CA ALA A 154 -2.74 7.56 -5.03
C ALA A 154 -1.43 8.24 -5.40
N PRO A 155 -1.27 8.55 -6.71
CA PRO A 155 -0.06 9.20 -7.21
C PRO A 155 0.05 10.65 -6.76
N VAL A 156 1.20 11.26 -7.02
CA VAL A 156 1.44 12.65 -6.64
C VAL A 156 0.31 13.55 -7.12
N GLY A 157 -0.05 14.54 -6.29
CA GLY A 157 -1.12 15.45 -6.64
C GLY A 157 -2.48 14.95 -6.21
N SER A 158 -2.54 13.67 -5.83
CA SER A 158 -3.79 13.07 -5.40
C SER A 158 -3.91 13.08 -3.88
N SER A 159 -5.05 12.61 -3.37
CA SER A 159 -5.28 12.57 -1.93
C SER A 159 -5.77 11.18 -1.50
N ILE A 160 -5.73 10.93 -0.19
CA ILE A 160 -6.16 9.66 0.35
C ILE A 160 -6.87 9.84 1.68
N GLN A 161 -7.80 8.93 1.98
CA GLN A 161 -8.56 9.00 3.22
C GLN A 161 -9.02 7.61 3.65
N PHE A 162 -9.40 7.48 4.92
CA PHE A 162 -9.86 6.20 5.46
C PHE A 162 -10.69 6.41 6.73
N GLY A 163 -11.83 5.72 6.80
CA GLY A 163 -12.68 5.84 7.96
C GLY A 163 -13.28 7.24 8.10
N PHE A 164 -13.58 7.62 9.33
CA PHE A 164 -14.15 8.94 9.59
C PHE A 164 -13.10 9.90 10.14
N SER A 165 -11.83 9.50 10.02
CA SER A 165 -10.73 10.32 10.51
C SER A 165 -10.68 11.65 9.76
N SER A 166 -10.03 12.64 10.37
CA SER A 166 -9.90 13.96 9.78
C SER A 166 -8.63 14.06 8.95
N ARG A 167 -7.57 13.42 9.42
CA ARG A 167 -6.28 13.45 8.73
C ARG A 167 -6.45 13.02 7.28
N VAL A 168 -5.55 13.50 6.42
CA VAL A 168 -5.59 13.17 5.01
C VAL A 168 -4.19 13.06 4.42
N TYR A 169 -3.97 12.06 3.58
CA TYR A 169 -2.68 11.86 2.95
C TYR A 169 -2.64 12.45 1.54
N LYS A 170 -2.03 13.63 1.42
CA LYS A 170 -1.93 14.30 0.13
C LYS A 170 -0.56 14.07 -0.50
N VAL A 171 -0.55 13.29 -1.58
CA VAL A 171 0.69 13.00 -2.28
C VAL A 171 1.13 14.16 -3.16
N GLN A 172 2.43 14.27 -3.40
CA GLN A 172 2.97 15.34 -4.24
C GLN A 172 4.38 15.00 -4.73
N LEU A 173 4.73 15.53 -5.89
CA LEU A 173 6.04 15.28 -6.47
C LEU A 173 7.02 16.40 -6.13
N GLY A 174 8.24 16.03 -5.73
CA GLY A 174 9.24 17.01 -5.38
C GLY A 174 9.65 17.87 -6.57
N PRO A 175 10.54 18.84 -6.32
CA PRO A 175 11.03 19.75 -7.37
C PRO A 175 11.93 19.03 -8.37
N PRO A 176 12.22 19.72 -9.49
CA PRO A 176 13.08 19.18 -10.55
C PRO A 176 14.53 19.07 -10.13
N SER A 177 15.00 17.84 -9.89
CA SER A 177 16.37 17.61 -9.48
C SER A 177 17.26 17.28 -10.68
N SER A 178 18.56 17.25 -10.46
CA SER A 178 19.52 16.96 -11.52
C SER A 178 19.29 17.87 -12.72
N SER A 179 18.81 19.08 -12.45
CA SER A 179 18.55 20.05 -13.51
C SER A 179 18.93 21.46 -13.06
N GLY A 1 -41.82 -45.76 -53.67
CA GLY A 1 -40.81 -45.19 -52.81
C GLY A 1 -41.28 -45.05 -51.37
N PRO A 2 -40.34 -44.76 -50.46
CA PRO A 2 -40.64 -44.60 -49.03
C PRO A 2 -41.44 -43.33 -48.75
N MET A 3 -41.14 -42.27 -49.50
CA MET A 3 -41.82 -41.00 -49.33
C MET A 3 -41.67 -40.49 -47.90
N VAL A 4 -40.43 -40.45 -47.41
CA VAL A 4 -40.16 -39.98 -46.06
C VAL A 4 -40.53 -38.50 -45.90
N THR A 5 -40.75 -38.08 -44.66
CA THR A 5 -41.12 -36.71 -44.37
C THR A 5 -40.19 -36.10 -43.33
N SER A 6 -40.02 -34.79 -43.39
CA SER A 6 -39.14 -34.09 -42.46
C SER A 6 -39.81 -32.79 -41.97
N THR A 7 -39.20 -32.18 -40.95
CA THR A 7 -39.73 -30.94 -40.40
C THR A 7 -38.84 -29.76 -40.75
N GLY A 8 -37.59 -30.05 -41.12
CA GLY A 8 -36.66 -29.00 -41.48
C GLY A 8 -35.67 -28.71 -40.37
N LEU A 9 -35.48 -29.67 -39.47
CA LEU A 9 -34.56 -29.50 -38.35
C LEU A 9 -33.27 -30.28 -38.60
N LEU A 10 -32.16 -29.55 -38.67
CA LEU A 10 -30.86 -30.18 -38.90
C LEU A 10 -29.77 -29.47 -38.10
N SER A 11 -28.66 -30.17 -37.88
CA SER A 11 -27.55 -29.61 -37.13
C SER A 11 -26.22 -29.87 -37.83
N ARG A 12 -25.19 -29.11 -37.46
CA ARG A 12 -23.88 -29.26 -38.07
C ARG A 12 -22.78 -29.14 -37.00
N VAL A 13 -21.85 -30.10 -37.02
CA VAL A 13 -20.76 -30.10 -36.06
C VAL A 13 -19.42 -30.37 -36.75
N ALA A 14 -18.35 -29.83 -36.19
CA ALA A 14 -17.02 -30.02 -36.76
C ALA A 14 -15.95 -30.01 -35.67
N ALA A 15 -14.79 -30.56 -35.99
CA ALA A 15 -13.69 -30.62 -35.03
C ALA A 15 -12.44 -29.96 -35.59
N VAL A 16 -11.44 -29.75 -34.73
CA VAL A 16 -10.20 -29.12 -35.14
C VAL A 16 -9.00 -30.06 -34.90
N GLU A 17 -8.36 -30.48 -35.98
CA GLU A 17 -7.21 -31.37 -35.88
C GLU A 17 -6.16 -31.02 -36.93
N LYS A 18 -4.90 -31.01 -36.52
CA LYS A 18 -3.81 -30.70 -37.43
C LYS A 18 -2.59 -31.57 -37.13
N ALA A 19 -1.73 -31.74 -38.13
CA ALA A 19 -0.52 -32.54 -37.97
C ALA A 19 0.69 -31.87 -38.61
N ALA A 20 1.65 -31.48 -37.78
CA ALA A 20 2.85 -30.82 -38.27
C ALA A 20 3.95 -30.83 -37.21
N GLU A 21 5.20 -30.81 -37.66
CA GLU A 21 6.35 -30.82 -36.76
C GLU A 21 7.02 -29.45 -36.70
N ILE A 22 6.75 -28.70 -35.65
CA ILE A 22 7.32 -27.37 -35.48
C ILE A 22 8.44 -27.38 -34.46
N ALA A 23 9.59 -26.81 -34.83
CA ALA A 23 10.75 -26.75 -33.95
C ALA A 23 10.44 -25.93 -32.70
N LYS A 24 11.43 -25.79 -31.84
CA LYS A 24 11.27 -25.02 -30.60
C LYS A 24 10.78 -23.61 -30.90
N PRO A 25 10.10 -23.00 -29.92
CA PRO A 25 9.55 -21.65 -30.05
C PRO A 25 10.64 -20.58 -30.10
N PRO A 26 10.25 -19.35 -30.47
CA PRO A 26 11.19 -18.23 -30.56
C PRO A 26 11.66 -17.76 -29.19
N PRO A 27 12.69 -16.90 -29.18
CA PRO A 27 13.27 -16.37 -27.94
C PRO A 27 12.33 -15.40 -27.24
N PRO A 28 11.82 -15.81 -26.06
CA PRO A 28 10.91 -14.98 -25.26
C PRO A 28 11.60 -13.76 -24.67
N LYS A 29 10.90 -13.07 -23.78
CA LYS A 29 11.44 -11.89 -23.12
C LYS A 29 11.55 -12.10 -21.62
N VAL A 30 12.49 -11.39 -20.99
CA VAL A 30 12.71 -11.49 -19.56
C VAL A 30 11.38 -11.39 -18.79
N VAL A 31 11.25 -12.20 -17.75
CA VAL A 31 10.03 -12.20 -16.94
C VAL A 31 10.37 -12.03 -15.46
N GLU A 32 9.41 -11.50 -14.71
CA GLU A 32 9.61 -11.29 -13.27
C GLU A 32 10.11 -12.56 -12.59
N LEU A 33 10.54 -12.42 -11.34
CA LEU A 33 11.05 -13.55 -10.59
C LEU A 33 10.09 -14.73 -10.64
N THR A 34 10.56 -15.89 -10.23
CA THR A 34 9.74 -17.10 -10.23
C THR A 34 8.56 -16.97 -9.28
N GLU A 35 7.62 -17.89 -9.38
CA GLU A 35 6.43 -17.88 -8.52
C GLU A 35 6.81 -18.06 -7.05
N ALA A 36 7.80 -18.92 -6.81
CA ALA A 36 8.27 -19.17 -5.45
C ALA A 36 9.21 -18.08 -4.97
N ALA A 37 9.76 -17.32 -5.92
CA ALA A 37 10.68 -16.23 -5.60
C ALA A 37 9.94 -15.09 -4.91
N LYS A 38 8.64 -15.00 -5.14
CA LYS A 38 7.83 -13.93 -4.55
C LYS A 38 7.25 -14.39 -3.22
N GLN A 39 7.25 -15.69 -2.98
CA GLN A 39 6.73 -16.25 -1.74
C GLN A 39 7.67 -15.97 -0.58
N LEU A 40 8.95 -16.24 -0.79
CA LEU A 40 9.96 -16.02 0.25
C LEU A 40 9.87 -14.60 0.80
N PRO A 41 10.34 -14.43 2.04
CA PRO A 41 10.33 -13.12 2.71
C PRO A 41 11.31 -12.13 2.09
N GLN A 42 11.08 -10.85 2.33
CA GLN A 42 11.95 -9.81 1.79
C GLN A 42 13.04 -9.44 2.78
N HIS A 43 13.99 -8.62 2.33
CA HIS A 43 15.10 -8.19 3.19
C HIS A 43 14.57 -7.63 4.50
N ILE A 44 13.45 -6.93 4.44
CA ILE A 44 12.85 -6.33 5.62
C ILE A 44 12.18 -7.38 6.49
N ILE A 45 11.64 -8.41 5.84
CA ILE A 45 10.96 -9.49 6.56
C ILE A 45 11.96 -10.48 7.13
N GLY A 46 13.15 -10.55 6.51
CA GLY A 46 14.17 -11.45 6.97
C GLY A 46 14.74 -11.06 8.33
N VAL A 47 14.37 -9.87 8.78
CA VAL A 47 14.85 -9.37 10.08
C VAL A 47 13.70 -9.25 11.06
N THR A 48 12.49 -9.06 10.55
CA THR A 48 11.31 -8.93 11.38
C THR A 48 11.20 -10.08 12.37
N ASP A 49 10.55 -9.83 13.50
CA ASP A 49 10.38 -10.85 14.54
C ASP A 49 9.56 -12.02 14.01
N PRO A 50 9.66 -13.17 14.70
CA PRO A 50 8.94 -14.39 14.31
C PRO A 50 7.44 -14.27 14.56
N THR A 51 7.07 -13.57 15.63
CA THR A 51 5.67 -13.39 15.98
C THR A 51 5.10 -12.14 15.29
N LYS A 52 5.96 -11.20 14.97
CA LYS A 52 5.55 -9.97 14.31
C LYS A 52 5.26 -10.21 12.83
N LEU A 53 6.29 -10.65 12.10
CA LEU A 53 6.15 -10.93 10.68
C LEU A 53 4.99 -11.88 10.42
N ASN A 54 4.70 -12.74 11.39
CA ASN A 54 3.62 -13.70 11.27
C ASN A 54 2.27 -13.04 11.47
N ALA A 55 2.24 -12.01 12.33
CA ALA A 55 1.02 -11.29 12.61
C ALA A 55 0.71 -10.27 11.53
N GLN A 56 1.74 -9.92 10.75
CA GLN A 56 1.59 -8.95 9.67
C GLN A 56 1.28 -9.65 8.35
N VAL A 57 1.59 -10.94 8.29
CA VAL A 57 1.35 -11.73 7.09
C VAL A 57 -0.08 -12.25 7.05
N SER A 58 -0.74 -12.23 8.20
CA SER A 58 -2.13 -12.71 8.30
C SER A 58 -3.10 -11.68 7.74
N TYR A 59 -2.58 -10.51 7.38
CA TYR A 59 -3.41 -9.44 6.83
C TYR A 59 -2.95 -9.08 5.41
N PHE A 60 -1.66 -8.84 5.26
CA PHE A 60 -1.10 -8.49 3.96
C PHE A 60 0.34 -8.99 3.83
N GLN A 61 0.77 -9.20 2.58
CA GLN A 61 2.13 -9.66 2.32
C GLN A 61 2.92 -8.65 1.50
N CYS A 62 4.23 -8.66 1.67
CA CYS A 62 5.10 -7.73 0.95
C CYS A 62 5.60 -8.36 -0.35
N PRO A 63 5.10 -7.85 -1.48
CA PRO A 63 5.49 -8.36 -2.81
C PRO A 63 6.92 -7.99 -3.17
N PRO A 64 7.43 -8.60 -4.25
CA PRO A 64 8.80 -8.36 -4.72
C PRO A 64 8.97 -6.96 -5.30
N TRP A 65 7.96 -6.50 -6.03
CA TRP A 65 8.00 -5.17 -6.64
C TRP A 65 7.82 -4.08 -5.58
N ALA A 66 7.55 -4.49 -4.35
CA ALA A 66 7.35 -3.55 -3.25
C ALA A 66 8.70 -3.03 -2.74
N ALA A 67 8.69 -1.80 -2.24
CA ALA A 67 9.90 -1.18 -1.72
C ALA A 67 10.94 -0.99 -2.82
N LEU A 68 10.48 -0.63 -4.00
CA LEU A 68 11.37 -0.42 -5.14
C LEU A 68 11.00 0.86 -5.90
N PRO A 69 11.18 2.00 -5.24
CA PRO A 69 10.88 3.31 -5.83
C PRO A 69 11.84 3.69 -6.95
N SER A 70 11.36 4.48 -7.90
CA SER A 70 12.17 4.90 -9.04
C SER A 70 12.05 6.40 -9.26
N VAL A 71 11.32 7.07 -8.36
CA VAL A 71 11.12 8.51 -8.47
C VAL A 71 11.06 9.16 -7.10
N ALA A 72 11.45 10.43 -7.03
CA ALA A 72 11.45 11.17 -5.78
C ALA A 72 10.10 11.84 -5.54
N CYS A 73 9.48 11.54 -4.40
CA CYS A 73 8.18 12.11 -4.05
C CYS A 73 8.01 12.21 -2.54
N HIS A 74 6.89 12.75 -2.11
CA HIS A 74 6.61 12.90 -0.68
C HIS A 74 5.11 12.89 -0.42
N LEU A 75 4.73 12.72 0.84
CA LEU A 75 3.33 12.69 1.23
C LEU A 75 3.05 13.66 2.37
N GLN A 76 1.95 14.39 2.26
CA GLN A 76 1.57 15.36 3.29
C GLN A 76 0.45 14.81 4.16
N CYS A 77 0.59 14.99 5.47
CA CYS A 77 -0.40 14.52 6.42
C CYS A 77 -0.94 15.66 7.27
N THR A 78 -2.25 15.68 7.47
CA THR A 78 -2.89 16.72 8.27
C THR A 78 -3.41 16.17 9.59
N ARG A 79 -3.44 17.03 10.61
CA ARG A 79 -3.92 16.63 11.92
C ARG A 79 -4.43 17.83 12.71
N ASP A 80 -5.68 17.76 13.15
CA ASP A 80 -6.28 18.84 13.92
C ASP A 80 -6.20 20.16 13.15
N GLY A 81 -6.27 20.07 11.82
CA GLY A 81 -6.21 21.26 10.99
C GLY A 81 -4.80 21.84 10.92
N LEU A 82 -3.81 21.03 11.29
CA LEU A 82 -2.42 21.46 11.26
C LEU A 82 -1.66 20.80 10.11
N PRO A 83 -1.33 21.60 9.09
CA PRO A 83 -0.60 21.11 7.91
C PRO A 83 0.85 20.76 8.23
N LEU A 84 1.08 19.50 8.61
CA LEU A 84 2.42 19.04 8.94
C LEU A 84 3.29 18.95 7.69
N PRO A 85 4.61 18.95 7.89
CA PRO A 85 5.59 18.87 6.81
C PRO A 85 5.59 17.49 6.14
N ALA A 86 5.38 17.47 4.83
CA ALA A 86 5.38 16.22 4.08
C ALA A 86 6.75 15.56 4.09
N LEU A 87 6.76 14.24 4.04
CA LEU A 87 8.01 13.48 4.05
C LEU A 87 7.86 12.19 3.25
N GLY A 88 8.89 11.87 2.47
CA GLY A 88 8.85 10.66 1.67
C GLY A 88 8.80 9.40 2.52
N LEU A 89 7.63 8.77 2.56
CA LEU A 89 7.44 7.56 3.34
C LEU A 89 8.06 6.35 2.65
N HIS A 90 9.39 6.32 2.61
CA HIS A 90 10.11 5.22 1.98
C HIS A 90 10.84 4.38 3.01
N ARG A 91 10.62 4.68 4.29
CA ARG A 91 11.26 3.95 5.38
C ARG A 91 10.72 2.53 5.47
N PHE A 92 9.54 2.31 4.88
CA PHE A 92 8.92 0.98 4.90
C PHE A 92 8.27 0.68 3.56
N PRO A 93 8.12 -0.63 3.26
CA PRO A 93 7.51 -1.09 2.01
C PRO A 93 6.02 -0.80 1.95
N PHE A 94 5.39 -0.72 3.12
CA PHE A 94 3.96 -0.45 3.20
C PHE A 94 3.59 0.17 4.54
N TYR A 95 2.35 0.61 4.67
CA TYR A 95 1.88 1.23 5.91
C TYR A 95 0.47 0.76 6.24
N LEU A 96 0.34 0.09 7.38
CA LEU A 96 -0.96 -0.42 7.83
C LEU A 96 -1.68 0.62 8.68
N PHE A 97 -2.91 0.94 8.31
CA PHE A 97 -3.71 1.91 9.04
C PHE A 97 -4.93 1.25 9.67
N GLY A 98 -5.05 1.35 10.98
CA GLY A 98 -6.18 0.76 11.68
C GLY A 98 -6.11 0.96 13.18
N ARG A 99 -6.66 0.01 13.93
CA ARG A 99 -6.65 0.09 15.39
C ARG A 99 -5.91 -1.10 15.99
N SER A 100 -5.43 -1.99 15.14
CA SER A 100 -4.70 -3.17 15.59
C SER A 100 -3.36 -2.79 16.21
N LYS A 101 -2.80 -3.71 16.99
CA LYS A 101 -1.51 -3.47 17.64
C LYS A 101 -0.36 -3.78 16.70
N VAL A 102 -0.68 -4.36 15.55
CA VAL A 102 0.34 -4.70 14.56
C VAL A 102 0.35 -3.69 13.42
N CYS A 103 -0.61 -2.78 13.43
CA CYS A 103 -0.71 -1.75 12.40
C CYS A 103 0.45 -0.77 12.48
N ASP A 104 0.66 -0.02 11.41
CA ASP A 104 1.75 0.96 11.37
C ASP A 104 1.26 2.33 11.81
N TYR A 105 -0.03 2.42 12.12
CA TYR A 105 -0.62 3.68 12.56
C TYR A 105 -1.82 3.44 13.46
N VAL A 106 -1.64 3.69 14.76
CA VAL A 106 -2.71 3.49 15.72
C VAL A 106 -3.47 4.79 15.98
N LEU A 107 -4.71 4.85 15.49
CA LEU A 107 -5.54 6.04 15.66
C LEU A 107 -6.71 5.75 16.60
N GLU A 108 -7.66 6.68 16.66
CA GLU A 108 -8.83 6.52 17.51
C GLU A 108 -10.10 6.99 16.79
N HIS A 109 -10.92 6.01 16.38
CA HIS A 109 -12.16 6.31 15.69
C HIS A 109 -13.07 5.10 15.64
N PRO A 110 -14.39 5.33 15.76
CA PRO A 110 -15.39 4.26 15.74
C PRO A 110 -15.53 3.63 14.36
N SER A 111 -14.94 4.26 13.36
CA SER A 111 -14.99 3.76 11.98
C SER A 111 -13.71 3.01 11.63
N ILE A 112 -12.62 3.40 12.27
CA ILE A 112 -11.33 2.77 12.01
C ILE A 112 -11.26 1.39 12.66
N SER A 113 -11.09 0.36 11.84
CA SER A 113 -11.00 -1.01 12.32
C SER A 113 -9.55 -1.44 12.48
N SER A 114 -9.36 -2.60 13.10
CA SER A 114 -8.01 -3.12 13.33
C SER A 114 -7.17 -3.04 12.06
N VAL A 115 -7.83 -3.17 10.91
CA VAL A 115 -7.14 -3.10 9.63
C VAL A 115 -8.05 -2.50 8.55
N HIS A 116 -8.15 -1.17 8.56
CA HIS A 116 -8.97 -0.46 7.59
C HIS A 116 -8.42 -0.63 6.18
N ALA A 117 -7.17 -0.22 5.98
CA ALA A 117 -6.53 -0.33 4.68
C ALA A 117 -5.01 -0.32 4.82
N VAL A 118 -4.31 -0.48 3.69
CA VAL A 118 -2.87 -0.50 3.69
C VAL A 118 -2.32 -0.08 2.32
N LEU A 119 -1.29 0.77 2.34
CA LEU A 119 -0.68 1.24 1.10
C LEU A 119 0.74 0.70 0.97
N VAL A 120 1.11 0.34 -0.25
CA VAL A 120 2.45 -0.18 -0.52
C VAL A 120 3.11 0.56 -1.67
N PHE A 121 4.39 0.92 -1.49
CA PHE A 121 5.14 1.63 -2.51
C PHE A 121 5.32 0.77 -3.76
N HIS A 122 4.38 0.89 -4.70
CA HIS A 122 4.44 0.13 -5.93
C HIS A 122 5.69 0.48 -6.73
N GLY A 123 6.65 -0.45 -6.76
CA GLY A 123 7.89 -0.21 -7.48
C GLY A 123 7.69 -0.27 -8.98
N GLY A 124 6.49 -0.64 -9.42
CA GLY A 124 6.19 -0.73 -10.83
C GLY A 124 5.69 0.58 -11.41
N GLN A 125 4.68 1.16 -10.75
CA GLN A 125 4.11 2.42 -11.21
C GLN A 125 4.67 3.59 -10.40
N ARG A 126 5.51 3.28 -9.43
CA ARG A 126 6.12 4.31 -8.59
C ARG A 126 5.05 5.09 -7.83
N CYS A 127 3.94 4.42 -7.52
CA CYS A 127 2.85 5.06 -6.80
C CYS A 127 2.29 4.13 -5.73
N PHE A 128 2.00 4.68 -4.56
CA PHE A 128 1.46 3.90 -3.45
C PHE A 128 0.09 3.34 -3.79
N VAL A 129 -0.09 2.04 -3.57
CA VAL A 129 -1.36 1.38 -3.85
C VAL A 129 -2.08 1.01 -2.56
N LEU A 130 -3.17 1.70 -2.28
CA LEU A 130 -3.96 1.44 -1.08
C LEU A 130 -5.21 0.63 -1.42
N MET A 131 -5.44 -0.42 -0.64
CA MET A 131 -6.60 -1.28 -0.86
C MET A 131 -7.33 -1.54 0.46
N ASP A 132 -8.66 -1.49 0.42
CA ASP A 132 -9.47 -1.73 1.61
C ASP A 132 -9.81 -3.21 1.75
N LEU A 133 -9.62 -3.73 2.96
CA LEU A 133 -9.91 -5.14 3.23
C LEU A 133 -11.39 -5.43 3.07
N GLY A 134 -12.20 -4.38 3.03
CA GLY A 134 -13.64 -4.55 2.88
C GLY A 134 -14.39 -4.25 4.17
N SER A 135 -14.09 -3.11 4.77
CA SER A 135 -14.75 -2.72 6.01
C SER A 135 -16.14 -2.15 5.74
N THR A 136 -17.01 -2.26 6.73
CA THR A 136 -18.38 -1.76 6.60
C THR A 136 -18.42 -0.24 6.72
N ASN A 137 -17.27 0.36 7.03
CA ASN A 137 -17.18 1.80 7.17
C ASN A 137 -17.06 2.48 5.80
N GLY A 138 -15.95 2.21 5.11
CA GLY A 138 -15.74 2.79 3.80
C GLY A 138 -14.46 3.60 3.74
N VAL A 139 -13.78 3.55 2.60
CA VAL A 139 -12.54 4.28 2.41
C VAL A 139 -12.65 5.27 1.25
N LYS A 140 -11.96 6.40 1.37
CA LYS A 140 -11.98 7.42 0.33
C LYS A 140 -10.75 7.32 -0.56
N LEU A 141 -10.89 7.73 -1.81
CA LEU A 141 -9.79 7.70 -2.76
C LEU A 141 -9.71 8.99 -3.56
N ASN A 142 -8.55 9.64 -3.51
CA ASN A 142 -8.34 10.89 -4.23
C ASN A 142 -9.36 11.95 -3.79
N GLY A 143 -9.91 11.77 -2.60
CA GLY A 143 -10.88 12.71 -2.08
C GLY A 143 -12.30 12.36 -2.50
N ASN A 144 -12.51 11.11 -2.90
CA ASN A 144 -13.82 10.65 -3.32
C ASN A 144 -14.07 9.20 -2.88
N ARG A 145 -15.16 8.99 -2.16
CA ARG A 145 -15.50 7.65 -1.68
C ARG A 145 -15.68 6.68 -2.84
N ILE A 146 -15.07 5.51 -2.72
CA ILE A 146 -15.17 4.49 -3.76
C ILE A 146 -15.29 3.09 -3.16
N GLU A 147 -15.42 2.09 -4.02
CA GLU A 147 -15.55 0.71 -3.57
C GLU A 147 -14.34 0.30 -2.74
N LYS A 148 -14.32 -0.97 -2.34
CA LYS A 148 -13.21 -1.49 -1.52
C LYS A 148 -12.59 -2.72 -2.19
N ARG A 149 -11.72 -3.39 -1.46
CA ARG A 149 -11.04 -4.58 -1.97
C ARG A 149 -10.65 -4.39 -3.44
N ARG A 150 -10.20 -3.19 -3.77
CA ARG A 150 -9.80 -2.88 -5.14
C ARG A 150 -8.54 -2.02 -5.15
N PRO A 151 -7.85 -2.00 -6.31
CA PRO A 151 -6.63 -1.21 -6.48
C PRO A 151 -6.89 0.29 -6.48
N LEU A 152 -6.43 0.98 -5.45
CA LEU A 152 -6.62 2.43 -5.34
C LEU A 152 -5.27 3.14 -5.32
N PRO A 153 -4.71 3.40 -6.51
CA PRO A 153 -3.43 4.08 -6.65
C PRO A 153 -3.51 5.56 -6.28
N ALA A 154 -2.59 6.00 -5.42
CA ALA A 154 -2.56 7.39 -4.99
C ALA A 154 -1.31 8.10 -5.48
N PRO A 155 -1.31 8.47 -6.77
CA PRO A 155 -0.17 9.15 -7.39
C PRO A 155 -0.01 10.59 -6.88
N VAL A 156 1.15 11.17 -7.15
CA VAL A 156 1.44 12.54 -6.72
C VAL A 156 0.33 13.49 -7.15
N GLY A 157 0.04 14.48 -6.30
CA GLY A 157 -1.00 15.44 -6.61
C GLY A 157 -2.38 14.97 -6.19
N SER A 158 -2.47 13.70 -5.79
CA SER A 158 -3.74 13.12 -5.37
C SER A 158 -3.87 13.17 -3.85
N SER A 159 -4.95 12.56 -3.33
CA SER A 159 -5.20 12.53 -1.90
C SER A 159 -5.70 11.17 -1.46
N ILE A 160 -5.68 10.92 -0.16
CA ILE A 160 -6.14 9.66 0.40
C ILE A 160 -6.90 9.86 1.70
N GLN A 161 -7.84 8.97 1.98
CA GLN A 161 -8.64 9.06 3.20
C GLN A 161 -9.11 7.68 3.64
N PHE A 162 -9.53 7.57 4.90
CA PHE A 162 -10.01 6.31 5.44
C PHE A 162 -10.83 6.53 6.70
N GLY A 163 -11.93 5.78 6.83
CA GLY A 163 -12.78 5.92 8.00
C GLY A 163 -13.36 7.31 8.13
N PHE A 164 -13.59 7.74 9.37
CA PHE A 164 -14.15 9.06 9.62
C PHE A 164 -13.10 10.00 10.19
N SER A 165 -11.85 9.57 10.14
CA SER A 165 -10.73 10.37 10.64
C SER A 165 -10.61 11.67 9.86
N SER A 166 -9.93 12.65 10.46
CA SER A 166 -9.74 13.95 9.81
C SER A 166 -8.43 13.97 9.02
N ARG A 167 -7.48 13.13 9.43
CA ARG A 167 -6.19 13.05 8.76
C ARG A 167 -6.37 12.82 7.26
N VAL A 168 -5.45 13.36 6.47
CA VAL A 168 -5.50 13.22 5.02
C VAL A 168 -4.11 13.10 4.42
N TYR A 169 -3.90 12.09 3.59
CA TYR A 169 -2.61 11.87 2.96
C TYR A 169 -2.59 12.43 1.54
N LYS A 170 -1.94 13.58 1.37
CA LYS A 170 -1.85 14.23 0.07
C LYS A 170 -0.48 13.98 -0.56
N VAL A 171 -0.45 13.19 -1.62
CA VAL A 171 0.80 12.88 -2.32
C VAL A 171 1.24 14.06 -3.19
N GLN A 172 2.55 14.15 -3.42
CA GLN A 172 3.10 15.22 -4.24
C GLN A 172 4.49 14.86 -4.75
N LEU A 173 4.83 15.35 -5.93
CA LEU A 173 6.13 15.08 -6.53
C LEU A 173 7.13 16.17 -6.20
N GLY A 174 8.32 15.79 -5.78
CA GLY A 174 9.35 16.75 -5.44
C GLY A 174 9.67 17.68 -6.60
N PRO A 175 10.59 18.63 -6.36
CA PRO A 175 11.01 19.60 -7.37
C PRO A 175 11.83 18.95 -8.49
N PRO A 176 12.03 19.71 -9.58
CA PRO A 176 12.81 19.23 -10.73
C PRO A 176 14.29 19.10 -10.42
N SER A 177 14.99 18.31 -11.23
CA SER A 177 16.42 18.10 -11.04
C SER A 177 17.20 18.49 -12.28
N SER A 178 18.53 18.53 -12.16
CA SER A 178 19.38 18.89 -13.28
C SER A 178 20.18 17.68 -13.78
N SER A 179 20.62 16.85 -12.83
CA SER A 179 21.39 15.66 -13.17
C SER A 179 20.58 14.72 -14.06
N GLY A 1 -67.35 5.60 -7.15
CA GLY A 1 -66.94 4.42 -7.88
C GLY A 1 -66.13 3.45 -7.03
N PRO A 2 -65.72 2.33 -7.63
CA PRO A 2 -64.94 1.31 -6.93
C PRO A 2 -63.52 1.77 -6.61
N MET A 3 -63.17 1.72 -5.32
CA MET A 3 -61.84 2.13 -4.89
C MET A 3 -61.11 1.00 -4.17
N VAL A 4 -59.97 0.59 -4.72
CA VAL A 4 -59.18 -0.49 -4.14
C VAL A 4 -58.41 -0.01 -2.92
N THR A 5 -58.04 -0.94 -2.05
CA THR A 5 -57.30 -0.62 -0.84
C THR A 5 -56.08 -1.52 -0.69
N SER A 6 -55.11 -1.06 0.09
CA SER A 6 -53.88 -1.83 0.32
C SER A 6 -54.12 -2.95 1.31
N THR A 7 -53.15 -3.84 1.43
CA THR A 7 -53.25 -4.98 2.35
C THR A 7 -52.21 -4.88 3.46
N GLY A 8 -51.17 -4.09 3.22
CA GLY A 8 -50.13 -3.93 4.21
C GLY A 8 -49.11 -5.05 4.17
N LEU A 9 -49.05 -5.75 3.05
CA LEU A 9 -48.12 -6.86 2.89
C LEU A 9 -46.69 -6.44 3.25
N LEU A 10 -46.07 -7.20 4.13
CA LEU A 10 -44.70 -6.91 4.56
C LEU A 10 -43.73 -7.01 3.39
N SER A 11 -42.53 -6.49 3.57
CA SER A 11 -41.51 -6.52 2.52
C SER A 11 -40.27 -7.29 2.99
N ARG A 12 -39.54 -7.84 2.03
CA ARG A 12 -38.33 -8.61 2.34
C ARG A 12 -37.19 -8.22 1.41
N VAL A 13 -35.98 -8.18 1.95
CA VAL A 13 -34.80 -7.82 1.17
C VAL A 13 -33.65 -8.78 1.45
N ALA A 14 -32.80 -8.99 0.45
CA ALA A 14 -31.65 -9.88 0.58
C ALA A 14 -30.50 -9.43 -0.29
N ALA A 15 -29.29 -9.84 0.08
CA ALA A 15 -28.09 -9.47 -0.68
C ALA A 15 -27.31 -10.71 -1.10
N VAL A 16 -26.36 -10.52 -2.02
CA VAL A 16 -25.54 -11.62 -2.50
C VAL A 16 -24.06 -11.38 -2.20
N GLU A 17 -23.50 -12.21 -1.33
CA GLU A 17 -22.10 -12.09 -0.96
C GLU A 17 -21.42 -13.45 -0.91
N LYS A 18 -20.12 -13.47 -1.19
CA LYS A 18 -19.36 -14.71 -1.18
C LYS A 18 -17.98 -14.50 -0.56
N ALA A 19 -17.34 -15.59 -0.16
CA ALA A 19 -16.02 -15.52 0.45
C ALA A 19 -15.20 -16.76 0.11
N ALA A 20 -13.92 -16.75 0.51
CA ALA A 20 -13.04 -17.87 0.25
C ALA A 20 -12.08 -18.10 1.42
N GLU A 21 -11.65 -19.34 1.59
CA GLU A 21 -10.75 -19.70 2.67
C GLU A 21 -9.47 -20.36 2.13
N ILE A 22 -8.33 -19.75 2.42
CA ILE A 22 -7.05 -20.28 1.95
C ILE A 22 -6.30 -20.97 3.10
N ALA A 23 -5.67 -22.10 2.78
CA ALA A 23 -4.92 -22.85 3.77
C ALA A 23 -3.58 -22.20 4.05
N LYS A 24 -2.79 -22.81 4.93
CA LYS A 24 -1.47 -22.29 5.29
C LYS A 24 -0.37 -23.05 4.56
N PRO A 25 0.81 -22.43 4.48
CA PRO A 25 1.97 -23.03 3.81
C PRO A 25 2.53 -24.22 4.58
N PRO A 26 3.43 -24.98 3.92
CA PRO A 26 4.05 -26.16 4.52
C PRO A 26 5.03 -25.79 5.64
N PRO A 27 5.47 -26.80 6.41
CA PRO A 27 6.41 -26.61 7.51
C PRO A 27 7.82 -26.25 7.02
N PRO A 28 8.67 -25.81 7.96
CA PRO A 28 10.05 -25.43 7.64
C PRO A 28 10.91 -26.63 7.28
N LYS A 29 12.16 -26.37 6.89
CA LYS A 29 13.08 -27.43 6.52
C LYS A 29 14.34 -27.39 7.38
N VAL A 30 14.90 -28.55 7.67
CA VAL A 30 16.11 -28.64 8.47
C VAL A 30 17.20 -27.71 7.95
N VAL A 31 18.26 -27.55 8.73
CA VAL A 31 19.37 -26.68 8.35
C VAL A 31 19.86 -27.02 6.94
N GLU A 32 19.56 -26.14 5.99
CA GLU A 32 19.97 -26.35 4.61
C GLU A 32 20.08 -25.03 3.87
N LEU A 33 20.70 -25.05 2.68
CA LEU A 33 20.87 -23.85 1.88
C LEU A 33 19.96 -23.88 0.65
N THR A 34 18.85 -23.16 0.72
CA THR A 34 17.90 -23.11 -0.38
C THR A 34 17.63 -21.68 -0.81
N GLU A 35 16.68 -21.51 -1.73
CA GLU A 35 16.33 -20.18 -2.22
C GLU A 35 15.95 -19.25 -1.07
N ALA A 36 15.36 -19.83 -0.03
CA ALA A 36 14.95 -19.05 1.14
C ALA A 36 16.14 -18.40 1.82
N ALA A 37 17.34 -18.85 1.46
CA ALA A 37 18.56 -18.31 2.03
C ALA A 37 19.06 -17.10 1.23
N LYS A 38 18.96 -17.21 -0.10
CA LYS A 38 19.39 -16.13 -0.97
C LYS A 38 18.32 -15.05 -1.08
N GLN A 39 17.13 -15.35 -0.60
CA GLN A 39 16.02 -14.40 -0.65
C GLN A 39 15.62 -13.98 0.76
N LEU A 40 16.60 -13.95 1.66
CA LEU A 40 16.35 -13.55 3.05
C LEU A 40 15.50 -12.29 3.11
N PRO A 41 14.77 -12.12 4.22
CA PRO A 41 13.90 -10.95 4.43
C PRO A 41 14.69 -9.67 4.64
N GLN A 42 13.99 -8.57 4.84
CA GLN A 42 14.63 -7.27 5.07
C GLN A 42 15.22 -7.19 6.47
N HIS A 43 15.96 -6.11 6.73
CA HIS A 43 16.58 -5.91 8.03
C HIS A 43 15.51 -5.80 9.13
N ILE A 44 14.46 -5.05 8.84
CA ILE A 44 13.37 -4.85 9.80
C ILE A 44 12.52 -6.11 9.92
N ILE A 45 12.39 -6.84 8.82
CA ILE A 45 11.60 -8.07 8.80
C ILE A 45 12.38 -9.23 9.40
N GLY A 46 13.71 -9.13 9.36
CA GLY A 46 14.55 -10.19 9.91
C GLY A 46 14.56 -10.19 11.42
N VAL A 47 13.90 -9.19 12.02
CA VAL A 47 13.84 -9.10 13.47
C VAL A 47 12.41 -9.26 13.98
N THR A 48 11.45 -9.01 13.09
CA THR A 48 10.04 -9.13 13.44
C THR A 48 9.75 -10.47 14.11
N ASP A 49 8.70 -10.51 14.93
CA ASP A 49 8.32 -11.72 15.63
C ASP A 49 7.70 -12.73 14.67
N PRO A 50 7.70 -14.01 15.05
CA PRO A 50 7.13 -15.09 14.24
C PRO A 50 5.61 -15.01 14.15
N THR A 51 4.98 -14.63 15.25
CA THR A 51 3.53 -14.52 15.30
C THR A 51 3.06 -13.13 14.87
N LYS A 52 3.99 -12.18 14.88
CA LYS A 52 3.68 -10.81 14.48
C LYS A 52 3.74 -10.65 12.97
N LEU A 53 4.85 -11.07 12.37
CA LEU A 53 5.03 -10.97 10.93
C LEU A 53 4.04 -11.88 10.19
N ASN A 54 3.66 -12.98 10.84
CA ASN A 54 2.73 -13.92 10.25
C ASN A 54 1.29 -13.41 10.37
N ALA A 55 1.00 -12.73 11.48
CA ALA A 55 -0.33 -12.18 11.70
C ALA A 55 -0.67 -11.12 10.67
N GLN A 56 0.35 -10.58 10.01
CA GLN A 56 0.15 -9.55 9.00
C GLN A 56 0.00 -10.18 7.61
N VAL A 57 0.33 -11.46 7.52
CA VAL A 57 0.23 -12.18 6.25
C VAL A 57 -1.21 -12.54 5.93
N SER A 58 -1.96 -12.89 6.97
CA SER A 58 -3.36 -13.27 6.80
C SER A 58 -4.17 -12.13 6.20
N TYR A 59 -3.62 -10.92 6.30
CA TYR A 59 -4.28 -9.73 5.76
C TYR A 59 -3.69 -9.33 4.41
N PHE A 60 -2.36 -9.26 4.36
CA PHE A 60 -1.66 -8.89 3.14
C PHE A 60 -0.21 -9.39 3.16
N GLN A 61 0.28 -9.78 1.99
CA GLN A 61 1.66 -10.29 1.88
C GLN A 61 2.50 -9.36 1.02
N CYS A 62 3.59 -8.87 1.59
CA CYS A 62 4.50 -7.97 0.87
C CYS A 62 4.98 -8.62 -0.42
N PRO A 63 4.53 -8.08 -1.57
CA PRO A 63 4.91 -8.59 -2.89
C PRO A 63 6.37 -8.30 -3.21
N PRO A 64 6.88 -8.92 -4.30
CA PRO A 64 8.26 -8.74 -4.75
C PRO A 64 8.51 -7.35 -5.30
N TRP A 65 7.55 -6.84 -6.07
CA TRP A 65 7.68 -5.51 -6.66
C TRP A 65 7.54 -4.43 -5.60
N ALA A 66 7.20 -4.83 -4.38
CA ALA A 66 7.04 -3.89 -3.28
C ALA A 66 8.38 -3.46 -2.73
N ALA A 67 8.43 -2.24 -2.20
CA ALA A 67 9.66 -1.69 -1.64
C ALA A 67 10.72 -1.50 -2.72
N LEU A 68 10.33 -0.90 -3.84
CA LEU A 68 11.24 -0.66 -4.94
C LEU A 68 10.90 0.65 -5.66
N PRO A 69 11.08 1.77 -4.95
CA PRO A 69 10.81 3.10 -5.49
C PRO A 69 11.80 3.50 -6.59
N SER A 70 11.34 4.33 -7.53
CA SER A 70 12.19 4.78 -8.62
C SER A 70 11.87 6.24 -8.99
N VAL A 71 11.18 6.93 -8.09
CA VAL A 71 10.81 8.32 -8.31
C VAL A 71 10.91 9.13 -7.03
N ALA A 72 11.16 10.43 -7.17
CA ALA A 72 11.28 11.31 -6.02
C ALA A 72 9.95 11.99 -5.71
N CYS A 73 9.37 11.67 -4.55
CA CYS A 73 8.10 12.24 -4.15
C CYS A 73 8.00 12.30 -2.63
N HIS A 74 6.92 12.90 -2.14
CA HIS A 74 6.71 13.04 -0.70
C HIS A 74 5.22 12.93 -0.36
N LEU A 75 4.92 12.75 0.92
CA LEU A 75 3.53 12.64 1.37
C LEU A 75 3.21 13.71 2.40
N GLN A 76 2.04 14.33 2.25
CA GLN A 76 1.61 15.38 3.17
C GLN A 76 0.48 14.88 4.08
N CYS A 77 0.59 15.19 5.36
CA CYS A 77 -0.42 14.78 6.33
C CYS A 77 -0.91 15.96 7.16
N THR A 78 -2.22 16.00 7.42
CA THR A 78 -2.80 17.08 8.20
C THR A 78 -3.31 16.57 9.54
N ARG A 79 -3.43 17.49 10.51
CA ARG A 79 -3.90 17.13 11.84
C ARG A 79 -4.34 18.38 12.61
N ASP A 80 -5.58 18.35 13.10
CA ASP A 80 -6.12 19.47 13.86
C ASP A 80 -6.06 20.76 13.03
N GLY A 81 -6.11 20.61 11.72
CA GLY A 81 -6.05 21.77 10.85
C GLY A 81 -4.65 22.33 10.71
N LEU A 82 -3.66 21.53 11.07
CA LEU A 82 -2.26 21.95 11.00
C LEU A 82 -1.52 21.19 9.89
N PRO A 83 -1.20 21.90 8.81
CA PRO A 83 -0.49 21.31 7.66
C PRO A 83 0.96 20.98 7.99
N LEU A 84 1.19 19.76 8.48
CA LEU A 84 2.53 19.31 8.83
C LEU A 84 3.41 19.20 7.60
N PRO A 85 4.74 19.22 7.80
CA PRO A 85 5.72 19.12 6.72
C PRO A 85 5.74 17.73 6.09
N ALA A 86 5.45 17.66 4.79
CA ALA A 86 5.44 16.40 4.08
C ALA A 86 6.82 15.74 4.10
N LEU A 87 6.84 14.42 4.10
CA LEU A 87 8.09 13.67 4.12
C LEU A 87 7.95 12.35 3.37
N GLY A 88 8.96 12.01 2.58
CA GLY A 88 8.94 10.77 1.81
C GLY A 88 8.84 9.56 2.70
N LEU A 89 7.69 8.90 2.68
CA LEU A 89 7.47 7.71 3.50
C LEU A 89 8.12 6.49 2.85
N HIS A 90 9.45 6.46 2.90
CA HIS A 90 10.21 5.34 2.33
C HIS A 90 10.89 4.53 3.43
N ARG A 91 10.59 4.86 4.67
CA ARG A 91 11.18 4.16 5.82
C ARG A 91 10.65 2.73 5.91
N PHE A 92 9.51 2.48 5.26
CA PHE A 92 8.90 1.16 5.27
C PHE A 92 8.35 0.81 3.89
N PRO A 93 8.25 -0.51 3.61
CA PRO A 93 7.74 -1.01 2.34
C PRO A 93 6.24 -0.76 2.16
N PHE A 94 5.53 -0.72 3.29
CA PHE A 94 4.08 -0.49 3.26
C PHE A 94 3.63 0.24 4.52
N TYR A 95 2.34 0.52 4.61
CA TYR A 95 1.77 1.22 5.75
C TYR A 95 0.33 0.80 5.99
N LEU A 96 0.10 0.08 7.08
CA LEU A 96 -1.24 -0.38 7.43
C LEU A 96 -1.97 0.65 8.29
N PHE A 97 -3.27 0.78 8.06
CA PHE A 97 -4.08 1.73 8.82
C PHE A 97 -5.30 1.04 9.43
N GLY A 98 -5.30 0.95 10.76
CA GLY A 98 -6.41 0.31 11.44
C GLY A 98 -6.34 0.50 12.95
N ARG A 99 -7.05 -0.37 13.69
CA ARG A 99 -7.06 -0.28 15.14
C ARG A 99 -6.27 -1.43 15.76
N SER A 100 -5.70 -2.27 14.91
CA SER A 100 -4.92 -3.42 15.37
C SER A 100 -3.47 -3.01 15.64
N LYS A 101 -2.80 -3.77 16.49
CA LYS A 101 -1.41 -3.49 16.84
C LYS A 101 -0.47 -3.92 15.71
N VAL A 102 -0.95 -4.80 14.85
CA VAL A 102 -0.16 -5.29 13.73
C VAL A 102 0.02 -4.20 12.68
N CYS A 103 -0.95 -3.30 12.60
CA CYS A 103 -0.90 -2.20 11.64
C CYS A 103 0.25 -1.25 11.96
N ASP A 104 0.65 -0.46 10.96
CA ASP A 104 1.75 0.49 11.13
C ASP A 104 1.27 1.71 11.92
N TYR A 105 -0.04 1.91 11.97
CA TYR A 105 -0.61 3.04 12.68
C TYR A 105 -1.85 2.62 13.47
N VAL A 106 -1.71 2.56 14.79
CA VAL A 106 -2.82 2.18 15.65
C VAL A 106 -3.49 3.40 16.28
N LEU A 107 -4.69 3.72 15.83
CA LEU A 107 -5.42 4.87 16.34
C LEU A 107 -6.71 4.42 17.04
N GLU A 108 -7.57 5.37 17.35
CA GLU A 108 -8.84 5.08 18.02
C GLU A 108 -9.98 5.82 17.36
N HIS A 109 -10.82 5.08 16.64
CA HIS A 109 -11.97 5.67 15.96
C HIS A 109 -13.08 4.63 15.76
N PRO A 110 -14.33 5.10 15.77
CA PRO A 110 -15.49 4.23 15.59
C PRO A 110 -15.61 3.69 14.17
N SER A 111 -14.91 4.34 13.24
CA SER A 111 -14.93 3.92 11.84
C SER A 111 -13.66 3.16 11.48
N ILE A 112 -12.60 3.41 12.23
CA ILE A 112 -11.32 2.74 12.00
C ILE A 112 -11.34 1.32 12.52
N SER A 113 -11.37 0.35 11.60
CA SER A 113 -11.39 -1.06 11.98
C SER A 113 -9.98 -1.59 12.15
N SER A 114 -9.87 -2.80 12.70
CA SER A 114 -8.57 -3.43 12.92
C SER A 114 -7.69 -3.31 11.69
N VAL A 115 -8.32 -3.43 10.51
CA VAL A 115 -7.59 -3.34 9.25
C VAL A 115 -8.40 -2.59 8.21
N HIS A 116 -8.36 -1.25 8.29
CA HIS A 116 -9.09 -0.41 7.35
C HIS A 116 -8.52 -0.55 5.94
N ALA A 117 -7.23 -0.29 5.79
CA ALA A 117 -6.56 -0.39 4.50
C ALA A 117 -5.04 -0.36 4.67
N VAL A 118 -4.34 -0.81 3.64
CA VAL A 118 -2.88 -0.84 3.66
C VAL A 118 -2.30 -0.40 2.32
N LEU A 119 -1.34 0.52 2.37
CA LEU A 119 -0.71 1.02 1.16
C LEU A 119 0.71 0.49 1.02
N VAL A 120 1.12 0.19 -0.21
CA VAL A 120 2.45 -0.33 -0.47
C VAL A 120 3.11 0.39 -1.63
N PHE A 121 4.39 0.74 -1.47
CA PHE A 121 5.12 1.45 -2.51
C PHE A 121 5.28 0.58 -3.75
N HIS A 122 4.35 0.73 -4.70
CA HIS A 122 4.38 -0.05 -5.92
C HIS A 122 5.66 0.24 -6.71
N GLY A 123 6.56 -0.74 -6.75
CA GLY A 123 7.81 -0.56 -7.46
C GLY A 123 7.62 -0.55 -8.97
N GLY A 124 6.39 -0.85 -9.41
CA GLY A 124 6.11 -0.88 -10.83
C GLY A 124 5.65 0.47 -11.35
N GLN A 125 4.65 1.05 -10.69
CA GLN A 125 4.12 2.34 -11.10
C GLN A 125 4.77 3.47 -10.29
N ARG A 126 5.62 3.10 -9.35
CA ARG A 126 6.30 4.08 -8.51
C ARG A 126 5.30 4.89 -7.70
N CYS A 127 4.21 4.25 -7.31
CA CYS A 127 3.17 4.91 -6.53
C CYS A 127 2.64 3.98 -5.44
N PHE A 128 2.04 4.57 -4.41
CA PHE A 128 1.49 3.79 -3.30
C PHE A 128 0.10 3.27 -3.64
N VAL A 129 -0.09 1.96 -3.47
CA VAL A 129 -1.36 1.33 -3.78
C VAL A 129 -2.07 0.88 -2.50
N LEU A 130 -3.15 1.55 -2.16
CA LEU A 130 -3.92 1.22 -0.96
C LEU A 130 -5.16 0.41 -1.30
N MET A 131 -5.30 -0.75 -0.65
CA MET A 131 -6.44 -1.62 -0.89
C MET A 131 -7.28 -1.77 0.36
N ASP A 132 -8.58 -1.49 0.26
CA ASP A 132 -9.49 -1.59 1.38
C ASP A 132 -9.89 -3.05 1.62
N LEU A 133 -9.79 -3.50 2.87
CA LEU A 133 -10.15 -4.87 3.22
C LEU A 133 -11.60 -4.95 3.67
N GLY A 134 -12.38 -3.93 3.33
CA GLY A 134 -13.78 -3.90 3.72
C GLY A 134 -14.05 -2.98 4.90
N SER A 135 -13.71 -1.72 4.75
CA SER A 135 -13.91 -0.74 5.81
C SER A 135 -15.35 -0.76 6.30
N THR A 136 -15.52 -0.71 7.62
CA THR A 136 -16.85 -0.72 8.22
C THR A 136 -17.61 0.58 7.91
N ASN A 137 -16.86 1.66 7.74
CA ASN A 137 -17.47 2.96 7.45
C ASN A 137 -17.35 3.28 5.96
N GLY A 138 -16.12 3.28 5.46
CA GLY A 138 -15.90 3.58 4.05
C GLY A 138 -14.64 4.39 3.83
N VAL A 139 -13.71 3.86 3.04
CA VAL A 139 -12.46 4.55 2.74
C VAL A 139 -12.62 5.47 1.54
N LYS A 140 -11.96 6.63 1.61
CA LYS A 140 -12.02 7.61 0.52
C LYS A 140 -10.77 7.54 -0.35
N LEU A 141 -10.96 7.55 -1.66
CA LEU A 141 -9.84 7.49 -2.60
C LEU A 141 -9.79 8.74 -3.45
N ASN A 142 -8.66 9.44 -3.42
CA ASN A 142 -8.48 10.66 -4.19
C ASN A 142 -9.56 11.68 -3.85
N GLY A 143 -10.14 11.56 -2.66
CA GLY A 143 -11.18 12.48 -2.25
C GLY A 143 -12.56 12.01 -2.65
N ASN A 144 -12.65 10.76 -3.10
CA ASN A 144 -13.93 10.19 -3.51
C ASN A 144 -14.00 8.70 -3.18
N ARG A 145 -15.15 8.28 -2.65
CA ARG A 145 -15.34 6.88 -2.29
C ARG A 145 -15.31 5.98 -3.52
N ILE A 146 -14.78 4.77 -3.36
CA ILE A 146 -14.68 3.82 -4.46
C ILE A 146 -14.86 2.40 -3.97
N GLU A 147 -14.89 1.45 -4.90
CA GLU A 147 -15.07 0.04 -4.56
C GLU A 147 -14.04 -0.39 -3.53
N LYS A 148 -14.24 -1.58 -2.95
CA LYS A 148 -13.33 -2.12 -1.95
C LYS A 148 -12.46 -3.22 -2.54
N ARG A 149 -11.56 -3.76 -1.72
CA ARG A 149 -10.67 -4.83 -2.16
C ARG A 149 -10.20 -4.59 -3.59
N ARG A 150 -9.70 -3.38 -3.85
CA ARG A 150 -9.22 -3.02 -5.18
C ARG A 150 -8.00 -2.12 -5.09
N PRO A 151 -7.19 -2.11 -6.15
CA PRO A 151 -5.97 -1.29 -6.22
C PRO A 151 -6.28 0.20 -6.33
N LEU A 152 -5.99 0.94 -5.28
CA LEU A 152 -6.24 2.38 -5.25
C LEU A 152 -4.93 3.16 -5.28
N PRO A 153 -4.38 3.37 -6.50
CA PRO A 153 -3.13 4.11 -6.69
C PRO A 153 -3.28 5.60 -6.39
N ALA A 154 -2.50 6.08 -5.42
CA ALA A 154 -2.54 7.48 -5.04
C ALA A 154 -1.24 8.20 -5.42
N PRO A 155 -1.08 8.48 -6.72
CA PRO A 155 0.10 9.16 -7.24
C PRO A 155 0.16 10.62 -6.81
N VAL A 156 1.29 11.27 -7.08
CA VAL A 156 1.49 12.67 -6.73
C VAL A 156 0.32 13.52 -7.20
N GLY A 157 -0.14 14.43 -6.34
CA GLY A 157 -1.24 15.30 -6.71
C GLY A 157 -2.58 14.75 -6.26
N SER A 158 -2.59 13.50 -5.83
CA SER A 158 -3.81 12.86 -5.37
C SER A 158 -3.95 12.95 -3.85
N SER A 159 -5.06 12.45 -3.32
CA SER A 159 -5.32 12.49 -1.90
C SER A 159 -5.82 11.14 -1.40
N ILE A 160 -5.73 10.93 -0.09
CA ILE A 160 -6.17 9.68 0.52
C ILE A 160 -6.85 9.93 1.86
N GLN A 161 -7.86 9.12 2.16
CA GLN A 161 -8.59 9.25 3.43
C GLN A 161 -9.16 7.90 3.86
N PHE A 162 -9.29 7.72 5.17
CA PHE A 162 -9.82 6.48 5.72
C PHE A 162 -10.55 6.74 7.04
N GLY A 163 -11.72 6.13 7.18
CA GLY A 163 -12.50 6.30 8.39
C GLY A 163 -12.96 7.73 8.58
N PHE A 164 -12.99 8.18 9.83
CA PHE A 164 -13.41 9.54 10.15
C PHE A 164 -12.24 10.38 10.62
N SER A 165 -11.03 9.86 10.45
CA SER A 165 -9.82 10.56 10.86
C SER A 165 -9.79 11.97 10.28
N SER A 166 -9.17 12.90 11.01
CA SER A 166 -9.07 14.28 10.57
C SER A 166 -7.78 14.51 9.78
N ARG A 167 -7.04 13.43 9.55
CA ARG A 167 -5.80 13.51 8.80
C ARG A 167 -5.97 12.99 7.38
N VAL A 168 -5.38 13.70 6.42
CA VAL A 168 -5.47 13.31 5.02
C VAL A 168 -4.09 13.17 4.40
N TYR A 169 -3.89 12.12 3.61
CA TYR A 169 -2.61 11.89 2.95
C TYR A 169 -2.62 12.41 1.52
N LYS A 170 -2.02 13.57 1.32
CA LYS A 170 -1.96 14.19 -0.01
C LYS A 170 -0.57 14.00 -0.63
N VAL A 171 -0.51 13.19 -1.67
CA VAL A 171 0.74 12.93 -2.37
C VAL A 171 1.14 14.10 -3.24
N GLN A 172 2.45 14.24 -3.48
CA GLN A 172 2.96 15.33 -4.30
C GLN A 172 4.36 15.01 -4.82
N LEU A 173 4.72 15.59 -5.95
CA LEU A 173 6.03 15.36 -6.55
C LEU A 173 7.01 16.45 -6.14
N GLY A 174 8.22 16.03 -5.77
CA GLY A 174 9.24 16.98 -5.35
C GLY A 174 9.84 17.73 -6.53
N PRO A 175 10.77 18.66 -6.23
CA PRO A 175 11.43 19.47 -7.24
C PRO A 175 12.39 18.64 -8.10
N PRO A 176 12.84 19.24 -9.21
CA PRO A 176 13.77 18.58 -10.14
C PRO A 176 15.17 18.41 -9.53
N SER A 177 15.69 17.19 -9.63
CA SER A 177 17.03 16.90 -9.10
C SER A 177 18.05 16.78 -10.22
N SER A 178 17.77 17.44 -11.33
CA SER A 178 18.67 17.40 -12.48
C SER A 178 19.79 18.43 -12.34
N SER A 179 21.02 17.96 -12.23
CA SER A 179 22.17 18.84 -12.07
C SER A 179 22.49 19.54 -13.39
N GLY A 1 48.52 50.10 8.78
CA GLY A 1 48.24 50.08 7.36
C GLY A 1 46.77 49.92 7.06
N PRO A 2 45.98 50.97 7.33
CA PRO A 2 44.54 50.95 7.09
C PRO A 2 44.19 50.95 5.60
N MET A 3 43.04 50.38 5.26
CA MET A 3 42.60 50.31 3.88
C MET A 3 41.08 50.22 3.79
N VAL A 4 40.53 50.54 2.62
CA VAL A 4 39.09 50.49 2.42
C VAL A 4 38.68 49.19 1.75
N THR A 5 37.42 48.80 1.97
CA THR A 5 36.90 47.56 1.39
C THR A 5 35.69 47.83 0.51
N SER A 6 35.63 47.16 -0.64
CA SER A 6 34.53 47.33 -1.58
C SER A 6 33.19 47.06 -0.90
N THR A 7 32.14 47.72 -1.38
CA THR A 7 30.81 47.55 -0.83
C THR A 7 30.18 46.23 -1.28
N GLY A 8 30.72 45.68 -2.36
CA GLY A 8 30.21 44.43 -2.89
C GLY A 8 29.31 44.63 -4.10
N LEU A 9 29.45 45.77 -4.75
CA LEU A 9 28.66 46.09 -5.93
C LEU A 9 28.90 45.08 -7.04
N LEU A 10 27.83 44.43 -7.48
CA LEU A 10 27.92 43.43 -8.55
C LEU A 10 26.93 43.73 -9.67
N SER A 11 27.27 43.30 -10.88
CA SER A 11 26.41 43.52 -12.04
C SER A 11 25.21 42.58 -12.01
N ARG A 12 24.35 42.70 -13.02
CA ARG A 12 23.16 41.87 -13.11
C ARG A 12 23.52 40.39 -13.02
N VAL A 13 22.62 39.60 -12.48
CA VAL A 13 22.84 38.15 -12.34
C VAL A 13 21.75 37.36 -13.05
N ALA A 14 22.02 36.08 -13.27
CA ALA A 14 21.06 35.21 -13.94
C ALA A 14 19.76 35.10 -13.15
N ALA A 15 18.64 35.02 -13.85
CA ALA A 15 17.33 34.91 -13.21
C ALA A 15 16.87 33.46 -13.16
N VAL A 16 16.16 33.12 -12.09
CA VAL A 16 15.65 31.76 -11.93
C VAL A 16 14.71 31.38 -13.06
N GLU A 17 15.25 30.69 -14.06
CA GLU A 17 14.45 30.27 -15.21
C GLU A 17 14.22 28.76 -15.19
N LYS A 18 12.96 28.36 -15.15
CA LYS A 18 12.59 26.95 -15.12
C LYS A 18 11.59 26.62 -16.23
N ALA A 19 11.61 25.37 -16.67
CA ALA A 19 10.70 24.93 -17.73
C ALA A 19 9.97 23.65 -17.33
N ALA A 20 8.99 23.25 -18.13
CA ALA A 20 8.23 22.05 -17.85
C ALA A 20 9.07 20.80 -18.06
N GLU A 21 8.79 19.75 -17.30
CA GLU A 21 9.52 18.50 -17.40
C GLU A 21 8.61 17.37 -17.87
N ILE A 22 8.89 16.83 -19.05
CA ILE A 22 8.10 15.75 -19.61
C ILE A 22 8.50 14.41 -19.01
N ALA A 23 7.53 13.73 -18.39
CA ALA A 23 7.78 12.43 -17.78
C ALA A 23 7.87 11.33 -18.83
N LYS A 24 8.19 10.12 -18.39
CA LYS A 24 8.30 8.98 -19.30
C LYS A 24 7.54 7.78 -18.76
N PRO A 25 7.16 6.86 -19.66
CA PRO A 25 6.42 5.65 -19.30
C PRO A 25 7.27 4.66 -18.50
N PRO A 26 6.60 3.66 -17.91
CA PRO A 26 7.28 2.63 -17.11
C PRO A 26 8.14 1.71 -17.96
N PRO A 27 8.98 0.91 -17.28
CA PRO A 27 9.88 -0.05 -17.96
C PRO A 27 9.11 -1.21 -18.59
N PRO A 28 9.81 -1.98 -19.43
CA PRO A 28 9.22 -3.14 -20.11
C PRO A 28 8.92 -4.29 -19.16
N LYS A 29 8.50 -5.42 -19.71
CA LYS A 29 8.18 -6.60 -18.92
C LYS A 29 9.37 -7.00 -18.05
N VAL A 30 9.32 -6.67 -16.77
CA VAL A 30 10.39 -7.00 -15.83
C VAL A 30 10.71 -8.50 -15.89
N VAL A 31 11.83 -8.87 -15.28
CA VAL A 31 12.26 -10.27 -15.25
C VAL A 31 11.47 -11.06 -14.23
N GLU A 32 11.17 -12.32 -14.56
CA GLU A 32 10.42 -13.18 -13.66
C GLU A 32 11.22 -13.51 -12.41
N LEU A 33 10.55 -14.05 -11.39
CA LEU A 33 11.21 -14.41 -10.15
C LEU A 33 12.24 -15.51 -10.36
N THR A 34 13.14 -15.67 -9.40
CA THR A 34 14.19 -16.68 -9.49
C THR A 34 13.99 -17.75 -8.42
N GLU A 35 14.85 -18.77 -8.45
CA GLU A 35 14.77 -19.86 -7.48
C GLU A 35 15.34 -19.43 -6.13
N ALA A 36 16.27 -18.49 -6.17
CA ALA A 36 16.90 -17.99 -4.94
C ALA A 36 16.01 -16.98 -4.24
N ALA A 37 15.02 -16.46 -4.97
CA ALA A 37 14.09 -15.48 -4.42
C ALA A 37 12.90 -16.16 -3.76
N LYS A 38 12.43 -17.24 -4.38
CA LYS A 38 11.29 -17.98 -3.85
C LYS A 38 11.70 -18.83 -2.65
N GLN A 39 13.00 -18.85 -2.37
CA GLN A 39 13.52 -19.63 -1.25
C GLN A 39 14.08 -18.71 -0.16
N LEU A 40 14.77 -17.65 -0.58
CA LEU A 40 15.34 -16.69 0.35
C LEU A 40 14.41 -15.52 0.59
N PRO A 41 14.53 -14.90 1.76
CA PRO A 41 13.69 -13.74 2.14
C PRO A 41 14.03 -12.49 1.33
N GLN A 42 13.05 -11.63 1.13
CA GLN A 42 13.25 -10.40 0.38
C GLN A 42 14.12 -9.43 1.15
N HIS A 43 14.51 -8.33 0.49
CA HIS A 43 15.36 -7.33 1.11
C HIS A 43 14.65 -6.66 2.28
N ILE A 44 13.37 -6.33 2.09
CA ILE A 44 12.57 -5.69 3.12
C ILE A 44 12.22 -6.68 4.22
N ILE A 45 12.05 -7.95 3.85
CA ILE A 45 11.71 -8.98 4.81
C ILE A 45 12.94 -9.45 5.58
N GLY A 46 14.11 -9.31 4.95
CA GLY A 46 15.34 -9.72 5.59
C GLY A 46 15.59 -8.98 6.90
N VAL A 47 14.90 -7.87 7.09
CA VAL A 47 15.05 -7.07 8.30
C VAL A 47 13.82 -7.20 9.20
N THR A 48 12.68 -7.50 8.59
CA THR A 48 11.44 -7.66 9.33
C THR A 48 11.54 -8.77 10.36
N ASP A 49 10.75 -8.67 11.42
CA ASP A 49 10.75 -9.68 12.47
C ASP A 49 9.95 -10.91 12.06
N PRO A 50 10.21 -12.04 12.74
CA PRO A 50 9.53 -13.31 12.45
C PRO A 50 8.06 -13.28 12.87
N THR A 51 7.79 -12.64 14.01
CA THR A 51 6.43 -12.55 14.52
C THR A 51 5.73 -11.31 13.98
N LYS A 52 6.50 -10.39 13.41
CA LYS A 52 5.95 -9.16 12.85
C LYS A 52 5.45 -9.39 11.44
N LEU A 53 6.32 -9.87 10.56
CA LEU A 53 5.96 -10.13 9.18
C LEU A 53 4.86 -11.18 9.09
N ASN A 54 4.83 -12.08 10.08
CA ASN A 54 3.82 -13.13 10.11
C ASN A 54 2.45 -12.57 10.49
N ALA A 55 2.44 -11.70 11.50
CA ALA A 55 1.20 -11.09 11.97
C ALA A 55 0.51 -10.33 10.84
N GLN A 56 1.29 -9.89 9.85
CA GLN A 56 0.75 -9.16 8.72
C GLN A 56 0.41 -10.10 7.58
N VAL A 57 0.98 -11.30 7.61
CA VAL A 57 0.73 -12.29 6.56
C VAL A 57 -0.73 -12.74 6.57
N SER A 58 -1.36 -12.69 7.74
CA SER A 58 -2.75 -13.09 7.87
C SER A 58 -3.69 -11.98 7.39
N TYR A 59 -3.10 -10.91 6.87
CA TYR A 59 -3.88 -9.78 6.38
C TYR A 59 -3.49 -9.43 4.95
N PHE A 60 -2.20 -9.17 4.73
CA PHE A 60 -1.71 -8.83 3.40
C PHE A 60 -0.28 -9.36 3.21
N GLN A 61 0.04 -9.72 1.97
CA GLN A 61 1.37 -10.24 1.65
C GLN A 61 2.24 -9.15 1.04
N CYS A 62 3.55 -9.29 1.22
CA CYS A 62 4.50 -8.32 0.69
C CYS A 62 5.04 -8.77 -0.67
N PRO A 63 4.59 -8.11 -1.74
CA PRO A 63 5.01 -8.42 -3.10
C PRO A 63 6.47 -8.04 -3.37
N PRO A 64 7.05 -8.62 -4.43
CA PRO A 64 8.45 -8.36 -4.81
C PRO A 64 8.64 -6.94 -5.33
N TRP A 65 7.66 -6.45 -6.09
CA TRP A 65 7.72 -5.11 -6.66
C TRP A 65 7.55 -4.05 -5.58
N ALA A 66 7.22 -4.49 -4.37
CA ALA A 66 7.02 -3.59 -3.24
C ALA A 66 8.36 -3.07 -2.71
N ALA A 67 8.36 -1.84 -2.20
CA ALA A 67 9.57 -1.24 -1.66
C ALA A 67 10.62 -1.05 -2.75
N LEU A 68 10.17 -0.68 -3.94
CA LEU A 68 11.07 -0.46 -5.06
C LEU A 68 10.71 0.82 -5.82
N PRO A 69 10.90 1.97 -5.15
CA PRO A 69 10.61 3.28 -5.73
C PRO A 69 11.58 3.65 -6.85
N SER A 70 11.10 4.45 -7.79
CA SER A 70 11.93 4.88 -8.91
C SER A 70 11.71 6.36 -9.23
N VAL A 71 11.05 7.06 -8.31
CA VAL A 71 10.77 8.48 -8.48
C VAL A 71 10.82 9.21 -7.14
N ALA A 72 11.18 10.49 -7.19
CA ALA A 72 11.27 11.30 -5.98
C ALA A 72 9.92 11.94 -5.65
N CYS A 73 9.36 11.58 -4.50
CA CYS A 73 8.08 12.12 -4.08
C CYS A 73 7.98 12.16 -2.55
N HIS A 74 6.98 12.87 -2.04
CA HIS A 74 6.79 12.98 -0.60
C HIS A 74 5.30 12.85 -0.24
N LEU A 75 5.03 12.69 1.04
CA LEU A 75 3.65 12.55 1.52
C LEU A 75 3.31 13.62 2.55
N GLN A 76 2.14 14.21 2.43
CA GLN A 76 1.70 15.25 3.34
C GLN A 76 0.55 14.75 4.22
N CYS A 77 0.65 15.01 5.53
CA CYS A 77 -0.38 14.58 6.46
C CYS A 77 -0.92 15.77 7.25
N THR A 78 -2.24 15.81 7.42
CA THR A 78 -2.87 16.89 8.15
C THR A 78 -3.32 16.44 9.53
N ARG A 79 -3.34 17.37 10.49
CA ARG A 79 -3.74 17.06 11.85
C ARG A 79 -4.39 18.27 12.52
N ASP A 80 -5.65 18.14 12.88
CA ASP A 80 -6.39 19.21 13.53
C ASP A 80 -6.32 20.49 12.70
N GLY A 81 -6.35 20.33 11.37
CA GLY A 81 -6.27 21.47 10.48
C GLY A 81 -4.89 22.09 10.42
N LEU A 82 -3.89 21.30 10.81
CA LEU A 82 -2.50 21.77 10.79
C LEU A 82 -1.70 21.06 9.72
N PRO A 83 -1.35 21.78 8.65
CA PRO A 83 -0.58 21.24 7.53
C PRO A 83 0.87 20.96 7.92
N LEU A 84 1.12 19.72 8.34
CA LEU A 84 2.47 19.32 8.75
C LEU A 84 3.38 19.20 7.54
N PRO A 85 4.70 19.27 7.78
CA PRO A 85 5.71 19.17 6.73
C PRO A 85 5.79 17.78 6.13
N ALA A 86 5.51 17.67 4.83
CA ALA A 86 5.55 16.39 4.14
C ALA A 86 6.96 15.80 4.15
N LEU A 87 7.04 14.47 4.22
CA LEU A 87 8.33 13.79 4.25
C LEU A 87 8.27 12.49 3.45
N GLY A 88 9.32 12.22 2.68
CA GLY A 88 9.36 11.01 1.88
C GLY A 88 9.28 9.75 2.73
N LEU A 89 8.10 9.17 2.81
CA LEU A 89 7.89 7.96 3.60
C LEU A 89 8.47 6.74 2.88
N HIS A 90 9.79 6.66 2.82
CA HIS A 90 10.47 5.54 2.17
C HIS A 90 11.19 4.67 3.19
N ARG A 91 10.99 4.97 4.47
CA ARG A 91 11.63 4.22 5.54
C ARG A 91 11.04 2.81 5.63
N PHE A 92 9.85 2.64 5.07
CA PHE A 92 9.18 1.34 5.09
C PHE A 92 8.56 1.02 3.73
N PRO A 93 8.37 -0.27 3.45
CA PRO A 93 7.78 -0.73 2.19
C PRO A 93 6.30 -0.39 2.09
N PHE A 94 5.62 -0.36 3.23
CA PHE A 94 4.19 -0.05 3.27
C PHE A 94 3.78 0.43 4.66
N TYR A 95 2.50 0.75 4.81
CA TYR A 95 1.98 1.23 6.09
C TYR A 95 0.51 0.82 6.25
N LEU A 96 0.22 0.10 7.32
CA LEU A 96 -1.14 -0.34 7.60
C LEU A 96 -1.84 0.60 8.57
N PHE A 97 -3.04 1.05 8.19
CA PHE A 97 -3.81 1.96 9.03
C PHE A 97 -5.04 1.26 9.61
N GLY A 98 -5.05 1.09 10.93
CA GLY A 98 -6.16 0.44 11.59
C GLY A 98 -6.13 0.61 13.09
N ARG A 99 -6.79 -0.29 13.81
CA ARG A 99 -6.84 -0.23 15.26
C ARG A 99 -6.14 -1.43 15.88
N SER A 100 -5.66 -2.32 15.03
CA SER A 100 -4.96 -3.53 15.49
C SER A 100 -3.55 -3.19 15.95
N LYS A 101 -2.92 -4.14 16.64
CA LYS A 101 -1.56 -3.95 17.14
C LYS A 101 -0.53 -4.29 16.06
N VAL A 102 -1.00 -4.90 14.97
CA VAL A 102 -0.12 -5.26 13.87
C VAL A 102 -0.07 -4.16 12.82
N CYS A 103 -0.90 -3.15 12.99
CA CYS A 103 -0.95 -2.03 12.05
C CYS A 103 0.23 -1.08 12.26
N ASP A 104 0.52 -0.28 11.25
CA ASP A 104 1.63 0.66 11.32
C ASP A 104 1.15 2.01 11.86
N TYR A 105 -0.14 2.11 12.15
CA TYR A 105 -0.72 3.34 12.66
C TYR A 105 -1.99 3.06 13.45
N VAL A 106 -1.88 3.17 14.78
CA VAL A 106 -3.02 2.93 15.66
C VAL A 106 -3.71 4.24 16.04
N LEU A 107 -4.91 4.46 15.51
CA LEU A 107 -5.66 5.67 15.81
C LEU A 107 -6.88 5.35 16.66
N GLU A 108 -7.77 6.34 16.81
CA GLU A 108 -8.97 6.16 17.60
C GLU A 108 -10.20 6.67 16.84
N HIS A 109 -11.02 5.73 16.37
CA HIS A 109 -12.23 6.08 15.63
C HIS A 109 -13.17 4.88 15.52
N PRO A 110 -14.48 5.15 15.59
CA PRO A 110 -15.51 4.11 15.50
C PRO A 110 -15.60 3.50 14.11
N SER A 111 -14.96 4.15 13.14
CA SER A 111 -14.98 3.67 11.76
C SER A 111 -13.70 2.92 11.44
N ILE A 112 -12.61 3.28 12.12
CA ILE A 112 -11.33 2.64 11.90
C ILE A 112 -11.28 1.26 12.53
N SER A 113 -11.20 0.23 11.68
CA SER A 113 -11.16 -1.14 12.16
C SER A 113 -9.72 -1.62 12.30
N SER A 114 -9.54 -2.79 12.91
CA SER A 114 -8.22 -3.37 13.11
C SER A 114 -7.37 -3.24 11.84
N VAL A 115 -8.02 -3.39 10.69
CA VAL A 115 -7.33 -3.30 9.41
C VAL A 115 -8.21 -2.61 8.37
N HIS A 116 -8.28 -1.29 8.44
CA HIS A 116 -9.08 -0.51 7.50
C HIS A 116 -8.52 -0.62 6.09
N ALA A 117 -7.24 -0.27 5.94
CA ALA A 117 -6.58 -0.34 4.64
C ALA A 117 -5.08 -0.16 4.78
N VAL A 118 -4.33 -0.71 3.82
CA VAL A 118 -2.87 -0.62 3.84
C VAL A 118 -2.34 -0.19 2.49
N LEU A 119 -1.39 0.74 2.49
CA LEU A 119 -0.79 1.24 1.26
C LEU A 119 0.64 0.74 1.11
N VAL A 120 1.01 0.38 -0.11
CA VAL A 120 2.37 -0.11 -0.39
C VAL A 120 2.99 0.62 -1.57
N PHE A 121 4.26 0.98 -1.44
CA PHE A 121 4.97 1.69 -2.49
C PHE A 121 5.12 0.81 -3.73
N HIS A 122 4.15 0.89 -4.63
CA HIS A 122 4.18 0.11 -5.86
C HIS A 122 5.41 0.44 -6.69
N GLY A 123 6.37 -0.49 -6.73
CA GLY A 123 7.59 -0.28 -7.49
C GLY A 123 7.33 -0.28 -8.99
N GLY A 124 6.12 -0.63 -9.39
CA GLY A 124 5.78 -0.67 -10.79
C GLY A 124 5.24 0.64 -11.29
N GLN A 125 4.26 1.19 -10.58
CA GLN A 125 3.64 2.45 -10.96
C GLN A 125 4.31 3.62 -10.23
N ARG A 126 5.22 3.30 -9.32
CA ARG A 126 5.93 4.32 -8.56
C ARG A 126 4.96 5.08 -7.66
N CYS A 127 3.80 4.50 -7.41
CA CYS A 127 2.80 5.12 -6.56
C CYS A 127 2.34 4.17 -5.45
N PHE A 128 1.68 4.72 -4.44
CA PHE A 128 1.20 3.92 -3.33
C PHE A 128 -0.18 3.34 -3.62
N VAL A 129 -0.31 2.03 -3.46
CA VAL A 129 -1.58 1.34 -3.72
C VAL A 129 -2.24 0.92 -2.42
N LEU A 130 -3.34 1.58 -2.09
CA LEU A 130 -4.08 1.28 -0.86
C LEU A 130 -5.31 0.43 -1.17
N MET A 131 -5.38 -0.74 -0.56
CA MET A 131 -6.51 -1.64 -0.76
C MET A 131 -7.28 -1.85 0.54
N ASP A 132 -8.61 -1.74 0.45
CA ASP A 132 -9.46 -1.91 1.62
C ASP A 132 -9.77 -3.38 1.86
N LEU A 133 -9.62 -3.81 3.11
CA LEU A 133 -9.88 -5.21 3.47
C LEU A 133 -11.38 -5.48 3.54
N GLY A 134 -12.17 -4.42 3.45
CA GLY A 134 -13.62 -4.57 3.49
C GLY A 134 -14.25 -3.76 4.62
N SER A 135 -13.85 -2.50 4.74
CA SER A 135 -14.37 -1.63 5.79
C SER A 135 -15.87 -1.45 5.64
N THR A 136 -16.60 -1.63 6.75
CA THR A 136 -18.04 -1.49 6.74
C THR A 136 -18.47 -0.12 6.22
N ASN A 137 -17.57 0.85 6.34
CA ASN A 137 -17.85 2.20 5.88
C ASN A 137 -17.21 2.46 4.52
N GLY A 138 -15.92 2.15 4.42
CA GLY A 138 -15.20 2.35 3.17
C GLY A 138 -14.27 3.55 3.22
N VAL A 139 -13.13 3.43 2.55
CA VAL A 139 -12.15 4.52 2.53
C VAL A 139 -12.42 5.49 1.38
N LYS A 140 -11.69 6.58 1.35
CA LYS A 140 -11.85 7.59 0.31
C LYS A 140 -10.62 7.64 -0.59
N LEU A 141 -10.85 7.65 -1.90
CA LEU A 141 -9.76 7.70 -2.87
C LEU A 141 -9.78 9.02 -3.64
N ASN A 142 -8.66 9.73 -3.61
CA ASN A 142 -8.53 11.01 -4.31
C ASN A 142 -9.53 12.02 -3.75
N GLY A 143 -10.00 11.78 -2.52
CA GLY A 143 -10.94 12.68 -1.89
C GLY A 143 -12.38 12.38 -2.28
N ASN A 144 -12.64 11.13 -2.66
CA ASN A 144 -13.97 10.72 -3.06
C ASN A 144 -14.25 9.28 -2.63
N ARG A 145 -15.29 9.11 -1.81
CA ARG A 145 -15.66 7.78 -1.32
C ARG A 145 -15.81 6.79 -2.48
N ILE A 146 -15.28 5.60 -2.30
CA ILE A 146 -15.35 4.57 -3.32
C ILE A 146 -15.60 3.19 -2.71
N GLU A 147 -15.55 2.16 -3.54
CA GLU A 147 -15.77 0.79 -3.07
C GLU A 147 -14.57 0.29 -2.27
N LYS A 148 -14.57 -1.00 -1.96
CA LYS A 148 -13.49 -1.61 -1.20
C LYS A 148 -13.00 -2.88 -1.87
N ARG A 149 -11.92 -3.46 -1.34
CA ARG A 149 -11.35 -4.68 -1.89
C ARG A 149 -10.95 -4.49 -3.35
N ARG A 150 -10.36 -3.34 -3.64
CA ARG A 150 -9.92 -3.03 -5.00
C ARG A 150 -8.66 -2.17 -4.99
N PRO A 151 -7.93 -2.18 -6.11
CA PRO A 151 -6.70 -1.40 -6.26
C PRO A 151 -6.95 0.10 -6.32
N LEU A 152 -6.51 0.82 -5.29
CA LEU A 152 -6.70 2.26 -5.22
C LEU A 152 -5.36 2.98 -5.28
N PRO A 153 -4.86 3.20 -6.51
CA PRO A 153 -3.58 3.88 -6.72
C PRO A 153 -3.66 5.37 -6.39
N ALA A 154 -2.75 5.82 -5.51
CA ALA A 154 -2.72 7.22 -5.11
C ALA A 154 -1.39 7.86 -5.48
N PRO A 155 -1.25 8.25 -6.75
CA PRO A 155 -0.03 8.88 -7.27
C PRO A 155 0.17 10.29 -6.72
N VAL A 156 1.20 10.96 -7.19
CA VAL A 156 1.50 12.32 -6.75
C VAL A 156 0.41 13.29 -7.19
N GLY A 157 0.13 14.27 -6.34
CA GLY A 157 -0.90 15.25 -6.66
C GLY A 157 -2.27 14.81 -6.21
N SER A 158 -2.40 13.54 -5.86
CA SER A 158 -3.68 12.99 -5.41
C SER A 158 -3.78 13.00 -3.89
N SER A 159 -4.94 12.61 -3.38
CA SER A 159 -5.17 12.58 -1.95
C SER A 159 -5.68 11.21 -1.51
N ILE A 160 -5.63 10.95 -0.20
CA ILE A 160 -6.08 9.67 0.34
C ILE A 160 -6.77 9.86 1.68
N GLN A 161 -7.75 9.01 1.97
CA GLN A 161 -8.49 9.08 3.23
C GLN A 161 -9.00 7.71 3.64
N PHE A 162 -9.22 7.53 4.93
CA PHE A 162 -9.71 6.26 5.45
C PHE A 162 -10.56 6.48 6.70
N GLY A 163 -11.68 5.77 6.77
CA GLY A 163 -12.57 5.90 7.91
C GLY A 163 -13.14 7.30 8.04
N PHE A 164 -13.45 7.69 9.28
CA PHE A 164 -14.01 9.02 9.54
C PHE A 164 -12.94 9.95 10.12
N SER A 165 -11.69 9.49 10.09
CA SER A 165 -10.59 10.29 10.61
C SER A 165 -10.49 11.64 9.92
N SER A 166 -9.81 12.58 10.55
CA SER A 166 -9.65 13.92 9.99
C SER A 166 -8.37 14.01 9.16
N ARG A 167 -7.36 13.24 9.55
CA ARG A 167 -6.09 13.24 8.85
C ARG A 167 -6.29 12.96 7.36
N VAL A 168 -5.37 13.47 6.54
CA VAL A 168 -5.45 13.28 5.09
C VAL A 168 -4.06 13.13 4.49
N TYR A 169 -3.89 12.11 3.66
CA TYR A 169 -2.60 11.86 3.01
C TYR A 169 -2.59 12.42 1.59
N LYS A 170 -1.95 13.56 1.42
CA LYS A 170 -1.86 14.20 0.12
C LYS A 170 -0.48 13.99 -0.52
N VAL A 171 -0.44 13.17 -1.57
CA VAL A 171 0.81 12.89 -2.26
C VAL A 171 1.21 14.03 -3.19
N GLN A 172 2.51 14.17 -3.43
CA GLN A 172 3.01 15.22 -4.30
C GLN A 172 4.42 14.90 -4.78
N LEU A 173 4.74 15.34 -6.00
CA LEU A 173 6.05 15.08 -6.59
C LEU A 173 7.08 16.08 -6.06
N GLY A 174 8.27 15.57 -5.73
CA GLY A 174 9.31 16.42 -5.22
C GLY A 174 9.70 17.53 -6.18
N PRO A 175 10.63 18.40 -5.76
CA PRO A 175 11.09 19.51 -6.59
C PRO A 175 11.93 19.05 -7.77
N PRO A 176 12.19 19.97 -8.72
CA PRO A 176 12.98 19.68 -9.91
C PRO A 176 14.45 19.45 -9.60
N SER A 177 14.90 20.02 -8.49
CA SER A 177 16.29 19.87 -8.07
C SER A 177 16.48 18.63 -7.22
N SER A 178 16.08 17.48 -7.76
CA SER A 178 16.20 16.21 -7.06
C SER A 178 17.66 15.93 -6.68
N SER A 179 17.87 15.45 -5.47
CA SER A 179 19.21 15.14 -4.99
C SER A 179 19.31 13.70 -4.53
N GLY A 1 -31.34 33.52 -35.26
CA GLY A 1 -31.40 33.76 -36.69
C GLY A 1 -30.94 32.55 -37.49
N PRO A 2 -31.12 32.63 -38.82
CA PRO A 2 -30.73 31.55 -39.74
C PRO A 2 -29.23 31.38 -39.84
N MET A 3 -28.78 30.13 -39.95
CA MET A 3 -27.35 29.85 -40.06
C MET A 3 -27.12 28.36 -40.29
N VAL A 4 -25.98 28.02 -40.90
CA VAL A 4 -25.64 26.63 -41.18
C VAL A 4 -25.35 25.87 -39.89
N THR A 5 -25.65 24.58 -39.90
CA THR A 5 -25.43 23.73 -38.73
C THR A 5 -24.78 22.41 -39.12
N SER A 6 -23.48 22.30 -38.91
CA SER A 6 -22.75 21.09 -39.25
C SER A 6 -21.43 21.02 -38.48
N THR A 7 -21.15 19.85 -37.91
CA THR A 7 -19.92 19.65 -37.15
C THR A 7 -19.03 18.60 -37.80
N GLY A 8 -19.63 17.78 -38.65
CA GLY A 8 -18.88 16.74 -39.33
C GLY A 8 -18.60 15.55 -38.43
N LEU A 9 -19.39 15.41 -37.38
CA LEU A 9 -19.22 14.31 -36.43
C LEU A 9 -19.18 12.97 -37.16
N LEU A 10 -18.53 11.98 -36.55
CA LEU A 10 -18.42 10.66 -37.13
C LEU A 10 -18.93 9.59 -36.18
N SER A 11 -19.12 8.38 -36.68
CA SER A 11 -19.60 7.27 -35.87
C SER A 11 -18.71 7.06 -34.65
N ARG A 12 -19.10 6.12 -33.79
CA ARG A 12 -18.33 5.82 -32.59
C ARG A 12 -17.68 4.46 -32.68
N VAL A 13 -16.51 4.32 -32.05
CA VAL A 13 -15.78 3.05 -32.06
C VAL A 13 -16.53 1.97 -31.31
N ALA A 14 -16.33 0.73 -31.72
CA ALA A 14 -17.00 -0.40 -31.09
C ALA A 14 -16.79 -0.38 -29.57
N ALA A 15 -17.64 -1.10 -28.85
CA ALA A 15 -17.56 -1.16 -27.40
C ALA A 15 -16.68 -2.31 -26.94
N VAL A 16 -16.34 -2.33 -25.66
CA VAL A 16 -15.50 -3.38 -25.10
C VAL A 16 -16.27 -4.21 -24.07
N GLU A 17 -16.51 -5.48 -24.41
CA GLU A 17 -17.23 -6.38 -23.51
C GLU A 17 -16.84 -7.83 -23.77
N LYS A 18 -17.22 -8.71 -22.85
CA LYS A 18 -16.91 -10.14 -22.99
C LYS A 18 -17.27 -10.64 -24.38
N ALA A 19 -16.74 -11.80 -24.73
CA ALA A 19 -17.01 -12.40 -26.03
C ALA A 19 -17.40 -13.88 -25.89
N ALA A 20 -17.78 -14.49 -27.01
CA ALA A 20 -18.17 -15.89 -27.02
C ALA A 20 -17.11 -16.76 -26.35
N GLU A 21 -17.56 -17.88 -25.78
CA GLU A 21 -16.64 -18.80 -25.11
C GLU A 21 -15.54 -19.26 -26.06
N ILE A 22 -14.35 -18.67 -25.91
CA ILE A 22 -13.22 -19.03 -26.76
C ILE A 22 -12.85 -20.50 -26.60
N ALA A 23 -12.63 -21.17 -27.72
CA ALA A 23 -12.27 -22.58 -27.71
C ALA A 23 -10.92 -22.79 -27.02
N LYS A 24 -10.49 -24.05 -26.97
CA LYS A 24 -9.22 -24.39 -26.34
C LYS A 24 -8.08 -23.56 -26.92
N PRO A 25 -7.55 -22.63 -26.11
CA PRO A 25 -6.45 -21.76 -26.52
C PRO A 25 -5.14 -22.51 -26.67
N PRO A 26 -4.14 -21.84 -27.28
CA PRO A 26 -2.81 -22.43 -27.50
C PRO A 26 -2.03 -22.61 -26.21
N PRO A 27 -0.92 -23.35 -26.29
CA PRO A 27 -0.06 -23.63 -25.13
C PRO A 27 0.68 -22.38 -24.66
N PRO A 28 0.32 -21.89 -23.46
CA PRO A 28 0.96 -20.70 -22.88
C PRO A 28 2.40 -20.96 -22.45
N LYS A 29 2.97 -20.01 -21.72
CA LYS A 29 4.34 -20.13 -21.25
C LYS A 29 4.38 -20.36 -19.73
N VAL A 30 5.41 -21.06 -19.27
CA VAL A 30 5.57 -21.34 -17.85
C VAL A 30 5.37 -20.09 -17.01
N VAL A 31 4.71 -20.24 -15.87
CA VAL A 31 4.46 -19.12 -14.98
C VAL A 31 5.59 -18.95 -13.96
N GLU A 32 5.80 -17.72 -13.51
CA GLU A 32 6.85 -17.45 -12.52
C GLU A 32 6.73 -18.37 -11.33
N LEU A 33 7.74 -18.36 -10.48
CA LEU A 33 7.76 -19.20 -9.28
C LEU A 33 6.51 -18.97 -8.44
N THR A 34 6.37 -19.73 -7.36
CA THR A 34 5.23 -19.60 -6.46
C THR A 34 5.17 -18.21 -5.84
N GLU A 35 4.04 -17.91 -5.20
CA GLU A 35 3.84 -16.62 -4.56
C GLU A 35 4.94 -16.35 -3.53
N ALA A 36 5.01 -17.23 -2.53
CA ALA A 36 6.01 -17.09 -1.47
C ALA A 36 7.42 -17.26 -2.03
N ALA A 37 7.52 -17.78 -3.25
CA ALA A 37 8.81 -17.98 -3.89
C ALA A 37 9.25 -16.74 -4.65
N LYS A 38 8.28 -15.97 -5.14
CA LYS A 38 8.58 -14.75 -5.87
C LYS A 38 8.58 -13.54 -4.94
N GLN A 39 7.88 -13.66 -3.83
CA GLN A 39 7.80 -12.57 -2.85
C GLN A 39 8.66 -12.89 -1.63
N LEU A 40 9.79 -13.56 -1.84
CA LEU A 40 10.69 -13.91 -0.76
C LEU A 40 10.85 -12.75 0.22
N PRO A 41 11.27 -13.08 1.46
CA PRO A 41 11.48 -12.07 2.50
C PRO A 41 12.68 -11.18 2.23
N GLN A 42 12.42 -10.01 1.64
CA GLN A 42 13.48 -9.07 1.32
C GLN A 42 14.35 -8.80 2.54
N HIS A 43 15.46 -8.08 2.33
CA HIS A 43 16.37 -7.74 3.40
C HIS A 43 15.61 -7.26 4.63
N ILE A 44 14.72 -6.30 4.43
CA ILE A 44 13.93 -5.74 5.52
C ILE A 44 13.25 -6.85 6.32
N ILE A 45 12.77 -7.86 5.63
CA ILE A 45 12.10 -8.99 6.27
C ILE A 45 13.11 -9.98 6.83
N GLY A 46 14.28 -10.05 6.19
CA GLY A 46 15.32 -10.96 6.64
C GLY A 46 15.87 -10.58 8.00
N VAL A 47 15.50 -9.40 8.49
CA VAL A 47 15.97 -8.92 9.79
C VAL A 47 14.81 -8.81 10.77
N THR A 48 13.60 -8.60 10.25
CA THR A 48 12.43 -8.47 11.08
C THR A 48 12.27 -9.66 12.02
N ASP A 49 11.61 -9.43 13.14
CA ASP A 49 11.39 -10.50 14.13
C ASP A 49 10.46 -11.56 13.57
N PRO A 50 10.50 -12.76 14.18
CA PRO A 50 9.66 -13.89 13.77
C PRO A 50 8.19 -13.68 14.10
N THR A 51 7.94 -13.04 15.24
CA THR A 51 6.57 -12.77 15.67
C THR A 51 6.07 -11.43 15.12
N LYS A 52 7.02 -10.59 14.70
CA LYS A 52 6.68 -9.27 14.17
C LYS A 52 6.32 -9.37 12.69
N LEU A 53 7.25 -9.85 11.89
CA LEU A 53 7.04 -10.00 10.45
C LEU A 53 5.77 -10.82 10.18
N ASN A 54 5.45 -11.72 11.09
CA ASN A 54 4.27 -12.57 10.94
C ASN A 54 3.00 -11.77 11.20
N ALA A 55 3.01 -10.96 12.25
CA ALA A 55 1.86 -10.14 12.60
C ALA A 55 1.41 -9.29 11.43
N GLN A 56 2.33 -8.98 10.53
CA GLN A 56 2.03 -8.19 9.35
C GLN A 56 1.69 -9.07 8.16
N VAL A 57 2.15 -10.31 8.22
CA VAL A 57 1.90 -11.27 7.13
C VAL A 57 0.54 -11.93 7.29
N SER A 58 -0.07 -11.76 8.46
CA SER A 58 -1.37 -12.34 8.74
C SER A 58 -2.49 -11.46 8.20
N TYR A 59 -2.10 -10.35 7.57
CA TYR A 59 -3.07 -9.42 7.02
C TYR A 59 -2.74 -9.10 5.56
N PHE A 60 -1.51 -8.66 5.33
CA PHE A 60 -1.06 -8.32 3.99
C PHE A 60 0.33 -8.90 3.70
N GLN A 61 0.57 -9.23 2.45
CA GLN A 61 1.86 -9.81 2.04
C GLN A 61 2.74 -8.74 1.40
N CYS A 62 4.05 -8.94 1.50
CA CYS A 62 5.01 -8.00 0.93
C CYS A 62 5.57 -8.53 -0.39
N PRO A 63 5.07 -8.00 -1.51
CA PRO A 63 5.50 -8.40 -2.85
C PRO A 63 6.93 -7.95 -3.15
N PRO A 64 7.51 -8.52 -4.21
CA PRO A 64 8.89 -8.20 -4.64
C PRO A 64 8.99 -6.79 -5.22
N TRP A 65 7.98 -6.40 -5.97
CA TRP A 65 7.96 -5.07 -6.60
C TRP A 65 7.72 -3.99 -5.55
N ALA A 66 7.44 -4.41 -4.32
CA ALA A 66 7.20 -3.48 -3.23
C ALA A 66 8.51 -2.92 -2.67
N ALA A 67 8.46 -1.69 -2.18
CA ALA A 67 9.64 -1.04 -1.62
C ALA A 67 10.70 -0.83 -2.69
N LEU A 68 10.26 -0.63 -3.93
CA LEU A 68 11.18 -0.41 -5.04
C LEU A 68 10.82 0.85 -5.81
N PRO A 69 10.99 2.00 -5.16
CA PRO A 69 10.69 3.31 -5.77
C PRO A 69 11.67 3.67 -6.87
N SER A 70 11.20 4.45 -7.84
CA SER A 70 12.04 4.87 -8.96
C SER A 70 11.85 6.36 -9.25
N VAL A 71 11.12 7.04 -8.37
CA VAL A 71 10.87 8.47 -8.53
C VAL A 71 10.92 9.19 -7.20
N ALA A 72 11.30 10.47 -7.23
CA ALA A 72 11.39 11.27 -6.02
C ALA A 72 10.06 11.91 -5.69
N CYS A 73 9.51 11.58 -4.52
CA CYS A 73 8.23 12.14 -4.09
C CYS A 73 8.15 12.20 -2.57
N HIS A 74 7.04 12.72 -2.06
CA HIS A 74 6.85 12.84 -0.62
C HIS A 74 5.37 12.72 -0.25
N LEU A 75 5.09 12.55 1.03
CA LEU A 75 3.72 12.41 1.51
C LEU A 75 3.39 13.50 2.53
N GLN A 76 2.20 14.09 2.38
CA GLN A 76 1.76 15.14 3.29
C GLN A 76 0.60 14.66 4.16
N CYS A 77 0.66 14.97 5.45
CA CYS A 77 -0.37 14.57 6.39
C CYS A 77 -0.89 15.78 7.17
N THR A 78 -2.20 15.81 7.40
CA THR A 78 -2.82 16.90 8.12
C THR A 78 -3.34 16.43 9.48
N ARG A 79 -3.44 17.35 10.43
CA ARG A 79 -3.92 17.03 11.76
C ARG A 79 -4.49 18.28 12.45
N ASP A 80 -5.76 18.19 12.83
CA ASP A 80 -6.43 19.30 13.49
C ASP A 80 -6.32 20.58 12.66
N GLY A 81 -6.35 20.42 11.35
CA GLY A 81 -6.25 21.58 10.46
C GLY A 81 -4.85 22.15 10.41
N LEU A 82 -3.87 21.34 10.80
CA LEU A 82 -2.47 21.78 10.81
C LEU A 82 -1.68 21.06 9.73
N PRO A 83 -1.31 21.78 8.67
CA PRO A 83 -0.53 21.24 7.56
C PRO A 83 0.90 20.91 7.95
N LEU A 84 1.13 19.66 8.36
CA LEU A 84 2.46 19.22 8.77
C LEU A 84 3.37 19.09 7.56
N PRO A 85 4.69 19.11 7.82
CA PRO A 85 5.71 19.01 6.76
C PRO A 85 5.76 17.61 6.15
N ALA A 86 5.58 17.53 4.84
CA ALA A 86 5.61 16.26 4.13
C ALA A 86 7.01 15.66 4.14
N LEU A 87 7.08 14.33 4.12
CA LEU A 87 8.36 13.63 4.13
C LEU A 87 8.28 12.34 3.33
N GLY A 88 9.29 12.07 2.52
CA GLY A 88 9.32 10.86 1.73
C GLY A 88 9.26 9.60 2.58
N LEU A 89 8.08 9.01 2.69
CA LEU A 89 7.90 7.80 3.48
C LEU A 89 8.38 6.57 2.71
N HIS A 90 9.70 6.47 2.56
CA HIS A 90 10.30 5.34 1.85
C HIS A 90 11.08 4.45 2.81
N ARG A 91 10.99 4.75 4.10
CA ARG A 91 11.68 3.98 5.13
C ARG A 91 11.08 2.58 5.26
N PHE A 92 9.85 2.44 4.79
CA PHE A 92 9.15 1.15 4.87
C PHE A 92 8.51 0.80 3.52
N PRO A 93 8.27 -0.49 3.30
CA PRO A 93 7.65 -0.99 2.06
C PRO A 93 6.19 -0.59 1.94
N PHE A 94 5.53 -0.43 3.10
CA PHE A 94 4.12 -0.06 3.12
C PHE A 94 3.75 0.54 4.47
N TYR A 95 2.50 0.98 4.59
CA TYR A 95 2.01 1.57 5.83
C TYR A 95 0.57 1.17 6.09
N LEU A 96 0.33 0.56 7.24
CA LEU A 96 -1.01 0.13 7.62
C LEU A 96 -1.75 1.22 8.39
N PHE A 97 -3.08 1.22 8.30
CA PHE A 97 -3.90 2.20 8.98
C PHE A 97 -5.15 1.57 9.57
N GLY A 98 -5.16 1.41 10.88
CA GLY A 98 -6.30 0.81 11.56
C GLY A 98 -6.29 1.06 13.05
N ARG A 99 -6.77 0.09 13.82
CA ARG A 99 -6.81 0.20 15.27
C ARG A 99 -5.95 -0.86 15.94
N SER A 100 -5.34 -1.71 15.12
CA SER A 100 -4.48 -2.77 15.63
C SER A 100 -3.07 -2.25 15.90
N LYS A 101 -2.34 -2.97 16.75
CA LYS A 101 -0.97 -2.59 17.09
C LYS A 101 0.00 -2.96 15.97
N VAL A 102 -0.41 -3.91 15.13
CA VAL A 102 0.42 -4.35 14.01
C VAL A 102 0.50 -3.28 12.93
N CYS A 103 -0.49 -2.40 12.90
CA CYS A 103 -0.54 -1.33 11.91
C CYS A 103 0.56 -0.30 12.16
N ASP A 104 0.82 0.53 11.17
CA ASP A 104 1.86 1.55 11.28
C ASP A 104 1.30 2.81 11.95
N TYR A 105 -0.02 2.95 11.93
CA TYR A 105 -0.68 4.11 12.52
C TYR A 105 -1.85 3.69 13.40
N VAL A 106 -1.69 3.81 14.71
CA VAL A 106 -2.73 3.44 15.65
C VAL A 106 -3.56 4.65 16.07
N LEU A 107 -4.79 4.72 15.56
CA LEU A 107 -5.68 5.82 15.89
C LEU A 107 -6.86 5.36 16.72
N GLU A 108 -7.85 6.23 16.90
CA GLU A 108 -9.03 5.90 17.70
C GLU A 108 -10.29 6.44 17.02
N HIS A 109 -11.08 5.53 16.45
CA HIS A 109 -12.31 5.92 15.78
C HIS A 109 -13.26 4.72 15.66
N PRO A 110 -14.57 4.99 15.71
CA PRO A 110 -15.60 3.96 15.61
C PRO A 110 -15.68 3.35 14.21
N SER A 111 -15.08 4.03 13.24
CA SER A 111 -15.08 3.57 11.86
C SER A 111 -13.78 2.87 11.52
N ILE A 112 -12.71 3.24 12.22
CA ILE A 112 -11.40 2.65 11.98
C ILE A 112 -11.32 1.26 12.60
N SER A 113 -11.15 0.24 11.77
CA SER A 113 -11.05 -1.13 12.25
C SER A 113 -9.60 -1.56 12.38
N SER A 114 -9.37 -2.71 13.01
CA SER A 114 -8.03 -3.23 13.21
C SER A 114 -7.21 -3.11 11.93
N VAL A 115 -7.86 -3.30 10.79
CA VAL A 115 -7.19 -3.22 9.50
C VAL A 115 -8.09 -2.59 8.45
N HIS A 116 -8.21 -1.27 8.49
CA HIS A 116 -9.04 -0.54 7.55
C HIS A 116 -8.48 -0.65 6.13
N ALA A 117 -7.26 -0.16 5.95
CA ALA A 117 -6.61 -0.22 4.64
C ALA A 117 -5.10 -0.11 4.77
N VAL A 118 -4.39 -0.39 3.68
CA VAL A 118 -2.93 -0.33 3.68
C VAL A 118 -2.40 0.05 2.30
N LEU A 119 -1.38 0.89 2.28
CA LEU A 119 -0.78 1.32 1.02
C LEU A 119 0.66 0.81 0.89
N VAL A 120 1.03 0.43 -0.32
CA VAL A 120 2.38 -0.08 -0.59
C VAL A 120 3.03 0.66 -1.76
N PHE A 121 4.30 1.01 -1.60
CA PHE A 121 5.03 1.71 -2.64
C PHE A 121 5.23 0.83 -3.86
N HIS A 122 4.25 0.86 -4.77
CA HIS A 122 4.32 0.07 -5.99
C HIS A 122 5.57 0.40 -6.80
N GLY A 123 6.53 -0.52 -6.81
CA GLY A 123 7.76 -0.31 -7.54
C GLY A 123 7.57 -0.41 -9.04
N GLY A 124 6.36 -0.78 -9.46
CA GLY A 124 6.07 -0.90 -10.88
C GLY A 124 5.59 0.39 -11.49
N GLN A 125 4.62 1.02 -10.84
CA GLN A 125 4.07 2.28 -11.33
C GLN A 125 4.63 3.47 -10.55
N ARG A 126 5.43 3.17 -9.53
CA ARG A 126 6.03 4.20 -8.70
C ARG A 126 4.95 5.00 -7.96
N CYS A 127 3.83 4.34 -7.68
CA CYS A 127 2.73 4.98 -6.97
C CYS A 127 2.19 4.08 -5.88
N PHE A 128 1.89 4.66 -4.72
CA PHE A 128 1.37 3.90 -3.59
C PHE A 128 0.00 3.32 -3.91
N VAL A 129 -0.15 2.01 -3.71
CA VAL A 129 -1.40 1.33 -3.98
C VAL A 129 -2.13 0.97 -2.68
N LEU A 130 -3.23 1.67 -2.42
CA LEU A 130 -4.01 1.44 -1.21
C LEU A 130 -5.26 0.61 -1.53
N MET A 131 -5.49 -0.43 -0.74
CA MET A 131 -6.64 -1.29 -0.93
C MET A 131 -7.38 -1.51 0.39
N ASP A 132 -8.72 -1.46 0.32
CA ASP A 132 -9.55 -1.65 1.51
C ASP A 132 -9.96 -3.12 1.66
N LEU A 133 -9.74 -3.68 2.84
CA LEU A 133 -10.10 -5.07 3.11
C LEU A 133 -11.61 -5.26 3.04
N GLY A 134 -12.35 -4.16 3.06
CA GLY A 134 -13.79 -4.23 3.00
C GLY A 134 -14.46 -3.76 4.27
N SER A 135 -14.05 -2.60 4.76
CA SER A 135 -14.60 -2.04 5.99
C SER A 135 -16.11 -1.93 5.90
N THR A 136 -16.74 -1.53 7.00
CA THR A 136 -18.19 -1.37 7.04
C THR A 136 -18.59 0.05 6.68
N ASN A 137 -17.68 1.00 6.88
CA ASN A 137 -17.95 2.40 6.58
C ASN A 137 -17.69 2.70 5.11
N GLY A 138 -16.41 2.75 4.74
CA GLY A 138 -16.04 3.03 3.37
C GLY A 138 -14.82 3.92 3.27
N VAL A 139 -13.83 3.48 2.50
CA VAL A 139 -12.59 4.24 2.31
C VAL A 139 -12.71 5.21 1.14
N LYS A 140 -12.07 6.36 1.27
CA LYS A 140 -12.10 7.38 0.23
C LYS A 140 -10.84 7.33 -0.62
N LEU A 141 -10.97 7.69 -1.89
CA LEU A 141 -9.84 7.68 -2.81
C LEU A 141 -9.76 8.99 -3.58
N ASN A 142 -8.62 9.67 -3.48
CA ASN A 142 -8.42 10.93 -4.17
C ASN A 142 -9.43 11.97 -3.70
N GLY A 143 -9.99 11.76 -2.52
CA GLY A 143 -10.98 12.69 -1.98
C GLY A 143 -12.38 12.35 -2.42
N ASN A 144 -12.60 11.10 -2.79
CA ASN A 144 -13.92 10.65 -3.23
C ASN A 144 -14.18 9.21 -2.80
N ARG A 145 -15.29 8.99 -2.11
CA ARG A 145 -15.65 7.66 -1.63
C ARG A 145 -15.81 6.70 -2.81
N ILE A 146 -15.24 5.50 -2.66
CA ILE A 146 -15.32 4.49 -3.71
C ILE A 146 -15.51 3.10 -3.11
N GLU A 147 -15.68 2.10 -3.98
CA GLU A 147 -15.86 0.72 -3.53
C GLU A 147 -14.68 0.26 -2.69
N LYS A 148 -14.69 -1.00 -2.29
CA LYS A 148 -13.62 -1.56 -1.48
C LYS A 148 -13.03 -2.80 -2.14
N ARG A 149 -11.97 -3.34 -1.54
CA ARG A 149 -11.32 -4.53 -2.08
C ARG A 149 -10.95 -4.33 -3.55
N ARG A 150 -10.37 -3.16 -3.86
CA ARG A 150 -9.98 -2.85 -5.23
C ARG A 150 -8.70 -2.03 -5.25
N PRO A 151 -8.01 -2.04 -6.39
CA PRO A 151 -6.75 -1.29 -6.57
C PRO A 151 -6.98 0.22 -6.61
N LEU A 152 -6.68 0.88 -5.51
CA LEU A 152 -6.85 2.33 -5.41
C LEU A 152 -5.50 3.04 -5.36
N PRO A 153 -4.91 3.27 -6.55
CA PRO A 153 -3.61 3.94 -6.67
C PRO A 153 -3.69 5.41 -6.31
N ALA A 154 -2.77 5.86 -5.45
CA ALA A 154 -2.73 7.24 -5.02
C ALA A 154 -1.41 7.91 -5.41
N PRO A 155 -1.31 8.31 -6.69
CA PRO A 155 -0.10 8.96 -7.21
C PRO A 155 0.10 10.36 -6.64
N VAL A 156 1.17 11.02 -7.08
CA VAL A 156 1.47 12.38 -6.62
C VAL A 156 0.38 13.36 -7.05
N GLY A 157 0.11 14.34 -6.20
CA GLY A 157 -0.91 15.33 -6.51
C GLY A 157 -2.29 14.88 -6.09
N SER A 158 -2.43 13.62 -5.73
CA SER A 158 -3.71 13.07 -5.31
C SER A 158 -3.84 13.09 -3.79
N SER A 159 -4.97 12.58 -3.30
CA SER A 159 -5.22 12.55 -1.86
C SER A 159 -5.74 11.17 -1.44
N ILE A 160 -5.73 10.92 -0.14
CA ILE A 160 -6.19 9.64 0.40
C ILE A 160 -6.91 9.84 1.73
N GLN A 161 -7.86 8.95 2.02
CA GLN A 161 -8.62 9.02 3.26
C GLN A 161 -9.10 7.63 3.69
N PHE A 162 -9.38 7.48 4.97
CA PHE A 162 -9.84 6.21 5.51
C PHE A 162 -10.69 6.43 6.77
N GLY A 163 -11.83 5.73 6.84
CA GLY A 163 -12.70 5.85 7.98
C GLY A 163 -13.25 7.25 8.14
N PHE A 164 -13.59 7.62 9.37
CA PHE A 164 -14.13 8.94 9.66
C PHE A 164 -13.06 9.85 10.24
N SER A 165 -11.80 9.47 10.07
CA SER A 165 -10.68 10.24 10.58
C SER A 165 -10.61 11.61 9.91
N SER A 166 -9.94 12.56 10.56
CA SER A 166 -9.80 13.90 10.02
C SER A 166 -8.53 14.03 9.20
N ARG A 167 -7.49 13.30 9.59
CA ARG A 167 -6.22 13.32 8.89
C ARG A 167 -6.42 13.04 7.40
N VAL A 168 -5.49 13.52 6.58
CA VAL A 168 -5.56 13.32 5.14
C VAL A 168 -4.16 13.16 4.54
N TYR A 169 -4.00 12.12 3.72
CA TYR A 169 -2.71 11.86 3.09
C TYR A 169 -2.70 12.40 1.66
N LYS A 170 -2.04 13.53 1.47
CA LYS A 170 -1.94 14.15 0.15
C LYS A 170 -0.56 13.94 -0.46
N VAL A 171 -0.49 13.12 -1.50
CA VAL A 171 0.78 12.84 -2.17
C VAL A 171 1.21 14.00 -3.06
N GLN A 172 2.51 14.12 -3.27
CA GLN A 172 3.05 15.20 -4.11
C GLN A 172 4.46 14.85 -4.58
N LEU A 173 4.78 15.29 -5.80
CA LEU A 173 6.10 15.03 -6.37
C LEU A 173 7.08 16.15 -6.01
N GLY A 174 8.30 15.75 -5.63
CA GLY A 174 9.31 16.72 -5.26
C GLY A 174 10.37 16.89 -6.34
N PRO A 175 11.25 17.88 -6.15
CA PRO A 175 12.34 18.17 -7.10
C PRO A 175 13.40 17.07 -7.10
N PRO A 176 14.29 17.13 -8.11
CA PRO A 176 15.37 16.16 -8.25
C PRO A 176 16.44 16.31 -7.17
N SER A 177 16.54 17.52 -6.63
CA SER A 177 17.53 17.81 -5.60
C SER A 177 16.94 17.55 -4.21
N SER A 178 16.95 16.28 -3.81
CA SER A 178 16.42 15.90 -2.50
C SER A 178 17.05 16.74 -1.39
N SER A 179 18.29 17.16 -1.60
CA SER A 179 19.00 17.96 -0.62
C SER A 179 18.39 19.36 -0.51
N GLY A 1 -57.65 41.27 27.91
CA GLY A 1 -56.72 42.37 27.85
C GLY A 1 -55.93 42.39 26.55
N PRO A 2 -55.21 43.50 26.32
CA PRO A 2 -54.40 43.67 25.10
C PRO A 2 -53.17 42.76 25.09
N MET A 3 -53.09 41.90 24.08
CA MET A 3 -51.97 40.98 23.95
C MET A 3 -51.50 40.89 22.50
N VAL A 4 -50.20 40.64 22.32
CA VAL A 4 -49.63 40.54 20.99
C VAL A 4 -49.49 39.08 20.55
N THR A 5 -49.82 38.80 19.30
CA THR A 5 -49.74 37.45 18.77
C THR A 5 -48.88 37.40 17.51
N SER A 6 -48.07 36.36 17.38
CA SER A 6 -47.20 36.20 16.22
C SER A 6 -47.71 35.09 15.30
N THR A 7 -47.20 35.06 14.08
CA THR A 7 -47.61 34.06 13.11
C THR A 7 -46.66 32.86 13.13
N GLY A 8 -45.46 33.07 13.67
CA GLY A 8 -44.48 32.00 13.75
C GLY A 8 -43.89 31.67 12.39
N LEU A 9 -43.98 32.61 11.46
CA LEU A 9 -43.46 32.41 10.12
C LEU A 9 -41.97 32.05 10.16
N LEU A 10 -41.65 30.86 9.68
CA LEU A 10 -40.26 30.39 9.67
C LEU A 10 -39.97 29.58 8.40
N SER A 11 -38.70 29.50 8.04
CA SER A 11 -38.28 28.77 6.85
C SER A 11 -36.83 28.34 6.95
N ARG A 12 -36.56 27.08 6.58
CA ARG A 12 -35.21 26.54 6.64
C ARG A 12 -34.92 25.70 5.40
N VAL A 13 -33.75 25.93 4.80
CA VAL A 13 -33.34 25.19 3.61
C VAL A 13 -32.00 24.50 3.81
N ALA A 14 -31.97 23.19 3.59
CA ALA A 14 -30.75 22.42 3.75
C ALA A 14 -30.79 21.15 2.92
N ALA A 15 -29.62 20.65 2.54
CA ALA A 15 -29.52 19.43 1.74
C ALA A 15 -28.62 18.40 2.42
N VAL A 16 -29.23 17.32 2.91
CA VAL A 16 -28.49 16.26 3.58
C VAL A 16 -28.65 14.93 2.86
N GLU A 17 -27.60 14.53 2.14
CA GLU A 17 -27.62 13.27 1.41
C GLU A 17 -26.39 12.42 1.74
N LYS A 18 -26.63 11.31 2.43
CA LYS A 18 -25.55 10.41 2.82
C LYS A 18 -25.84 8.99 2.36
N ALA A 19 -24.80 8.19 2.20
CA ALA A 19 -24.94 6.81 1.77
C ALA A 19 -23.85 5.92 2.36
N ALA A 20 -24.18 4.66 2.62
CA ALA A 20 -23.23 3.72 3.19
C ALA A 20 -23.71 2.29 3.02
N GLU A 21 -22.76 1.37 2.80
CA GLU A 21 -23.09 -0.03 2.62
C GLU A 21 -22.43 -0.89 3.70
N ILE A 22 -23.22 -1.29 4.70
CA ILE A 22 -22.72 -2.12 5.79
C ILE A 22 -22.64 -3.58 5.38
N ALA A 23 -21.44 -4.02 5.02
CA ALA A 23 -21.23 -5.40 4.61
C ALA A 23 -19.97 -5.97 5.27
N LYS A 24 -19.93 -7.30 5.37
CA LYS A 24 -18.78 -7.97 5.98
C LYS A 24 -18.29 -9.11 5.08
N PRO A 25 -17.40 -8.76 4.13
CA PRO A 25 -16.82 -9.74 3.19
C PRO A 25 -15.87 -10.71 3.88
N PRO A 26 -15.50 -11.79 3.16
CA PRO A 26 -14.59 -12.81 3.68
C PRO A 26 -13.16 -12.29 3.82
N PRO A 27 -12.31 -13.06 4.52
CA PRO A 27 -10.91 -12.71 4.74
C PRO A 27 -10.08 -12.79 3.46
N PRO A 28 -8.86 -12.24 3.51
CA PRO A 28 -7.95 -12.23 2.37
C PRO A 28 -7.42 -13.63 2.05
N LYS A 29 -6.44 -13.69 1.15
CA LYS A 29 -5.84 -14.96 0.75
C LYS A 29 -4.34 -14.96 1.05
N VAL A 30 -3.84 -16.12 1.48
CA VAL A 30 -2.42 -16.25 1.78
C VAL A 30 -1.63 -16.71 0.56
N VAL A 31 -0.31 -16.70 0.69
CA VAL A 31 0.57 -17.10 -0.42
C VAL A 31 1.80 -17.82 0.11
N GLU A 32 2.30 -18.79 -0.67
CA GLU A 32 3.48 -19.54 -0.28
C GLU A 32 4.73 -18.96 -0.93
N LEU A 33 5.89 -19.29 -0.36
CA LEU A 33 7.17 -18.80 -0.89
C LEU A 33 8.04 -19.95 -1.37
N THR A 34 9.18 -19.62 -1.95
CA THR A 34 10.11 -20.63 -2.45
C THR A 34 11.10 -21.04 -1.37
N GLU A 35 11.93 -22.03 -1.69
CA GLU A 35 12.93 -22.52 -0.75
C GLU A 35 14.05 -21.50 -0.56
N ALA A 36 14.48 -20.91 -1.67
CA ALA A 36 15.55 -19.92 -1.64
C ALA A 36 15.01 -18.53 -1.27
N ALA A 37 13.72 -18.34 -1.46
CA ALA A 37 13.07 -17.07 -1.14
C ALA A 37 13.34 -16.67 0.30
N LYS A 38 13.57 -17.66 1.16
CA LYS A 38 13.83 -17.40 2.58
C LYS A 38 15.33 -17.24 2.82
N GLN A 39 16.14 -17.76 1.89
CA GLN A 39 17.59 -17.66 2.01
C GLN A 39 18.07 -16.24 1.73
N LEU A 40 17.65 -15.69 0.61
CA LEU A 40 18.03 -14.32 0.23
C LEU A 40 16.84 -13.38 0.32
N PRO A 41 16.60 -12.84 1.52
CA PRO A 41 15.50 -11.91 1.77
C PRO A 41 15.72 -10.56 1.10
N GLN A 42 14.63 -9.85 0.82
CA GLN A 42 14.70 -8.55 0.18
C GLN A 42 15.35 -7.52 1.10
N HIS A 43 15.61 -6.33 0.57
CA HIS A 43 16.23 -5.26 1.36
C HIS A 43 15.30 -4.81 2.47
N ILE A 44 14.04 -4.57 2.14
CA ILE A 44 13.05 -4.13 3.11
C ILE A 44 12.72 -5.25 4.10
N ILE A 45 12.77 -6.48 3.62
CA ILE A 45 12.46 -7.64 4.46
C ILE A 45 13.66 -8.01 5.32
N GLY A 46 14.86 -7.67 4.85
CA GLY A 46 16.06 -7.98 5.60
C GLY A 46 16.14 -7.21 6.90
N VAL A 47 15.31 -6.18 7.03
CA VAL A 47 15.30 -5.35 8.22
C VAL A 47 14.05 -5.61 9.07
N THR A 48 12.99 -6.07 8.40
CA THR A 48 11.73 -6.35 9.08
C THR A 48 11.92 -7.41 10.17
N ASP A 49 11.07 -7.37 11.18
CA ASP A 49 11.14 -8.32 12.28
C ASP A 49 10.45 -9.63 11.92
N PRO A 50 10.80 -10.70 12.65
CA PRO A 50 10.23 -12.03 12.42
C PRO A 50 8.76 -12.10 12.83
N THR A 51 8.42 -11.44 13.94
CA THR A 51 7.06 -11.44 14.45
C THR A 51 6.26 -10.27 13.87
N LYS A 52 6.98 -9.32 13.28
CA LYS A 52 6.34 -8.15 12.68
C LYS A 52 5.81 -8.46 11.29
N LEU A 53 6.72 -8.88 10.40
CA LEU A 53 6.34 -9.22 9.03
C LEU A 53 5.39 -10.41 9.00
N ASN A 54 5.31 -11.13 10.12
CA ASN A 54 4.45 -12.29 10.22
C ASN A 54 3.01 -11.86 10.53
N ALA A 55 2.86 -10.99 11.53
CA ALA A 55 1.55 -10.50 11.92
C ALA A 55 0.82 -9.86 10.74
N GLN A 56 1.60 -9.39 9.77
CA GLN A 56 1.02 -8.75 8.58
C GLN A 56 0.80 -9.77 7.47
N VAL A 57 1.45 -10.93 7.59
CA VAL A 57 1.30 -11.98 6.59
C VAL A 57 -0.12 -12.52 6.55
N SER A 58 -0.90 -12.21 7.59
CA SER A 58 -2.28 -12.66 7.66
C SER A 58 -3.22 -11.65 7.01
N TYR A 59 -2.65 -10.54 6.55
CA TYR A 59 -3.45 -9.49 5.91
C TYR A 59 -2.87 -9.14 4.54
N PHE A 60 -1.60 -8.74 4.52
CA PHE A 60 -0.94 -8.37 3.28
C PHE A 60 0.49 -8.90 3.26
N GLN A 61 0.94 -9.34 2.08
CA GLN A 61 2.29 -9.87 1.92
C GLN A 61 3.11 -8.97 1.01
N CYS A 62 4.20 -8.42 1.55
CA CYS A 62 5.07 -7.54 0.79
C CYS A 62 5.47 -8.19 -0.53
N PRO A 63 4.92 -7.65 -1.64
CA PRO A 63 5.20 -8.16 -2.98
C PRO A 63 6.62 -7.86 -3.43
N PRO A 64 7.04 -8.49 -4.55
CA PRO A 64 8.39 -8.30 -5.10
C PRO A 64 8.58 -6.90 -5.68
N TRP A 65 7.55 -6.39 -6.32
CA TRP A 65 7.61 -5.06 -6.93
C TRP A 65 7.53 -3.98 -5.86
N ALA A 66 7.30 -4.39 -4.62
CA ALA A 66 7.20 -3.44 -3.51
C ALA A 66 8.58 -2.91 -3.13
N ALA A 67 8.62 -1.65 -2.68
CA ALA A 67 9.87 -1.03 -2.26
C ALA A 67 10.81 -0.86 -3.46
N LEU A 68 10.28 -0.32 -4.55
CA LEU A 68 11.07 -0.12 -5.76
C LEU A 68 10.62 1.15 -6.50
N PRO A 69 10.83 2.30 -5.87
CA PRO A 69 10.45 3.60 -6.45
C PRO A 69 11.32 3.97 -7.65
N SER A 70 10.75 4.74 -8.56
CA SER A 70 11.47 5.17 -9.76
C SER A 70 11.48 6.69 -9.88
N VAL A 71 10.78 7.36 -8.95
CA VAL A 71 10.71 8.80 -8.95
C VAL A 71 10.71 9.36 -7.53
N ALA A 72 11.30 10.54 -7.35
CA ALA A 72 11.36 11.17 -6.04
C ALA A 72 10.05 11.88 -5.71
N CYS A 73 9.48 11.55 -4.55
CA CYS A 73 8.23 12.14 -4.12
C CYS A 73 8.15 12.20 -2.59
N HIS A 74 7.07 12.80 -2.08
CA HIS A 74 6.88 12.92 -0.64
C HIS A 74 5.41 12.78 -0.28
N LEU A 75 5.13 12.61 1.01
CA LEU A 75 3.76 12.47 1.49
C LEU A 75 3.42 13.55 2.51
N GLN A 76 2.24 14.14 2.38
CA GLN A 76 1.80 15.19 3.28
C GLN A 76 0.64 14.71 4.15
N CYS A 77 0.70 15.00 5.44
CA CYS A 77 -0.34 14.59 6.37
C CYS A 77 -0.88 15.80 7.14
N THR A 78 -2.21 15.87 7.25
CA THR A 78 -2.85 16.97 7.94
C THR A 78 -3.25 16.56 9.36
N ARG A 79 -3.38 17.54 10.24
CA ARG A 79 -3.76 17.27 11.63
C ARG A 79 -4.36 18.53 12.27
N ASP A 80 -5.64 18.45 12.62
CA ASP A 80 -6.33 19.56 13.25
C ASP A 80 -6.19 20.82 12.40
N GLY A 81 -6.23 20.66 11.08
CA GLY A 81 -6.11 21.79 10.19
C GLY A 81 -4.70 22.34 10.13
N LEU A 82 -3.73 21.53 10.55
CA LEU A 82 -2.34 21.94 10.55
C LEU A 82 -1.54 21.16 9.50
N PRO A 83 -1.16 21.85 8.43
CA PRO A 83 -0.39 21.24 7.33
C PRO A 83 1.04 20.91 7.75
N LEU A 84 1.24 19.68 8.23
CA LEU A 84 2.55 19.23 8.66
C LEU A 84 3.51 19.12 7.48
N PRO A 85 4.81 19.14 7.78
CA PRO A 85 5.86 19.05 6.75
C PRO A 85 5.92 17.65 6.12
N ALA A 86 5.67 17.59 4.81
CA ALA A 86 5.71 16.33 4.09
C ALA A 86 7.11 15.77 4.03
N LEU A 87 7.23 14.45 4.03
CA LEU A 87 8.52 13.78 3.98
C LEU A 87 8.42 12.45 3.24
N GLY A 88 9.47 12.12 2.48
CA GLY A 88 9.49 10.88 1.73
C GLY A 88 9.35 9.66 2.63
N LEU A 89 8.14 9.09 2.68
CA LEU A 89 7.88 7.92 3.50
C LEU A 89 8.47 6.66 2.86
N HIS A 90 9.79 6.56 2.86
CA HIS A 90 10.46 5.41 2.28
C HIS A 90 11.15 4.58 3.37
N ARG A 91 10.92 4.96 4.62
CA ARG A 91 11.51 4.24 5.74
C ARG A 91 10.90 2.86 5.90
N PHE A 92 9.74 2.65 5.29
CA PHE A 92 9.05 1.37 5.36
C PHE A 92 8.47 0.99 4.00
N PRO A 93 8.26 -0.31 3.79
CA PRO A 93 7.72 -0.84 2.53
C PRO A 93 6.25 -0.48 2.35
N PHE A 94 5.55 -0.26 3.46
CA PHE A 94 4.13 0.09 3.42
C PHE A 94 3.67 0.65 4.77
N TYR A 95 2.44 1.15 4.81
CA TYR A 95 1.89 1.70 6.04
C TYR A 95 0.43 1.29 6.21
N LEU A 96 0.18 0.46 7.22
CA LEU A 96 -1.17 -0.03 7.50
C LEU A 96 -1.87 0.88 8.50
N PHE A 97 -3.16 1.13 8.27
CA PHE A 97 -3.94 1.98 9.15
C PHE A 97 -5.15 1.23 9.70
N GLY A 98 -5.22 1.09 11.02
CA GLY A 98 -6.33 0.39 11.64
C GLY A 98 -6.34 0.55 13.14
N ARG A 99 -7.01 -0.37 13.83
CA ARG A 99 -7.09 -0.33 15.29
C ARG A 99 -6.30 -1.47 15.92
N SER A 100 -5.89 -2.42 15.10
CA SER A 100 -5.12 -3.57 15.58
C SER A 100 -3.68 -3.18 15.88
N LYS A 101 -2.96 -4.06 16.55
CA LYS A 101 -1.57 -3.81 16.91
C LYS A 101 -0.65 -4.07 15.72
N VAL A 102 -1.17 -4.79 14.72
CA VAL A 102 -0.40 -5.11 13.52
C VAL A 102 -0.30 -3.90 12.59
N CYS A 103 -1.25 -2.99 12.71
CA CYS A 103 -1.27 -1.79 11.89
C CYS A 103 -0.04 -0.92 12.15
N ASP A 104 0.32 -0.10 11.17
CA ASP A 104 1.49 0.77 11.29
C ASP A 104 1.09 2.10 11.91
N TYR A 105 -0.19 2.26 12.22
CA TYR A 105 -0.70 3.50 12.81
C TYR A 105 -1.95 3.23 13.63
N VAL A 106 -1.81 3.27 14.95
CA VAL A 106 -2.94 3.05 15.85
C VAL A 106 -3.72 4.34 16.09
N LEU A 107 -4.92 4.41 15.52
CA LEU A 107 -5.76 5.59 15.68
C LEU A 107 -6.97 5.27 16.56
N GLU A 108 -7.85 6.26 16.71
CA GLU A 108 -9.06 6.09 17.53
C GLU A 108 -10.29 6.57 16.78
N HIS A 109 -11.11 5.63 16.32
CA HIS A 109 -12.32 5.96 15.59
C HIS A 109 -13.25 4.76 15.50
N PRO A 110 -14.57 5.01 15.54
CA PRO A 110 -15.58 3.96 15.47
C PRO A 110 -15.66 3.32 14.08
N SER A 111 -15.09 4.00 13.09
CA SER A 111 -15.09 3.49 11.73
C SER A 111 -13.79 2.76 11.42
N ILE A 112 -12.73 3.14 12.11
CA ILE A 112 -11.42 2.52 11.90
C ILE A 112 -11.38 1.12 12.52
N SER A 113 -11.33 0.10 11.66
CA SER A 113 -11.29 -1.28 12.12
C SER A 113 -9.84 -1.77 12.24
N SER A 114 -9.67 -2.94 12.82
CA SER A 114 -8.35 -3.53 13.01
C SER A 114 -7.46 -3.26 11.79
N VAL A 115 -8.04 -3.47 10.61
CA VAL A 115 -7.30 -3.26 9.36
C VAL A 115 -8.17 -2.58 8.32
N HIS A 116 -8.28 -1.25 8.42
CA HIS A 116 -9.08 -0.48 7.49
C HIS A 116 -8.50 -0.54 6.08
N ALA A 117 -7.18 -0.35 5.97
CA ALA A 117 -6.51 -0.40 4.69
C ALA A 117 -5.00 -0.26 4.86
N VAL A 118 -4.27 -0.47 3.76
CA VAL A 118 -2.82 -0.37 3.78
C VAL A 118 -2.27 0.04 2.43
N LEU A 119 -1.33 0.99 2.42
CA LEU A 119 -0.73 1.47 1.19
C LEU A 119 0.70 0.97 1.05
N VAL A 120 1.07 0.56 -0.16
CA VAL A 120 2.41 0.05 -0.42
C VAL A 120 3.02 0.74 -1.64
N PHE A 121 4.30 1.09 -1.53
CA PHE A 121 5.01 1.75 -2.62
C PHE A 121 5.07 0.85 -3.85
N HIS A 122 4.16 1.09 -4.79
CA HIS A 122 4.10 0.30 -6.02
C HIS A 122 5.27 0.66 -6.94
N GLY A 123 6.26 -0.22 -7.01
CA GLY A 123 7.41 0.02 -7.84
C GLY A 123 7.10 -0.17 -9.32
N GLY A 124 5.89 -0.61 -9.61
CA GLY A 124 5.49 -0.84 -10.99
C GLY A 124 4.90 0.41 -11.63
N GLN A 125 4.09 1.13 -10.87
CA GLN A 125 3.46 2.35 -11.36
C GLN A 125 3.98 3.58 -10.63
N ARG A 126 4.97 3.36 -9.76
CA ARG A 126 5.56 4.45 -8.98
C ARG A 126 4.47 5.25 -8.27
N CYS A 127 3.69 4.57 -7.44
CA CYS A 127 2.61 5.22 -6.70
C CYS A 127 2.06 4.29 -5.62
N PHE A 128 1.81 4.84 -4.44
CA PHE A 128 1.28 4.06 -3.33
C PHE A 128 -0.12 3.54 -3.64
N VAL A 129 -0.32 2.24 -3.41
CA VAL A 129 -1.61 1.61 -3.67
C VAL A 129 -2.28 1.18 -2.37
N LEU A 130 -3.37 1.85 -2.02
CA LEU A 130 -4.12 1.53 -0.81
C LEU A 130 -5.34 0.69 -1.12
N MET A 131 -5.45 -0.45 -0.44
CA MET A 131 -6.58 -1.35 -0.65
C MET A 131 -7.40 -1.49 0.63
N ASP A 132 -8.71 -1.36 0.50
CA ASP A 132 -9.61 -1.49 1.65
C ASP A 132 -9.94 -2.94 1.93
N LEU A 133 -9.84 -3.34 3.20
CA LEU A 133 -10.12 -4.71 3.61
C LEU A 133 -11.63 -4.97 3.59
N GLY A 134 -12.42 -3.91 3.53
CA GLY A 134 -13.86 -4.05 3.50
C GLY A 134 -14.51 -3.53 4.77
N SER A 135 -14.06 -2.38 5.25
CA SER A 135 -14.61 -1.79 6.47
C SER A 135 -16.12 -1.69 6.40
N THR A 136 -16.75 -1.40 7.53
CA THR A 136 -18.20 -1.28 7.60
C THR A 136 -18.66 0.10 7.15
N ASN A 137 -17.75 1.07 7.21
CA ASN A 137 -18.07 2.43 6.80
C ASN A 137 -17.73 2.66 5.33
N GLY A 138 -16.44 2.79 5.04
CA GLY A 138 -16.01 3.02 3.67
C GLY A 138 -14.75 3.87 3.59
N VAL A 139 -13.87 3.54 2.65
CA VAL A 139 -12.63 4.28 2.47
C VAL A 139 -12.73 5.24 1.28
N LYS A 140 -12.12 6.41 1.42
CA LYS A 140 -12.14 7.40 0.36
C LYS A 140 -10.81 7.41 -0.40
N LEU A 141 -10.88 7.72 -1.69
CA LEU A 141 -9.68 7.77 -2.53
C LEU A 141 -9.69 9.00 -3.42
N ASN A 142 -8.55 9.67 -3.51
CA ASN A 142 -8.41 10.87 -4.33
C ASN A 142 -9.44 11.92 -3.92
N GLY A 143 -9.93 11.82 -2.69
CA GLY A 143 -10.92 12.76 -2.20
C GLY A 143 -12.32 12.40 -2.61
N ASN A 144 -12.54 11.13 -2.93
CA ASN A 144 -13.85 10.65 -3.34
C ASN A 144 -14.09 9.22 -2.86
N ARG A 145 -15.25 8.98 -2.28
CA ARG A 145 -15.61 7.65 -1.78
C ARG A 145 -15.69 6.65 -2.92
N ILE A 146 -15.11 5.47 -2.72
CA ILE A 146 -15.13 4.42 -3.74
C ILE A 146 -15.34 3.05 -3.11
N GLU A 147 -15.42 2.03 -3.94
CA GLU A 147 -15.62 0.66 -3.47
C GLU A 147 -14.48 0.24 -2.54
N LYS A 148 -14.47 -1.04 -2.17
CA LYS A 148 -13.45 -1.58 -1.29
C LYS A 148 -12.88 -2.89 -1.85
N ARG A 149 -11.83 -3.39 -1.20
CA ARG A 149 -11.21 -4.64 -1.63
C ARG A 149 -10.72 -4.53 -3.07
N ARG A 150 -10.15 -3.39 -3.42
CA ARG A 150 -9.64 -3.18 -4.77
C ARG A 150 -8.41 -2.27 -4.74
N PRO A 151 -7.60 -2.33 -5.81
CA PRO A 151 -6.39 -1.53 -5.94
C PRO A 151 -6.69 -0.05 -6.15
N LEU A 152 -6.45 0.74 -5.11
CA LEU A 152 -6.70 2.19 -5.18
C LEU A 152 -5.39 2.97 -5.14
N PRO A 153 -4.76 3.12 -6.31
CA PRO A 153 -3.49 3.84 -6.44
C PRO A 153 -3.65 5.34 -6.22
N ALA A 154 -2.74 5.94 -5.46
CA ALA A 154 -2.80 7.36 -5.18
C ALA A 154 -1.43 8.01 -5.39
N PRO A 155 -1.10 8.29 -6.67
CA PRO A 155 0.18 8.91 -7.03
C PRO A 155 0.27 10.36 -6.59
N VAL A 156 1.39 11.01 -6.91
CA VAL A 156 1.59 12.40 -6.55
C VAL A 156 0.43 13.27 -7.04
N GLY A 157 0.07 14.27 -6.24
CA GLY A 157 -1.02 15.16 -6.61
C GLY A 157 -2.38 14.63 -6.19
N SER A 158 -2.41 13.37 -5.77
CA SER A 158 -3.66 12.74 -5.34
C SER A 158 -3.81 12.81 -3.83
N SER A 159 -4.95 12.37 -3.34
CA SER A 159 -5.23 12.39 -1.91
C SER A 159 -5.74 11.02 -1.44
N ILE A 160 -5.71 10.80 -0.13
CA ILE A 160 -6.18 9.55 0.45
C ILE A 160 -6.90 9.78 1.76
N GLN A 161 -7.93 8.98 2.03
CA GLN A 161 -8.71 9.09 3.25
C GLN A 161 -9.30 7.74 3.65
N PHE A 162 -9.46 7.53 4.95
CA PHE A 162 -10.02 6.29 5.47
C PHE A 162 -10.80 6.53 6.76
N GLY A 163 -11.92 5.84 6.90
CA GLY A 163 -12.73 5.99 8.09
C GLY A 163 -13.30 7.39 8.22
N PHE A 164 -13.43 7.85 9.46
CA PHE A 164 -13.97 9.19 9.72
C PHE A 164 -12.90 10.11 10.30
N SER A 165 -11.65 9.68 10.20
CA SER A 165 -10.53 10.45 10.73
C SER A 165 -10.44 11.81 10.03
N SER A 166 -9.74 12.75 10.66
CA SER A 166 -9.58 14.09 10.11
C SER A 166 -8.31 14.17 9.25
N ARG A 167 -7.29 13.41 9.64
CA ARG A 167 -6.03 13.40 8.91
C ARG A 167 -6.26 13.04 7.44
N VAL A 168 -5.36 13.52 6.58
CA VAL A 168 -5.46 13.25 5.15
C VAL A 168 -4.07 13.11 4.52
N TYR A 169 -3.91 12.05 3.73
CA TYR A 169 -2.62 11.80 3.07
C TYR A 169 -2.62 12.37 1.66
N LYS A 170 -1.95 13.49 1.49
CA LYS A 170 -1.86 14.14 0.18
C LYS A 170 -0.48 13.94 -0.44
N VAL A 171 -0.43 13.14 -1.50
CA VAL A 171 0.84 12.87 -2.18
C VAL A 171 1.22 14.02 -3.09
N GLN A 172 2.52 14.17 -3.33
CA GLN A 172 3.03 15.24 -4.18
C GLN A 172 4.44 14.92 -4.67
N LEU A 173 4.78 15.44 -5.85
CA LEU A 173 6.10 15.21 -6.42
C LEU A 173 7.08 16.29 -5.99
N GLY A 174 8.30 15.89 -5.68
CA GLY A 174 9.31 16.84 -5.26
C GLY A 174 10.14 17.37 -6.42
N PRO A 175 11.00 18.36 -6.14
CA PRO A 175 11.87 18.97 -7.14
C PRO A 175 12.95 18.02 -7.63
N PRO A 176 13.63 18.40 -8.73
CA PRO A 176 14.71 17.60 -9.32
C PRO A 176 15.95 17.58 -8.45
N SER A 177 16.32 16.39 -7.98
CA SER A 177 17.50 16.23 -7.13
C SER A 177 18.72 16.88 -7.77
N SER A 178 19.70 17.24 -6.94
CA SER A 178 20.92 17.87 -7.42
C SER A 178 21.57 17.04 -8.53
N SER A 179 21.64 15.72 -8.30
CA SER A 179 22.25 14.82 -9.27
C SER A 179 21.73 13.40 -9.07
#